data_7KKC
# 
_entry.id   7KKC 
# 
_audit_conform.dict_name       mmcif_pdbx.dic 
_audit_conform.dict_version    5.380 
_audit_conform.dict_location   http://mmcif.pdb.org/dictionaries/ascii/mmcif_pdbx.dic 
# 
loop_
_database_2.database_id 
_database_2.database_code 
_database_2.pdbx_database_accession 
_database_2.pdbx_DOI 
PDB   7KKC         pdb_00007kkc 10.2210/pdb7kkc/pdb 
WWPDB D_1000252616 ?            ?                   
# 
_pdbx_database_status.status_code                     REL 
_pdbx_database_status.status_code_sf                  REL 
_pdbx_database_status.status_code_mr                  ? 
_pdbx_database_status.entry_id                        7KKC 
_pdbx_database_status.recvd_initial_deposition_date   2020-10-27 
_pdbx_database_status.SG_entry                        N 
_pdbx_database_status.deposit_site                    RCSB 
_pdbx_database_status.process_site                    RCSB 
_pdbx_database_status.status_code_cs                  ? 
_pdbx_database_status.status_code_nmr_data            ? 
_pdbx_database_status.methods_development_category    ? 
_pdbx_database_status.pdb_format_compatible           Y 
# 
loop_
_audit_author.name 
_audit_author.pdbx_ordinal 
_audit_author.identifier_ORCID 
'Walton, W.G.'  1 0000-0001-6745-534X 
'Redinbo, M.R.' 2 0000-0003-0814-5346 
'Dangl, J.L.'   3 0000-0003-3199-8654 
# 
_citation.abstract                  ? 
_citation.abstract_id_CAS           ? 
_citation.book_id_ISBN              ? 
_citation.book_publisher            ? 
_citation.book_publisher_city       ? 
_citation.book_title                ? 
_citation.coordinate_linkage        ? 
_citation.country                   UK 
_citation.database_id_Medline       ? 
_citation.details                   ? 
_citation.id                        primary 
_citation.journal_abbrev            'Nat Microbiol' 
_citation.journal_id_ASTM           ? 
_citation.journal_id_CSD            ? 
_citation.journal_id_ISSN           2058-5276 
_citation.journal_full              ? 
_citation.journal_issue             ? 
_citation.journal_volume            7 
_citation.language                  ? 
_citation.page_first                1817 
_citation.page_last                 1833 
_citation.title                     'Diverse MarR bacterial regulators of auxin catabolism in the plant microbiome.' 
_citation.year                      2022 
_citation.database_id_CSD           ? 
_citation.pdbx_database_id_DOI      10.1038/s41564-022-01244-3 
_citation.pdbx_database_id_PubMed   36266335 
_citation.unpublished_flag          ? 
# 
loop_
_citation_author.citation_id 
_citation_author.name 
_citation_author.ordinal 
_citation_author.identifier_ORCID 
primary 'Conway, J.M.'       1  0000-0002-2715-2149 
primary 'Walton, W.G.'       2  ?                   
primary 'Salas-Gonzalez, I.' 3  0000-0002-0347-5058 
primary 'Law, T.F.'          4  ?                   
primary 'Lindberg, C.A.'     5  ?                   
primary 'Crook, L.E.'        6  ?                   
primary 'Kosina, S.M.'       7  0000-0003-2885-1248 
primary 'Fitzpatrick, C.R.'  8  ?                   
primary 'Lietzan, A.D.'      9  0000-0001-6388-2491 
primary 'Northen, T.R.'      10 0000-0001-8404-3259 
primary 'Jones, C.D.'        11 ?                   
primary 'Finkel, O.M.'       12 0000-0003-4770-0402 
primary 'Redinbo, M.R.'      13 0000-0003-0814-5346 
primary 'Dangl, J.L.'        14 0000-0003-3199-8654 
# 
_cell.angle_alpha                  90.000 
_cell.angle_alpha_esd              ? 
_cell.angle_beta                   90.000 
_cell.angle_beta_esd               ? 
_cell.angle_gamma                  90.000 
_cell.angle_gamma_esd              ? 
_cell.entry_id                     7KKC 
_cell.details                      ? 
_cell.formula_units_Z              ? 
_cell.length_a                     54.250 
_cell.length_a_esd                 ? 
_cell.length_b                     114.138 
_cell.length_b_esd                 ? 
_cell.length_c                     114.424 
_cell.length_c_esd                 ? 
_cell.volume                       708511.863 
_cell.volume_esd                   ? 
_cell.Z_PDB                        16 
_cell.reciprocal_angle_alpha       ? 
_cell.reciprocal_angle_beta        ? 
_cell.reciprocal_angle_gamma       ? 
_cell.reciprocal_angle_alpha_esd   ? 
_cell.reciprocal_angle_beta_esd    ? 
_cell.reciprocal_angle_gamma_esd   ? 
_cell.reciprocal_length_a          ? 
_cell.reciprocal_length_b          ? 
_cell.reciprocal_length_c          ? 
_cell.reciprocal_length_a_esd      ? 
_cell.reciprocal_length_b_esd      ? 
_cell.reciprocal_length_c_esd      ? 
_cell.pdbx_unique_axis             ? 
# 
_symmetry.entry_id                         7KKC 
_symmetry.cell_setting                     ? 
_symmetry.Int_Tables_number                22 
_symmetry.space_group_name_Hall            'F 2 2' 
_symmetry.space_group_name_H-M             'F 2 2 2' 
_symmetry.pdbx_full_space_group_name_H-M   ? 
# 
loop_
_entity.id 
_entity.type 
_entity.src_method 
_entity.pdbx_description 
_entity.formula_weight 
_entity.pdbx_number_of_molecules 
_entity.pdbx_ec 
_entity.pdbx_mutation 
_entity.pdbx_fragment 
_entity.details 
1 polymer     man 'Transcriptional regulator, MarR family' 20969.717 1   ? ? ? ? 
2 non-polymer syn '(5-hydroxy-1H-indol-3-yl)acetic acid'   191.183   1   ? ? ? ? 
3 non-polymer syn 'SULFATE ION'                            96.063    3   ? ? ? ? 
4 water       nat water                                    18.015    110 ? ? ? ? 
# 
_entity_poly.entity_id                      1 
_entity_poly.type                           'polypeptide(L)' 
_entity_poly.nstd_linkage                   no 
_entity_poly.nstd_monomer                   no 
_entity_poly.pdbx_seq_one_letter_code       
;MHHHHHHSSGVDLGTENLYFQSNAMAEQPPETHRFVDDYLPALLAQASQLISSEFHEVARQHGFSVSEWRVMASLAGSEP
ISIGQLAQVTVTKQPTVTRLLDRMEARGQVERLPHESDRRITLVRITRKGLKAVEHLMELAREHERRVLEPFGLRRAEEL
KQTLRQMIDLHVHVPVEEPEED
;
_entity_poly.pdbx_seq_one_letter_code_can   
;MHHHHHHSSGVDLGTENLYFQSNAMAEQPPETHRFVDDYLPALLAQASQLISSEFHEVARQHGFSVSEWRVMASLAGSEP
ISIGQLAQVTVTKQPTVTRLLDRMEARGQVERLPHESDRRITLVRITRKGLKAVEHLMELAREHERRVLEPFGLRRAEEL
KQTLRQMIDLHVHVPVEEPEED
;
_entity_poly.pdbx_strand_id                 A 
_entity_poly.pdbx_target_identifier         ? 
# 
loop_
_entity_poly_seq.entity_id 
_entity_poly_seq.num 
_entity_poly_seq.mon_id 
_entity_poly_seq.hetero 
1 1   MET n 
1 2   HIS n 
1 3   HIS n 
1 4   HIS n 
1 5   HIS n 
1 6   HIS n 
1 7   HIS n 
1 8   SER n 
1 9   SER n 
1 10  GLY n 
1 11  VAL n 
1 12  ASP n 
1 13  LEU n 
1 14  GLY n 
1 15  THR n 
1 16  GLU n 
1 17  ASN n 
1 18  LEU n 
1 19  TYR n 
1 20  PHE n 
1 21  GLN n 
1 22  SER n 
1 23  ASN n 
1 24  ALA n 
1 25  MET n 
1 26  ALA n 
1 27  GLU n 
1 28  GLN n 
1 29  PRO n 
1 30  PRO n 
1 31  GLU n 
1 32  THR n 
1 33  HIS n 
1 34  ARG n 
1 35  PHE n 
1 36  VAL n 
1 37  ASP n 
1 38  ASP n 
1 39  TYR n 
1 40  LEU n 
1 41  PRO n 
1 42  ALA n 
1 43  LEU n 
1 44  LEU n 
1 45  ALA n 
1 46  GLN n 
1 47  ALA n 
1 48  SER n 
1 49  GLN n 
1 50  LEU n 
1 51  ILE n 
1 52  SER n 
1 53  SER n 
1 54  GLU n 
1 55  PHE n 
1 56  HIS n 
1 57  GLU n 
1 58  VAL n 
1 59  ALA n 
1 60  ARG n 
1 61  GLN n 
1 62  HIS n 
1 63  GLY n 
1 64  PHE n 
1 65  SER n 
1 66  VAL n 
1 67  SER n 
1 68  GLU n 
1 69  TRP n 
1 70  ARG n 
1 71  VAL n 
1 72  MET n 
1 73  ALA n 
1 74  SER n 
1 75  LEU n 
1 76  ALA n 
1 77  GLY n 
1 78  SER n 
1 79  GLU n 
1 80  PRO n 
1 81  ILE n 
1 82  SER n 
1 83  ILE n 
1 84  GLY n 
1 85  GLN n 
1 86  LEU n 
1 87  ALA n 
1 88  GLN n 
1 89  VAL n 
1 90  THR n 
1 91  VAL n 
1 92  THR n 
1 93  LYS n 
1 94  GLN n 
1 95  PRO n 
1 96  THR n 
1 97  VAL n 
1 98  THR n 
1 99  ARG n 
1 100 LEU n 
1 101 LEU n 
1 102 ASP n 
1 103 ARG n 
1 104 MET n 
1 105 GLU n 
1 106 ALA n 
1 107 ARG n 
1 108 GLY n 
1 109 GLN n 
1 110 VAL n 
1 111 GLU n 
1 112 ARG n 
1 113 LEU n 
1 114 PRO n 
1 115 HIS n 
1 116 GLU n 
1 117 SER n 
1 118 ASP n 
1 119 ARG n 
1 120 ARG n 
1 121 ILE n 
1 122 THR n 
1 123 LEU n 
1 124 VAL n 
1 125 ARG n 
1 126 ILE n 
1 127 THR n 
1 128 ARG n 
1 129 LYS n 
1 130 GLY n 
1 131 LEU n 
1 132 LYS n 
1 133 ALA n 
1 134 VAL n 
1 135 GLU n 
1 136 HIS n 
1 137 LEU n 
1 138 MET n 
1 139 GLU n 
1 140 LEU n 
1 141 ALA n 
1 142 ARG n 
1 143 GLU n 
1 144 HIS n 
1 145 GLU n 
1 146 ARG n 
1 147 ARG n 
1 148 VAL n 
1 149 LEU n 
1 150 GLU n 
1 151 PRO n 
1 152 PHE n 
1 153 GLY n 
1 154 LEU n 
1 155 ARG n 
1 156 ARG n 
1 157 ALA n 
1 158 GLU n 
1 159 GLU n 
1 160 LEU n 
1 161 LYS n 
1 162 GLN n 
1 163 THR n 
1 164 LEU n 
1 165 ARG n 
1 166 GLN n 
1 167 MET n 
1 168 ILE n 
1 169 ASP n 
1 170 LEU n 
1 171 HIS n 
1 172 VAL n 
1 173 HIS n 
1 174 VAL n 
1 175 PRO n 
1 176 VAL n 
1 177 GLU n 
1 178 GLU n 
1 179 PRO n 
1 180 GLU n 
1 181 GLU n 
1 182 ASP n 
# 
_entity_src_gen.entity_id                          1 
_entity_src_gen.pdbx_src_id                        1 
_entity_src_gen.pdbx_alt_source_flag               sample 
_entity_src_gen.pdbx_seq_type                      'Biological sequence' 
_entity_src_gen.pdbx_beg_seq_num                   1 
_entity_src_gen.pdbx_end_seq_num                   182 
_entity_src_gen.gene_src_common_name               ? 
_entity_src_gen.gene_src_genus                     ? 
_entity_src_gen.pdbx_gene_src_gene                 Vapar_1489 
_entity_src_gen.gene_src_species                   ? 
_entity_src_gen.gene_src_strain                    ? 
_entity_src_gen.gene_src_tissue                    ? 
_entity_src_gen.gene_src_tissue_fraction           ? 
_entity_src_gen.gene_src_details                   ? 
_entity_src_gen.pdbx_gene_src_fragment             ? 
_entity_src_gen.pdbx_gene_src_scientific_name      'Variovorax paradoxus' 
_entity_src_gen.pdbx_gene_src_ncbi_taxonomy_id     34073 
_entity_src_gen.pdbx_gene_src_variant              ? 
_entity_src_gen.pdbx_gene_src_cell_line            ? 
_entity_src_gen.pdbx_gene_src_atcc                 ? 
_entity_src_gen.pdbx_gene_src_organ                ? 
_entity_src_gen.pdbx_gene_src_organelle            ? 
_entity_src_gen.pdbx_gene_src_cell                 ? 
_entity_src_gen.pdbx_gene_src_cellular_location    ? 
_entity_src_gen.host_org_common_name               ? 
_entity_src_gen.pdbx_host_org_scientific_name      'Escherichia coli' 
_entity_src_gen.pdbx_host_org_ncbi_taxonomy_id     562 
_entity_src_gen.host_org_genus                     ? 
_entity_src_gen.pdbx_host_org_gene                 ? 
_entity_src_gen.pdbx_host_org_organ                ? 
_entity_src_gen.host_org_species                   ? 
_entity_src_gen.pdbx_host_org_tissue               ? 
_entity_src_gen.pdbx_host_org_tissue_fraction      ? 
_entity_src_gen.pdbx_host_org_strain               ? 
_entity_src_gen.pdbx_host_org_variant              ? 
_entity_src_gen.pdbx_host_org_cell_line            ? 
_entity_src_gen.pdbx_host_org_atcc                 ? 
_entity_src_gen.pdbx_host_org_culture_collection   ? 
_entity_src_gen.pdbx_host_org_cell                 ? 
_entity_src_gen.pdbx_host_org_organelle            ? 
_entity_src_gen.pdbx_host_org_cellular_location    ? 
_entity_src_gen.pdbx_host_org_vector_type          ? 
_entity_src_gen.pdbx_host_org_vector               ? 
_entity_src_gen.host_org_details                   ? 
_entity_src_gen.expression_system_id               ? 
_entity_src_gen.plasmid_name                       ? 
_entity_src_gen.plasmid_details                    ? 
_entity_src_gen.pdbx_description                   ? 
# 
_struct_ref.id                         1 
_struct_ref.db_name                    UNP 
_struct_ref.db_code                    C5CSP2_VARPS 
_struct_ref.pdbx_db_accession          C5CSP2 
_struct_ref.pdbx_db_isoform            ? 
_struct_ref.entity_id                  1 
_struct_ref.pdbx_seq_one_letter_code   
;MAEQPPETHRFVDDYLPALLAQASQLISSEFHEVARQHGFSVSEWRVMASLAGSEPISIGQLAQVTVTKQPTVTRLLDRM
EARGQVERLPHESDRRITLVRITRKGLKAVEHLMELAREHERRVLEPFGLRRAEELKQTLRQMIDLHVHVPVEEPEED
;
_struct_ref.pdbx_align_begin           1 
# 
_struct_ref_seq.align_id                      1 
_struct_ref_seq.ref_id                        1 
_struct_ref_seq.pdbx_PDB_id_code              7KKC 
_struct_ref_seq.pdbx_strand_id                A 
_struct_ref_seq.seq_align_beg                 25 
_struct_ref_seq.pdbx_seq_align_beg_ins_code   ? 
_struct_ref_seq.seq_align_end                 182 
_struct_ref_seq.pdbx_seq_align_end_ins_code   ? 
_struct_ref_seq.pdbx_db_accession             C5CSP2 
_struct_ref_seq.db_align_beg                  1 
_struct_ref_seq.pdbx_db_align_beg_ins_code    ? 
_struct_ref_seq.db_align_end                  158 
_struct_ref_seq.pdbx_db_align_end_ins_code    ? 
_struct_ref_seq.pdbx_auth_seq_align_beg       1 
_struct_ref_seq.pdbx_auth_seq_align_end       158 
# 
loop_
_struct_ref_seq_dif.align_id 
_struct_ref_seq_dif.pdbx_pdb_id_code 
_struct_ref_seq_dif.mon_id 
_struct_ref_seq_dif.pdbx_pdb_strand_id 
_struct_ref_seq_dif.seq_num 
_struct_ref_seq_dif.pdbx_pdb_ins_code 
_struct_ref_seq_dif.pdbx_seq_db_name 
_struct_ref_seq_dif.pdbx_seq_db_accession_code 
_struct_ref_seq_dif.db_mon_id 
_struct_ref_seq_dif.pdbx_seq_db_seq_num 
_struct_ref_seq_dif.details 
_struct_ref_seq_dif.pdbx_auth_seq_num 
_struct_ref_seq_dif.pdbx_ordinal 
1 7KKC MET A 1  ? UNP C5CSP2 ? ? 'initiating methionine' -23 1  
1 7KKC HIS A 2  ? UNP C5CSP2 ? ? 'expression tag'        -22 2  
1 7KKC HIS A 3  ? UNP C5CSP2 ? ? 'expression tag'        -21 3  
1 7KKC HIS A 4  ? UNP C5CSP2 ? ? 'expression tag'        -20 4  
1 7KKC HIS A 5  ? UNP C5CSP2 ? ? 'expression tag'        -19 5  
1 7KKC HIS A 6  ? UNP C5CSP2 ? ? 'expression tag'        -18 6  
1 7KKC HIS A 7  ? UNP C5CSP2 ? ? 'expression tag'        -17 7  
1 7KKC SER A 8  ? UNP C5CSP2 ? ? 'expression tag'        -16 8  
1 7KKC SER A 9  ? UNP C5CSP2 ? ? 'expression tag'        -15 9  
1 7KKC GLY A 10 ? UNP C5CSP2 ? ? 'expression tag'        -14 10 
1 7KKC VAL A 11 ? UNP C5CSP2 ? ? 'expression tag'        -13 11 
1 7KKC ASP A 12 ? UNP C5CSP2 ? ? 'expression tag'        -12 12 
1 7KKC LEU A 13 ? UNP C5CSP2 ? ? 'expression tag'        -11 13 
1 7KKC GLY A 14 ? UNP C5CSP2 ? ? 'expression tag'        -10 14 
1 7KKC THR A 15 ? UNP C5CSP2 ? ? 'expression tag'        -9  15 
1 7KKC GLU A 16 ? UNP C5CSP2 ? ? 'expression tag'        -8  16 
1 7KKC ASN A 17 ? UNP C5CSP2 ? ? 'expression tag'        -7  17 
1 7KKC LEU A 18 ? UNP C5CSP2 ? ? 'expression tag'        -6  18 
1 7KKC TYR A 19 ? UNP C5CSP2 ? ? 'expression tag'        -5  19 
1 7KKC PHE A 20 ? UNP C5CSP2 ? ? 'expression tag'        -4  20 
1 7KKC GLN A 21 ? UNP C5CSP2 ? ? 'expression tag'        -3  21 
1 7KKC SER A 22 ? UNP C5CSP2 ? ? 'expression tag'        -2  22 
1 7KKC ASN A 23 ? UNP C5CSP2 ? ? 'expression tag'        -1  23 
1 7KKC ALA A 24 ? UNP C5CSP2 ? ? 'expression tag'        0   24 
# 
loop_
_chem_comp.id 
_chem_comp.type 
_chem_comp.mon_nstd_flag 
_chem_comp.name 
_chem_comp.pdbx_synonyms 
_chem_comp.formula 
_chem_comp.formula_weight 
ALA 'L-peptide linking' y ALANINE                                ?                          'C3 H7 N O2'     89.093  
ARG 'L-peptide linking' y ARGININE                               ?                          'C6 H15 N4 O2 1' 175.209 
ASN 'L-peptide linking' y ASPARAGINE                             ?                          'C4 H8 N2 O3'    132.118 
ASP 'L-peptide linking' y 'ASPARTIC ACID'                        ?                          'C4 H7 N O4'     133.103 
GLN 'L-peptide linking' y GLUTAMINE                              ?                          'C5 H10 N2 O3'   146.144 
GLU 'L-peptide linking' y 'GLUTAMIC ACID'                        ?                          'C5 H9 N O4'     147.129 
GLY 'peptide linking'   y GLYCINE                                ?                          'C2 H5 N O2'     75.067  
HID non-polymer         . '(5-hydroxy-1H-indol-3-yl)acetic acid' '5-hydroxy-indole acetate' 'C10 H9 N O3'    191.183 
HIS 'L-peptide linking' y HISTIDINE                              ?                          'C6 H10 N3 O2 1' 156.162 
HOH non-polymer         . WATER                                  ?                          'H2 O'           18.015  
ILE 'L-peptide linking' y ISOLEUCINE                             ?                          'C6 H13 N O2'    131.173 
LEU 'L-peptide linking' y LEUCINE                                ?                          'C6 H13 N O2'    131.173 
LYS 'L-peptide linking' y LYSINE                                 ?                          'C6 H15 N2 O2 1' 147.195 
MET 'L-peptide linking' y METHIONINE                             ?                          'C5 H11 N O2 S'  149.211 
PHE 'L-peptide linking' y PHENYLALANINE                          ?                          'C9 H11 N O2'    165.189 
PRO 'L-peptide linking' y PROLINE                                ?                          'C5 H9 N O2'     115.130 
SER 'L-peptide linking' y SERINE                                 ?                          'C3 H7 N O3'     105.093 
SO4 non-polymer         . 'SULFATE ION'                          ?                          'O4 S -2'        96.063  
THR 'L-peptide linking' y THREONINE                              ?                          'C4 H9 N O3'     119.119 
TRP 'L-peptide linking' y TRYPTOPHAN                             ?                          'C11 H12 N2 O2'  204.225 
TYR 'L-peptide linking' y TYROSINE                               ?                          'C9 H11 N O3'    181.189 
VAL 'L-peptide linking' y VALINE                                 ?                          'C5 H11 N O2'    117.146 
# 
_exptl.absorpt_coefficient_mu     ? 
_exptl.absorpt_correction_T_max   ? 
_exptl.absorpt_correction_T_min   ? 
_exptl.absorpt_correction_type    ? 
_exptl.absorpt_process_details    ? 
_exptl.entry_id                   7KKC 
_exptl.crystals_number            1 
_exptl.details                    ? 
_exptl.method                     'X-RAY DIFFRACTION' 
_exptl.method_details             ? 
# 
_exptl_crystal.colour                      ? 
_exptl_crystal.density_diffrn              ? 
_exptl_crystal.density_Matthews            2.11 
_exptl_crystal.density_method              ? 
_exptl_crystal.density_percent_sol         41.75 
_exptl_crystal.description                 ? 
_exptl_crystal.F_000                       ? 
_exptl_crystal.id                          1 
_exptl_crystal.preparation                 ? 
_exptl_crystal.size_max                    ? 
_exptl_crystal.size_mid                    ? 
_exptl_crystal.size_min                    ? 
_exptl_crystal.size_rad                    ? 
_exptl_crystal.colour_lustre               ? 
_exptl_crystal.colour_modifier             ? 
_exptl_crystal.colour_primary              ? 
_exptl_crystal.density_meas                ? 
_exptl_crystal.density_meas_esd            ? 
_exptl_crystal.density_meas_gt             ? 
_exptl_crystal.density_meas_lt             ? 
_exptl_crystal.density_meas_temp           ? 
_exptl_crystal.density_meas_temp_esd       ? 
_exptl_crystal.density_meas_temp_gt        ? 
_exptl_crystal.density_meas_temp_lt        ? 
_exptl_crystal.pdbx_crystal_image_url      ? 
_exptl_crystal.pdbx_crystal_image_format   ? 
_exptl_crystal.pdbx_mosaicity              ? 
_exptl_crystal.pdbx_mosaicity_esd          ? 
# 
_exptl_crystal_grow.apparatus       ? 
_exptl_crystal_grow.atmosphere      ? 
_exptl_crystal_grow.crystal_id      1 
_exptl_crystal_grow.details         ? 
_exptl_crystal_grow.method          'VAPOR DIFFUSION, SITTING DROP' 
_exptl_crystal_grow.method_ref      ? 
_exptl_crystal_grow.pH              ? 
_exptl_crystal_grow.pressure        ? 
_exptl_crystal_grow.pressure_esd    ? 
_exptl_crystal_grow.seeding         ? 
_exptl_crystal_grow.seeding_ref     ? 
_exptl_crystal_grow.temp            293 
_exptl_crystal_grow.temp_details    ? 
_exptl_crystal_grow.temp_esd        ? 
_exptl_crystal_grow.time            ? 
_exptl_crystal_grow.pdbx_details    '0.1 M Sodium Chloride, 0.1 M Bis-Tris: HCl, pH 6.5, 1.5 M Ammonium Sulfate' 
_exptl_crystal_grow.pdbx_pH_range   ? 
# 
_diffrn.ambient_environment              ? 
_diffrn.ambient_temp                     100 
_diffrn.ambient_temp_details             ? 
_diffrn.ambient_temp_esd                 ? 
_diffrn.crystal_id                       1 
_diffrn.crystal_support                  ? 
_diffrn.crystal_treatment                ? 
_diffrn.details                          ? 
_diffrn.id                               1 
_diffrn.ambient_pressure                 ? 
_diffrn.ambient_pressure_esd             ? 
_diffrn.ambient_pressure_gt              ? 
_diffrn.ambient_pressure_lt              ? 
_diffrn.ambient_temp_gt                  ? 
_diffrn.ambient_temp_lt                  ? 
_diffrn.pdbx_serial_crystal_experiment   N 
# 
_diffrn_detector.details                      ? 
_diffrn_detector.detector                     PIXEL 
_diffrn_detector.diffrn_id                    1 
_diffrn_detector.type                         'DECTRIS PILATUS3 6M' 
_diffrn_detector.area_resol_mean              ? 
_diffrn_detector.dtime                        ? 
_diffrn_detector.pdbx_frames_total            ? 
_diffrn_detector.pdbx_collection_time_total   ? 
_diffrn_detector.pdbx_collection_date         2019-12-17 
_diffrn_detector.pdbx_frequency               ? 
# 
_diffrn_radiation.collimation                      ? 
_diffrn_radiation.diffrn_id                        1 
_diffrn_radiation.filter_edge                      ? 
_diffrn_radiation.inhomogeneity                    ? 
_diffrn_radiation.monochromator                    ? 
_diffrn_radiation.polarisn_norm                    ? 
_diffrn_radiation.polarisn_ratio                   ? 
_diffrn_radiation.probe                            ? 
_diffrn_radiation.type                             ? 
_diffrn_radiation.xray_symbol                      ? 
_diffrn_radiation.wavelength_id                    1 
_diffrn_radiation.pdbx_monochromatic_or_laue_m_l   M 
_diffrn_radiation.pdbx_wavelength_list             ? 
_diffrn_radiation.pdbx_wavelength                  ? 
_diffrn_radiation.pdbx_diffrn_protocol             'SINGLE WAVELENGTH' 
_diffrn_radiation.pdbx_analyzer                    ? 
_diffrn_radiation.pdbx_scattering_type             x-ray 
# 
_diffrn_radiation_wavelength.id           1 
_diffrn_radiation_wavelength.wavelength   1.03320 
_diffrn_radiation_wavelength.wt           1.0 
# 
_diffrn_source.current                     ? 
_diffrn_source.details                     ? 
_diffrn_source.diffrn_id                   1 
_diffrn_source.power                       ? 
_diffrn_source.size                        ? 
_diffrn_source.source                      SYNCHROTRON 
_diffrn_source.target                      ? 
_diffrn_source.type                        'APS BEAMLINE 23-ID-D' 
_diffrn_source.voltage                     ? 
_diffrn_source.take-off_angle              ? 
_diffrn_source.pdbx_wavelength_list        1.03320 
_diffrn_source.pdbx_wavelength             ? 
_diffrn_source.pdbx_synchrotron_beamline   23-ID-D 
_diffrn_source.pdbx_synchrotron_site       APS 
# 
_reflns.B_iso_Wilson_estimate            22.40 
_reflns.entry_id                         7KKC 
_reflns.data_reduction_details           ? 
_reflns.data_reduction_method            ? 
_reflns.d_resolution_high                1.5 
_reflns.d_resolution_low                 45.04 
_reflns.details                          ? 
_reflns.limit_h_max                      ? 
_reflns.limit_h_min                      ? 
_reflns.limit_k_max                      ? 
_reflns.limit_k_min                      ? 
_reflns.limit_l_max                      ? 
_reflns.limit_l_min                      ? 
_reflns.number_all                       ? 
_reflns.number_obs                       28351 
_reflns.observed_criterion               ? 
_reflns.observed_criterion_F_max         ? 
_reflns.observed_criterion_F_min         ? 
_reflns.observed_criterion_I_max         ? 
_reflns.observed_criterion_I_min         ? 
_reflns.observed_criterion_sigma_F       ? 
_reflns.observed_criterion_sigma_I       ? 
_reflns.percent_possible_obs             99.12 
_reflns.R_free_details                   ? 
_reflns.Rmerge_F_all                     ? 
_reflns.Rmerge_F_obs                     ? 
_reflns.Friedel_coverage                 ? 
_reflns.number_gt                        ? 
_reflns.threshold_expression             ? 
_reflns.pdbx_redundancy                  2.0 
_reflns.pdbx_Rmerge_I_obs                ? 
_reflns.pdbx_Rmerge_I_all                ? 
_reflns.pdbx_Rsym_value                  ? 
_reflns.pdbx_netI_over_av_sigmaI         ? 
_reflns.pdbx_netI_over_sigmaI            21.98 
_reflns.pdbx_res_netI_over_av_sigmaI_2   ? 
_reflns.pdbx_res_netI_over_sigmaI_2      ? 
_reflns.pdbx_chi_squared                 ? 
_reflns.pdbx_scaling_rejects             ? 
_reflns.pdbx_d_res_high_opt              ? 
_reflns.pdbx_d_res_low_opt               ? 
_reflns.pdbx_d_res_opt_method            ? 
_reflns.phase_calculation_details        ? 
_reflns.pdbx_Rrim_I_all                  ? 
_reflns.pdbx_Rpim_I_all                  ? 
_reflns.pdbx_d_opt                       ? 
_reflns.pdbx_number_measured_all         ? 
_reflns.pdbx_diffrn_id                   1 
_reflns.pdbx_ordinal                     1 
_reflns.pdbx_CC_half                     1 
_reflns.pdbx_CC_star                     ? 
_reflns.pdbx_R_split                     ? 
# 
_reflns_shell.d_res_high                  1.5 
_reflns_shell.d_res_low                   1.554 
_reflns_shell.meanI_over_sigI_all         ? 
_reflns_shell.meanI_over_sigI_obs         ? 
_reflns_shell.number_measured_all         ? 
_reflns_shell.number_measured_obs         ? 
_reflns_shell.number_possible             ? 
_reflns_shell.number_unique_all           ? 
_reflns_shell.number_unique_obs           2759 
_reflns_shell.percent_possible_all        ? 
_reflns_shell.percent_possible_obs        ? 
_reflns_shell.Rmerge_F_all                ? 
_reflns_shell.Rmerge_F_obs                ? 
_reflns_shell.Rmerge_I_all                ? 
_reflns_shell.Rmerge_I_obs                ? 
_reflns_shell.meanI_over_sigI_gt          ? 
_reflns_shell.meanI_over_uI_all           ? 
_reflns_shell.meanI_over_uI_gt            ? 
_reflns_shell.number_measured_gt          ? 
_reflns_shell.number_unique_gt            ? 
_reflns_shell.percent_possible_gt         ? 
_reflns_shell.Rmerge_F_gt                 ? 
_reflns_shell.Rmerge_I_gt                 ? 
_reflns_shell.pdbx_redundancy             ? 
_reflns_shell.pdbx_Rsym_value             ? 
_reflns_shell.pdbx_chi_squared            ? 
_reflns_shell.pdbx_netI_over_sigmaI_all   ? 
_reflns_shell.pdbx_netI_over_sigmaI_obs   ? 
_reflns_shell.pdbx_Rrim_I_all             ? 
_reflns_shell.pdbx_Rpim_I_all             ? 
_reflns_shell.pdbx_rejects                ? 
_reflns_shell.pdbx_ordinal                1 
_reflns_shell.pdbx_diffrn_id              1 
_reflns_shell.pdbx_CC_half                0.778 
_reflns_shell.pdbx_CC_star                ? 
_reflns_shell.pdbx_R_split                ? 
# 
_refine.aniso_B[1][1]                            ? 
_refine.aniso_B[1][2]                            ? 
_refine.aniso_B[1][3]                            ? 
_refine.aniso_B[2][2]                            ? 
_refine.aniso_B[2][3]                            ? 
_refine.aniso_B[3][3]                            ? 
_refine.B_iso_max                                ? 
_refine.B_iso_mean                               29.96 
_refine.B_iso_min                                ? 
_refine.correlation_coeff_Fo_to_Fc               ? 
_refine.correlation_coeff_Fo_to_Fc_free          ? 
_refine.details                                  ? 
_refine.diff_density_max                         ? 
_refine.diff_density_max_esd                     ? 
_refine.diff_density_min                         ? 
_refine.diff_density_min_esd                     ? 
_refine.diff_density_rms                         ? 
_refine.diff_density_rms_esd                     ? 
_refine.entry_id                                 7KKC 
_refine.pdbx_refine_id                           'X-RAY DIFFRACTION' 
_refine.ls_abs_structure_details                 ? 
_refine.ls_abs_structure_Flack                   ? 
_refine.ls_abs_structure_Flack_esd               ? 
_refine.ls_abs_structure_Rogers                  ? 
_refine.ls_abs_structure_Rogers_esd              ? 
_refine.ls_d_res_high                            1.50 
_refine.ls_d_res_low                             40.40 
_refine.ls_extinction_coef                       ? 
_refine.ls_extinction_coef_esd                   ? 
_refine.ls_extinction_expression                 ? 
_refine.ls_extinction_method                     ? 
_refine.ls_goodness_of_fit_all                   ? 
_refine.ls_goodness_of_fit_all_esd               ? 
_refine.ls_goodness_of_fit_obs                   ? 
_refine.ls_goodness_of_fit_obs_esd               ? 
_refine.ls_hydrogen_treatment                    ? 
_refine.ls_matrix_type                           ? 
_refine.ls_number_constraints                    ? 
_refine.ls_number_parameters                     ? 
_refine.ls_number_reflns_all                     ? 
_refine.ls_number_reflns_obs                     28350 
_refine.ls_number_reflns_R_free                  1998 
_refine.ls_number_reflns_R_work                  26352 
_refine.ls_number_restraints                     ? 
_refine.ls_percent_reflns_obs                    99.13 
_refine.ls_percent_reflns_R_free                 7.05 
_refine.ls_R_factor_all                          ? 
_refine.ls_R_factor_obs                          0.1776 
_refine.ls_R_factor_R_free                       0.1998 
_refine.ls_R_factor_R_free_error                 ? 
_refine.ls_R_factor_R_free_error_details         ? 
_refine.ls_R_factor_R_work                       0.1759 
_refine.ls_R_Fsqd_factor_obs                     ? 
_refine.ls_R_I_factor_obs                        ? 
_refine.ls_redundancy_reflns_all                 ? 
_refine.ls_redundancy_reflns_obs                 ? 
_refine.ls_restrained_S_all                      ? 
_refine.ls_restrained_S_obs                      ? 
_refine.ls_shift_over_esd_max                    ? 
_refine.ls_shift_over_esd_mean                   ? 
_refine.ls_structure_factor_coef                 ? 
_refine.ls_weighting_details                     ? 
_refine.ls_weighting_scheme                      ? 
_refine.ls_wR_factor_all                         ? 
_refine.ls_wR_factor_obs                         ? 
_refine.ls_wR_factor_R_free                      ? 
_refine.ls_wR_factor_R_work                      ? 
_refine.occupancy_max                            ? 
_refine.occupancy_min                            ? 
_refine.solvent_model_details                    'FLAT BULK SOLVENT MODEL' 
_refine.solvent_model_param_bsol                 ? 
_refine.solvent_model_param_ksol                 ? 
_refine.pdbx_R_complete                          ? 
_refine.ls_R_factor_gt                           ? 
_refine.ls_goodness_of_fit_gt                    ? 
_refine.ls_goodness_of_fit_ref                   ? 
_refine.ls_shift_over_su_max                     ? 
_refine.ls_shift_over_su_max_lt                  ? 
_refine.ls_shift_over_su_mean                    ? 
_refine.ls_shift_over_su_mean_lt                 ? 
_refine.pdbx_ls_sigma_I                          ? 
_refine.pdbx_ls_sigma_F                          1.34 
_refine.pdbx_ls_sigma_Fsqd                       ? 
_refine.pdbx_data_cutoff_high_absF               ? 
_refine.pdbx_data_cutoff_high_rms_absF           ? 
_refine.pdbx_data_cutoff_low_absF                ? 
_refine.pdbx_isotropic_thermal_model             ? 
_refine.pdbx_ls_cross_valid_method               'FREE R-VALUE' 
_refine.pdbx_method_to_determine_struct          'MOLECULAR REPLACEMENT' 
_refine.pdbx_starting_model                      7KFO 
_refine.pdbx_stereochemistry_target_values       'GeoStd + Monomer Library + CDL v1.2' 
_refine.pdbx_R_Free_selection_details            ? 
_refine.pdbx_stereochem_target_val_spec_case     ? 
_refine.pdbx_overall_ESU_R                       ? 
_refine.pdbx_overall_ESU_R_Free                  ? 
_refine.pdbx_solvent_vdw_probe_radii             1.1100 
_refine.pdbx_solvent_ion_probe_radii             ? 
_refine.pdbx_solvent_shrinkage_radii             0.9000 
_refine.pdbx_real_space_R                        ? 
_refine.pdbx_density_correlation                 ? 
_refine.pdbx_pd_number_of_powder_patterns        ? 
_refine.pdbx_pd_number_of_points                 ? 
_refine.pdbx_pd_meas_number_of_points            ? 
_refine.pdbx_pd_proc_ls_prof_R_factor            ? 
_refine.pdbx_pd_proc_ls_prof_wR_factor           ? 
_refine.pdbx_pd_Marquardt_correlation_coeff      ? 
_refine.pdbx_pd_Fsqrd_R_factor                   ? 
_refine.pdbx_pd_ls_matrix_band_width             ? 
_refine.pdbx_overall_phase_error                 23.0293 
_refine.pdbx_overall_SU_R_free_Cruickshank_DPI   ? 
_refine.pdbx_overall_SU_R_free_Blow_DPI          ? 
_refine.pdbx_overall_SU_R_Blow_DPI               ? 
_refine.pdbx_TLS_residual_ADP_flag               ? 
_refine.pdbx_diffrn_id                           1 
_refine.overall_SU_B                             ? 
_refine.overall_SU_ML                            0.1993 
_refine.overall_SU_R_Cruickshank_DPI             ? 
_refine.overall_SU_R_free                        ? 
_refine.overall_FOM_free_R_set                   ? 
_refine.overall_FOM_work_R_set                   ? 
_refine.pdbx_average_fsc_overall                 ? 
_refine.pdbx_average_fsc_work                    ? 
_refine.pdbx_average_fsc_free                    ? 
# 
_refine_hist.pdbx_refine_id                   'X-RAY DIFFRACTION' 
_refine_hist.cycle_id                         LAST 
_refine_hist.details                          ? 
_refine_hist.d_res_high                       1.50 
_refine_hist.d_res_low                        40.40 
_refine_hist.number_atoms_solvent             110 
_refine_hist.number_atoms_total               1229 
_refine_hist.number_reflns_all                ? 
_refine_hist.number_reflns_obs                ? 
_refine_hist.number_reflns_R_free             ? 
_refine_hist.number_reflns_R_work             ? 
_refine_hist.R_factor_all                     ? 
_refine_hist.R_factor_obs                     ? 
_refine_hist.R_factor_R_free                  ? 
_refine_hist.R_factor_R_work                  ? 
_refine_hist.pdbx_number_residues_total       ? 
_refine_hist.pdbx_B_iso_mean_ligand           ? 
_refine_hist.pdbx_B_iso_mean_solvent          ? 
_refine_hist.pdbx_number_atoms_protein        1090 
_refine_hist.pdbx_number_atoms_nucleic_acid   0 
_refine_hist.pdbx_number_atoms_ligand         29 
_refine_hist.pdbx_number_atoms_lipid          ? 
_refine_hist.pdbx_number_atoms_carb           ? 
_refine_hist.pdbx_pseudo_atom_details         ? 
# 
loop_
_refine_ls_restr.pdbx_refine_id 
_refine_ls_restr.criterion 
_refine_ls_restr.dev_ideal 
_refine_ls_restr.dev_ideal_target 
_refine_ls_restr.number 
_refine_ls_restr.rejects 
_refine_ls_restr.type 
_refine_ls_restr.weight 
_refine_ls_restr.pdbx_restraint_function 
'X-RAY DIFFRACTION' ? 0.0079  ? 1323 ? f_bond_d           ? ? 
'X-RAY DIFFRACTION' ? 0.8836  ? 1814 ? f_angle_d          ? ? 
'X-RAY DIFFRACTION' ? 0.0493  ? 200  ? f_chiral_restr     ? ? 
'X-RAY DIFFRACTION' ? 0.0049  ? 244  ? f_plane_restr      ? ? 
'X-RAY DIFFRACTION' ? 24.6044 ? 522  ? f_dihedral_angle_d ? ? 
# 
loop_
_refine_ls_shell.pdbx_refine_id 
_refine_ls_shell.d_res_high 
_refine_ls_shell.d_res_low 
_refine_ls_shell.number_reflns_all 
_refine_ls_shell.number_reflns_obs 
_refine_ls_shell.number_reflns_R_free 
_refine_ls_shell.number_reflns_R_work 
_refine_ls_shell.percent_reflns_obs 
_refine_ls_shell.percent_reflns_R_free 
_refine_ls_shell.R_factor_all 
_refine_ls_shell.R_factor_obs 
_refine_ls_shell.R_factor_R_free 
_refine_ls_shell.R_factor_R_free_error 
_refine_ls_shell.R_factor_R_work 
_refine_ls_shell.redundancy_reflns_all 
_refine_ls_shell.redundancy_reflns_obs 
_refine_ls_shell.wR_factor_all 
_refine_ls_shell.wR_factor_obs 
_refine_ls_shell.wR_factor_R_free 
_refine_ls_shell.wR_factor_R_work 
_refine_ls_shell.pdbx_R_complete 
_refine_ls_shell.pdbx_total_number_of_bins_used 
_refine_ls_shell.pdbx_phase_error 
_refine_ls_shell.pdbx_fsc_work 
_refine_ls_shell.pdbx_fsc_free 
'X-RAY DIFFRACTION' 1.50 1.54  . . 138 1819 97.51 . . . 0.3816 . 0.3121 . . . . . . . . . . . 
'X-RAY DIFFRACTION' 1.54 1.58  . . 140 1862 98.67 . . . 0.2773 . 0.2806 . . . . . . . . . . . 
'X-RAY DIFFRACTION' 1.58 1.63  . . 139 1836 98.65 . . . 0.3025 . 0.2524 . . . . . . . . . . . 
'X-RAY DIFFRACTION' 1.63 1.68  . . 139 1867 98.77 . . . 0.2909 . 0.2336 . . . . . . . . . . . 
'X-RAY DIFFRACTION' 1.68 1.74  . . 143 1860 99.16 . . . 0.2278 . 0.2151 . . . . . . . . . . . 
'X-RAY DIFFRACTION' 1.74 1.81  . . 143 1890 99.27 . . . 0.2156 . 0.1906 . . . . . . . . . . . 
'X-RAY DIFFRACTION' 1.81 1.89  . . 139 1836 99.35 . . . 0.2247 . 0.1847 . . . . . . . . . . . 
'X-RAY DIFFRACTION' 1.89 1.99  . . 144 1897 99.22 . . . 0.2156 . 0.1801 . . . . . . . . . . . 
'X-RAY DIFFRACTION' 1.99 2.11  . . 143 1883 99.36 . . . 0.2117 . 0.1707 . . . . . . . . . . . 
'X-RAY DIFFRACTION' 2.11 2.28  . . 142 1870 99.46 . . . 0.2225 . 0.1684 . . . . . . . . . . . 
'X-RAY DIFFRACTION' 2.28 2.51  . . 145 1906 99.66 . . . 0.1846 . 0.1690 . . . . . . . . . . . 
'X-RAY DIFFRACTION' 2.51 2.87  . . 146 1916 99.90 . . . 0.1779 . 0.1773 . . . . . . . . . . . 
'X-RAY DIFFRACTION' 2.87 3.61  . . 142 1916 99.52 . . . 0.1909 . 0.1608 . . . . . . . . . . . 
'X-RAY DIFFRACTION' 3.61 40.40 . . 155 1994 99.40 . . . 0.1769 . 0.1622 . . . . . . . . . . . 
# 
_struct.entry_id                     7KKC 
_struct.title                        
'Crystal structure of the MarR family transcriptional regulator from Variovorax paradoxus bound to 5-Hydroxyindoleacetic acid' 
_struct.pdbx_model_details           ? 
_struct.pdbx_formula_weight          ? 
_struct.pdbx_formula_weight_method   ? 
_struct.pdbx_model_type_details      ? 
_struct.pdbx_CASP_flag               N 
# 
_struct_keywords.entry_id        7KKC 
_struct_keywords.text            'Transcriptional Regulator, Ligand Binding, DNA BINDING PROTEIN' 
_struct_keywords.pdbx_keywords   'DNA BINDING PROTEIN' 
# 
loop_
_struct_asym.id 
_struct_asym.pdbx_blank_PDB_chainid_flag 
_struct_asym.pdbx_modified 
_struct_asym.entity_id 
_struct_asym.details 
A N N 1 ? 
B N N 2 ? 
C N N 3 ? 
D N N 3 ? 
E N N 3 ? 
F N N 4 ? 
# 
loop_
_struct_conf.conf_type_id 
_struct_conf.id 
_struct_conf.pdbx_PDB_helix_id 
_struct_conf.beg_label_comp_id 
_struct_conf.beg_label_asym_id 
_struct_conf.beg_label_seq_id 
_struct_conf.pdbx_beg_PDB_ins_code 
_struct_conf.end_label_comp_id 
_struct_conf.end_label_asym_id 
_struct_conf.end_label_seq_id 
_struct_conf.pdbx_end_PDB_ins_code 
_struct_conf.beg_auth_comp_id 
_struct_conf.beg_auth_asym_id 
_struct_conf.beg_auth_seq_id 
_struct_conf.end_auth_comp_id 
_struct_conf.end_auth_asym_id 
_struct_conf.end_auth_seq_id 
_struct_conf.pdbx_PDB_helix_class 
_struct_conf.details 
_struct_conf.pdbx_PDB_helix_length 
HELX_P HELX_P1 AA1 ARG A 34  ? ASP A 38  ? ARG A 10  ASP A 14  5 ? 5  
HELX_P HELX_P2 AA2 TYR A 39  ? HIS A 62  ? TYR A 15  HIS A 38  1 ? 24 
HELX_P HELX_P3 AA3 SER A 65  ? ALA A 76  ? SER A 41  ALA A 52  1 ? 12 
HELX_P HELX_P4 AA4 ILE A 83  ? THR A 90  ? ILE A 59  THR A 66  1 ? 8  
HELX_P HELX_P5 AA5 LYS A 93  ? ARG A 107 ? LYS A 69  ARG A 83  1 ? 15 
HELX_P HELX_P6 AA6 THR A 127 ? GLU A 150 ? THR A 103 GLU A 126 1 ? 24 
HELX_P HELX_P7 AA7 PHE A 152 ? VAL A 172 ? PHE A 128 VAL A 148 1 ? 21 
# 
_struct_conf_type.id          HELX_P 
_struct_conf_type.criteria    ? 
_struct_conf_type.reference   ? 
# 
_struct_sheet.id               AA1 
_struct_sheet.type             ? 
_struct_sheet.number_strands   3 
_struct_sheet.details          ? 
# 
loop_
_struct_sheet_order.sheet_id 
_struct_sheet_order.range_id_1 
_struct_sheet_order.range_id_2 
_struct_sheet_order.offset 
_struct_sheet_order.sense 
AA1 1 2 ? anti-parallel 
AA1 2 3 ? anti-parallel 
# 
loop_
_struct_sheet_range.sheet_id 
_struct_sheet_range.id 
_struct_sheet_range.beg_label_comp_id 
_struct_sheet_range.beg_label_asym_id 
_struct_sheet_range.beg_label_seq_id 
_struct_sheet_range.pdbx_beg_PDB_ins_code 
_struct_sheet_range.end_label_comp_id 
_struct_sheet_range.end_label_asym_id 
_struct_sheet_range.end_label_seq_id 
_struct_sheet_range.pdbx_end_PDB_ins_code 
_struct_sheet_range.beg_auth_comp_id 
_struct_sheet_range.beg_auth_asym_id 
_struct_sheet_range.beg_auth_seq_id 
_struct_sheet_range.end_auth_comp_id 
_struct_sheet_range.end_auth_asym_id 
_struct_sheet_range.end_auth_seq_id 
AA1 1 ILE A 81  ? SER A 82  ? ILE A 57 SER A 58  
AA1 2 LEU A 123 ? ILE A 126 ? LEU A 99 ILE A 102 
AA1 3 VAL A 110 ? LEU A 113 ? VAL A 86 LEU A 89  
# 
loop_
_pdbx_struct_sheet_hbond.sheet_id 
_pdbx_struct_sheet_hbond.range_id_1 
_pdbx_struct_sheet_hbond.range_id_2 
_pdbx_struct_sheet_hbond.range_1_label_atom_id 
_pdbx_struct_sheet_hbond.range_1_label_comp_id 
_pdbx_struct_sheet_hbond.range_1_label_asym_id 
_pdbx_struct_sheet_hbond.range_1_label_seq_id 
_pdbx_struct_sheet_hbond.range_1_PDB_ins_code 
_pdbx_struct_sheet_hbond.range_1_auth_atom_id 
_pdbx_struct_sheet_hbond.range_1_auth_comp_id 
_pdbx_struct_sheet_hbond.range_1_auth_asym_id 
_pdbx_struct_sheet_hbond.range_1_auth_seq_id 
_pdbx_struct_sheet_hbond.range_2_label_atom_id 
_pdbx_struct_sheet_hbond.range_2_label_comp_id 
_pdbx_struct_sheet_hbond.range_2_label_asym_id 
_pdbx_struct_sheet_hbond.range_2_label_seq_id 
_pdbx_struct_sheet_hbond.range_2_PDB_ins_code 
_pdbx_struct_sheet_hbond.range_2_auth_atom_id 
_pdbx_struct_sheet_hbond.range_2_auth_comp_id 
_pdbx_struct_sheet_hbond.range_2_auth_asym_id 
_pdbx_struct_sheet_hbond.range_2_auth_seq_id 
AA1 1 2 N ILE A 81  ? N ILE A 57 O VAL A 124 ? O VAL A 100 
AA1 2 3 O LEU A 123 ? O LEU A 99 N LEU A 113 ? N LEU A 89  
# 
loop_
_struct_site.id 
_struct_site.pdbx_evidence_code 
_struct_site.pdbx_auth_asym_id 
_struct_site.pdbx_auth_comp_id 
_struct_site.pdbx_auth_seq_id 
_struct_site.pdbx_auth_ins_code 
_struct_site.pdbx_num_residues 
_struct_site.details 
AC1 Software A HID 201 ? 12 'binding site for residue HID A 201' 
AC2 Software A SO4 202 ? 8  'binding site for residue SO4 A 202' 
AC3 Software A SO4 203 ? 6  'binding site for residue SO4 A 203' 
AC4 Software A SO4 204 ? 10 'binding site for residue SO4 A 204' 
# 
loop_
_struct_site_gen.id 
_struct_site_gen.site_id 
_struct_site_gen.pdbx_num_res 
_struct_site_gen.label_comp_id 
_struct_site_gen.label_asym_id 
_struct_site_gen.label_seq_id 
_struct_site_gen.pdbx_auth_ins_code 
_struct_site_gen.auth_comp_id 
_struct_site_gen.auth_asym_id 
_struct_site_gen.auth_seq_id 
_struct_site_gen.label_atom_id 
_struct_site_gen.label_alt_id 
_struct_site_gen.symmetry 
_struct_site_gen.details 
1  AC1 12 TYR A 39  ? TYR A 15  . ? 2_565  ? 
2  AC1 12 PRO A 41  ? PRO A 17  . ? 2_565  ? 
3  AC1 12 ALA A 42  ? ALA A 18  . ? 2_565  ? 
4  AC1 12 ALA A 45  ? ALA A 21  . ? 2_565  ? 
5  AC1 12 SER A 52  ? SER A 28  . ? 1_555  ? 
6  AC1 12 HIS A 56  ? HIS A 32  . ? 1_555  ? 
7  AC1 12 TRP A 69  ? TRP A 45  . ? 1_555  ? 
8  AC1 12 ARG A 70  ? ARG A 46  . ? 1_555  ? 
9  AC1 12 ALA A 73  ? ALA A 49  . ? 1_555  ? 
10 AC1 12 SER A 74  ? SER A 50  . ? 1_555  ? 
11 AC1 12 VAL A 89  ? VAL A 65  . ? 1_555  ? 
12 AC1 12 HOH F .   ? HOH A 336 . ? 1_555  ? 
13 AC2 8  ARG A 60  ? ARG A 36  . ? 1_555  ? 
14 AC2 8  SER A 65  ? SER A 41  . ? 1_555  ? 
15 AC2 8  VAL A 66  ? VAL A 42  . ? 1_555  ? 
16 AC2 8  ARG A 103 ? ARG A 79  . ? 3_556  ? 
17 AC2 8  HOH F .   ? HOH A 307 . ? 1_555  ? 
18 AC2 8  HOH F .   ? HOH A 316 . ? 1_555  ? 
19 AC2 8  HOH F .   ? HOH A 325 . ? 3_556  ? 
20 AC2 8  HOH F .   ? HOH A 376 . ? 1_555  ? 
21 AC3 6  SER A 53  ? SER A 29  . ? 1_555  ? 
22 AC3 6  HIS A 56  ? HIS A 32  . ? 1_555  ? 
23 AC3 6  ARG A 60  ? ARG A 36  . ? 1_555  ? 
24 AC3 6  ARG A 99  ? ARG A 75  . ? 3_556  ? 
25 AC3 6  HOH F .   ? HOH A 305 . ? 1_555  ? 
26 AC3 6  HOH F .   ? HOH A 313 . ? 1_555  ? 
27 AC4 10 ARG A 125 ? ARG A 101 . ? 1_555  ? 
28 AC4 10 ARG A 125 ? ARG A 101 . ? 14_555 ? 
29 AC4 10 THR A 127 ? THR A 103 . ? 14_555 ? 
30 AC4 10 THR A 127 ? THR A 103 . ? 1_555  ? 
31 AC4 10 ARG A 128 ? ARG A 104 . ? 14_555 ? 
32 AC4 10 ARG A 128 ? ARG A 104 . ? 1_555  ? 
33 AC4 10 HOH F .   ? HOH A 303 . ? 1_555  ? 
34 AC4 10 HOH F .   ? HOH A 303 . ? 14_555 ? 
35 AC4 10 HOH F .   ? HOH A 323 . ? 14_555 ? 
36 AC4 10 HOH F .   ? HOH A 323 . ? 1_555  ? 
# 
_atom_sites.entry_id                    7KKC 
_atom_sites.Cartn_transf_matrix[1][1]   ? 
_atom_sites.Cartn_transf_matrix[1][2]   ? 
_atom_sites.Cartn_transf_matrix[1][3]   ? 
_atom_sites.Cartn_transf_matrix[2][1]   ? 
_atom_sites.Cartn_transf_matrix[2][2]   ? 
_atom_sites.Cartn_transf_matrix[2][3]   ? 
_atom_sites.Cartn_transf_matrix[3][1]   ? 
_atom_sites.Cartn_transf_matrix[3][2]   ? 
_atom_sites.Cartn_transf_matrix[3][3]   ? 
_atom_sites.Cartn_transf_vector[1]      ? 
_atom_sites.Cartn_transf_vector[2]      ? 
_atom_sites.Cartn_transf_vector[3]      ? 
_atom_sites.fract_transf_matrix[1][1]   0.00601146 
_atom_sites.fract_transf_matrix[1][2]   0.01031638 
_atom_sites.fract_transf_matrix[1][3]   -0.01404315 
_atom_sites.fract_transf_matrix[2][1]   0.00547853 
_atom_sites.fract_transf_matrix[2][2]   0.00417610 
_atom_sites.fract_transf_matrix[2][3]   0.00541304 
_atom_sites.fract_transf_matrix[3][1]   0.00619547 
_atom_sites.fract_transf_matrix[3][2]   -0.00592422 
_atom_sites.fract_transf_matrix[3][3]   -0.00169996 
_atom_sites.fract_transf_vector[1]      0.068880 
_atom_sites.fract_transf_vector[2]      0.410308 
_atom_sites.fract_transf_vector[3]      0.375275 
_atom_sites.solution_primary            ? 
_atom_sites.solution_secondary          ? 
_atom_sites.solution_hydrogens          ? 
_atom_sites.special_details             ? 
# 
loop_
_atom_type.symbol 
_atom_type.scat_dispersion_real 
_atom_type.scat_dispersion_imag 
_atom_type.scat_Cromer_Mann_a1 
_atom_type.scat_Cromer_Mann_a2 
_atom_type.scat_Cromer_Mann_a3 
_atom_type.scat_Cromer_Mann_a4 
_atom_type.scat_Cromer_Mann_b1 
_atom_type.scat_Cromer_Mann_b2 
_atom_type.scat_Cromer_Mann_b3 
_atom_type.scat_Cromer_Mann_b4 
_atom_type.scat_Cromer_Mann_c 
_atom_type.scat_source 
_atom_type.scat_dispersion_source 
C   ? ? 3.54356 2.42580 ? ? 25.62398 1.50364  ? ? 0.0 
;2-Gaussian fit: Grosse-Kunstleve RW, Sauter NK, Adams PD: Newsletter of the IUCr Commission on Crystallographic Computing 2004, 3, 22-31.
;
? 
H   ? ? 0.51345 0.48472 ? ? 24.73122 6.32584  ? ? 0.0 
;2-Gaussian fit: Grosse-Kunstleve RW, Sauter NK, Adams PD: Newsletter of the IUCr Commission on Crystallographic Computing 2004, 3, 22-31.
;
? 
N   ? ? 4.01032 2.96436 ? ? 19.97189 1.75589  ? ? 0.0 
;2-Gaussian fit: Grosse-Kunstleve RW, Sauter NK, Adams PD: Newsletter of the IUCr Commission on Crystallographic Computing 2004, 3, 22-31.
;
? 
O   ? ? 4.49882 3.47563 ? ? 15.80542 1.70748  ? ? 0.0 
;2-Gaussian fit: Grosse-Kunstleve RW, Sauter NK, Adams PD: Newsletter of the IUCr Commission on Crystallographic Computing 2004, 3, 22-31.
;
? 
O1- ? ? 5.12366 3.84317 ? ? 3.49406  27.47979 ? ? 0.0 
;2-Gaussian fit: Grosse-Kunstleve RW, Sauter NK, Adams PD: Newsletter of the IUCr Commission on Crystallographic Computing 2004, 3, 22-31.
;
? 
S   ? ? 9.55732 6.39887 ? ? 1.23737  29.19336 ? ? 0.0 
;2-Gaussian fit: Grosse-Kunstleve RW, Sauter NK, Adams PD: Newsletter of the IUCr Commission on Crystallographic Computing 2004, 3, 22-31.
;
? 
# 
loop_
_atom_site.group_PDB 
_atom_site.id 
_atom_site.type_symbol 
_atom_site.label_atom_id 
_atom_site.label_alt_id 
_atom_site.label_comp_id 
_atom_site.label_asym_id 
_atom_site.label_entity_id 
_atom_site.label_seq_id 
_atom_site.pdbx_PDB_ins_code 
_atom_site.Cartn_x 
_atom_site.Cartn_y 
_atom_site.Cartn_z 
_atom_site.occupancy 
_atom_site.B_iso_or_equiv 
_atom_site.pdbx_formal_charge 
_atom_site.auth_seq_id 
_atom_site.auth_comp_id 
_atom_site.auth_asym_id 
_atom_site.auth_atom_id 
_atom_site.pdbx_PDB_model_num 
ATOM   1    N N    . ARG A 1 34  ? 6.34628   11.86366  29.03097  1.000 51.78554  ?  10  ARG A N    1 
ATOM   2    C CA   . ARG A 1 34  ? 7.37738   11.01796  28.43105  1.000 50.55770  ?  10  ARG A CA   1 
ATOM   3    C C    . ARG A 1 34  ? 7.45692   11.26136  26.91653  1.000 32.49632  ?  10  ARG A C    1 
ATOM   4    O O    . ARG A 1 34  ? 6.45407   11.17075  26.21460  1.000 38.02562  ?  10  ARG A O    1 
ATOM   5    C CB   . ARG A 1 34  ? 7.08910   9.54989   28.73866  1.000 49.22828  ?  10  ARG A CB   1 
ATOM   6    C CG   . ARG A 1 34  ? 8.16158   8.58010   28.31075  1.000 52.90768  ?  10  ARG A CG   1 
ATOM   7    C CD   . ARG A 1 34  ? 7.79976   7.17472   28.76419  1.000 52.96564  ?  10  ARG A CD   1 
ATOM   8    N NE   . ARG A 1 34  ? 6.36046   6.94463   28.67472  1.000 63.06252  ?  10  ARG A NE   1 
ATOM   9    C CZ   . ARG A 1 34  ? 5.76047   5.80318   28.99564  1.000 70.34124  ?  10  ARG A CZ   1 
ATOM   10   N NH1  . ARG A 1 34  ? 6.47570   4.77452   29.42952  1.000 66.65046  ?  10  ARG A NH1  1 
ATOM   11   N NH2  . ARG A 1 34  ? 4.44257   5.69080   28.88185  1.000 75.39832  ?  10  ARG A NH2  1 
ATOM   12   N N    . PHE A 1 35  ? 8.65735   11.59622  26.43861  1.000 38.11834  ?  11  PHE A N    1 
ATOM   13   C CA   . PHE A 1 35  ? 8.88042   11.96749  25.04271  1.000 32.76500  ?  11  PHE A CA   1 
ATOM   14   C C    . PHE A 1 35  ? 8.08957   11.08648  24.07403  1.000 24.37714  ?  11  PHE A C    1 
ATOM   15   O O    . PHE A 1 35  ? 7.24492   11.55631  23.29105  1.000 28.88529  ?  11  PHE A O    1 
ATOM   16   C CB   . PHE A 1 35  ? 10.38589  11.87727  24.75719  1.000 28.57404  ?  11  PHE A CB   1 
ATOM   17   C CG   . PHE A 1 35  ? 10.75964  12.09258  23.31778  1.000 28.80072  ?  11  PHE A CG   1 
ATOM   18   C CD1  . PHE A 1 35  ? 10.86041  13.36686  22.78623  1.000 31.04962  ?  11  PHE A CD1  1 
ATOM   19   C CD2  . PHE A 1 35  ? 11.02032  11.00481  22.49639  1.000 27.32264  ?  11  PHE A CD2  1 
ATOM   20   C CE1  . PHE A 1 35  ? 11.21090  13.55680  21.44819  1.000 27.43244  ?  11  PHE A CE1  1 
ATOM   21   C CE2  . PHE A 1 35  ? 11.37570  11.18808  21.16341  1.000 24.86812  ?  11  PHE A CE2  1 
ATOM   22   C CZ   . PHE A 1 35  ? 11.47617  12.45627  20.64170  1.000 24.59286  ?  11  PHE A CZ   1 
ATOM   23   N N    . VAL A 1 36  ? 8.33166   9.77884   24.15161  1.000 25.66659  ?  12  VAL A N    1 
ATOM   24   C CA   . VAL A 1 36  ? 7.81223   8.90897   23.10516  1.000 21.04718  ?  12  VAL A CA   1 
ATOM   25   C C    . VAL A 1 36  ? 6.29443   8.87815   23.08384  1.000 26.56394  ?  12  VAL A C    1 
ATOM   26   O O    . VAL A 1 36  ? 5.69668   8.59811   22.03551  1.000 24.99744  ?  12  VAL A O    1 
ATOM   27   C CB   . VAL A 1 36  ? 8.39771   7.49030   23.24293  1.000 22.80695  ?  12  VAL A CB   1 
ATOM   28   C CG1  . VAL A 1 36  ? 7.73906   6.71192   24.37249  1.000 25.95560  ?  12  VAL A CG1  1 
ATOM   29   C CG2  . VAL A 1 36  ? 8.25911   6.75132   21.92535  1.000 25.05665  ?  12  VAL A CG2  1 
ATOM   30   N N    . ASP A 1 37  ? 5.64684   9.18981   24.20772  1.000 26.28500  ?  13  ASP A N    1 
ATOM   31   C CA   . ASP A 1 37  ? 4.18975   9.12331   24.25444  1.000 29.35840  ?  13  ASP A CA   1 
ATOM   32   C C    . ASP A 1 37  ? 3.54211   10.11498  23.30647  1.000 24.07301  ?  13  ASP A C    1 
ATOM   33   O O    . ASP A 1 37  ? 2.41341   9.88380   22.85169  1.000 28.41141  ?  13  ASP A O    1 
ATOM   34   C CB   . ASP A 1 37  ? 3.68422   9.38564   25.67723  1.000 34.61425  ?  13  ASP A CB   1 
ATOM   35   C CG   . ASP A 1 37  ? 4.00973   8.25378   26.63371  1.000 55.87056  ?  13  ASP A CG   1 
ATOM   36   O OD1  . ASP A 1 37  ? 4.20559   7.11117   26.16300  1.000 47.06919  ?  13  ASP A OD1  1 
ATOM   37   O OD2  . ASP A 1 37  ? 4.06899   8.51389   27.85561  1.000 51.06185  -1 13  ASP A OD2  1 
ATOM   38   N N    A ASP A 1 38  ? 4.21705   11.22277  22.99554  0.488 23.70741  ?  14  ASP A N    1 
ATOM   39   N N    B ASP A 1 38  ? 4.21904   11.22369  22.99444  0.512 23.70757  ?  14  ASP A N    1 
ATOM   40   C CA   A ASP A 1 38  ? 3.58377   12.21948  22.14406  0.488 28.01725  ?  14  ASP A CA   1 
ATOM   41   C CA   B ASP A 1 38  ? 3.59928   12.25536  22.17837  0.512 28.06477  ?  14  ASP A CA   1 
ATOM   42   C C    A ASP A 1 38  ? 4.52242   12.67577  21.03949  0.488 27.10110  ?  14  ASP A C    1 
ATOM   43   C C    B ASP A 1 38  ? 4.33861   12.52394  20.87815  0.512 27.18016  ?  14  ASP A C    1 
ATOM   44   O O    A ASP A 1 38  ? 4.44228   13.81673  20.57539  0.488 25.64897  ?  14  ASP A O    1 
ATOM   45   O O    B ASP A 1 38  ? 3.90082   13.38166  20.10275  0.512 26.14457  ?  14  ASP A O    1 
ATOM   46   C CB   A ASP A 1 38  ? 3.10049   13.41159  22.96782  0.488 28.78052  ?  14  ASP A CB   1 
ATOM   47   C CB   B ASP A 1 38  ? 3.47192   13.55858  22.98671  0.512 32.19012  ?  14  ASP A CB   1 
ATOM   48   C CG   A ASP A 1 38  ? 4.21258   14.37881  23.26972  0.488 30.67238  ?  14  ASP A CG   1 
ATOM   49   C CG   B ASP A 1 38  ? 2.40267   14.48953  22.44108  0.512 37.12811  ?  14  ASP A CG   1 
ATOM   50   O OD1  A ASP A 1 38  ? 4.04071   15.59169  23.02263  0.488 46.05307  ?  14  ASP A OD1  1 
ATOM   51   O OD1  B ASP A 1 38  ? 1.33211   13.99895  22.01751  0.512 38.30803  ?  14  ASP A OD1  1 
ATOM   52   O OD2  A ASP A 1 38  ? 5.26827   13.91596  23.73338  0.488 35.13676  -1 14  ASP A OD2  1 
ATOM   53   O OD2  B ASP A 1 38  ? 2.62894   15.71706  22.45788  0.512 40.75229  -1 14  ASP A OD2  1 
ATOM   54   N N    . TYR A 1 39  ? 5.42014   11.79571  20.60269  1.000 21.02714  ?  15  TYR A N    1 
ATOM   55   C CA   . TYR A 1 39  ? 6.30708   12.11360  19.49377  1.000 19.93312  ?  15  TYR A CA   1 
ATOM   56   C C    . TYR A 1 39  ? 5.67549   11.62362  18.19009  1.000 19.97257  ?  15  TYR A C    1 
ATOM   57   O O    . TYR A 1 39  ? 5.50500   10.41254  18.00055  1.000 19.79835  ?  15  TYR A O    1 
ATOM   58   C CB   . TYR A 1 39  ? 7.66755   11.46040  19.74724  1.000 20.53103  ?  15  TYR A CB   1 
ATOM   59   C CG   . TYR A 1 39  ? 8.68296   11.68379  18.67507  1.000 20.15227  ?  15  TYR A CG   1 
ATOM   60   C CD1  . TYR A 1 39  ? 8.97335   12.95371  18.21230  1.000 20.79119  ?  15  TYR A CD1  1 
ATOM   61   C CD2  . TYR A 1 39  ? 9.35853   10.59820  18.10376  1.000 20.06300  ?  15  TYR A CD2  1 
ATOM   62   C CE1  . TYR A 1 39  ? 9.92947   13.15442  17.22411  1.000 18.35287  ?  15  TYR A CE1  1 
ATOM   63   C CE2  . TYR A 1 39  ? 10.32318  10.79142  17.11109  1.000 20.96322  ?  15  TYR A CE2  1 
ATOM   64   C CZ   . TYR A 1 39  ? 10.59605  12.06121  16.67748  1.000 18.20800  ?  15  TYR A CZ   1 
ATOM   65   O OH   . TYR A 1 39  ? 11.53559  12.20737  15.68018  1.000 20.20828  ?  15  TYR A OH   1 
ATOM   66   N N    . LEU A 1 40  ? 5.33644   12.56470  17.29900  1.000 19.71127  ?  16  LEU A N    1 
ATOM   67   C CA   . LEU A 1 40  ? 4.56672   12.22654  16.09891  1.000 19.19872  ?  16  LEU A CA   1 
ATOM   68   C C    . LEU A 1 40  ? 5.14978   11.06585  15.31339  1.000 17.99649  ?  16  LEU A C    1 
ATOM   69   O O    . LEU A 1 40  ? 4.37888   10.18325  14.91649  1.000 17.84686  ?  16  LEU A O    1 
ATOM   70   C CB   . LEU A 1 40  ? 4.43469   13.44157  15.17216  1.000 20.73751  ?  16  LEU A CB   1 
ATOM   71   C CG   . LEU A 1 40  ? 3.67645   13.13230  13.86695  1.000 22.20783  ?  16  LEU A CG   1 
ATOM   72   C CD1  . LEU A 1 40  ? 2.21554   12.74970  14.12741  1.000 25.53222  ?  16  LEU A CD1  1 
ATOM   73   C CD2  . LEU A 1 40  ? 3.77214   14.30185  12.89532  1.000 25.53189  ?  16  LEU A CD2  1 
ATOM   74   N N    . PRO A 1 41  ? 6.44081   11.02408  14.98741  1.000 17.49052  ?  17  PRO A N    1 
ATOM   75   C CA   . PRO A 1 41  ? 6.91260   9.90354   14.16537  1.000 16.88851  ?  17  PRO A CA   1 
ATOM   76   C C    . PRO A 1 41  ? 6.73126   8.56212   14.84807  1.000 16.96342  ?  17  PRO A C    1 
ATOM   77   O O    . PRO A 1 41  ? 6.42225   7.55742   14.17986  1.000 17.78702  ?  17  PRO A O    1 
ATOM   78   C CB   . PRO A 1 41  ? 8.39679   10.24095  13.92106  1.000 18.41387  ?  17  PRO A CB   1 
ATOM   79   C CG   . PRO A 1 41  ? 8.45496   11.75884  14.07659  1.000 19.55567  ?  17  PRO A CG   1 
ATOM   80   C CD   . PRO A 1 41  ? 7.48851   12.04728  15.18343  1.000 17.80863  ?  17  PRO A CD   1 
ATOM   81   N N    . ALA A 1 42  ? 6.89841   8.51685   16.17533  1.000 17.52578  ?  18  ALA A N    1 
ATOM   82   C CA   . ALA A 1 42  ? 6.65207   7.25911   16.86411  1.000 16.51673  ?  18  ALA A CA   1 
ATOM   83   C C    . ALA A 1 42  ? 5.17666   6.89376   16.82652  1.000 17.93268  ?  18  ALA A C    1 
ATOM   84   O O    . ALA A 1 42  ? 4.82379   5.71363   16.64070  1.000 17.63712  ?  18  ALA A O    1 
ATOM   85   C CB   . ALA A 1 42  ? 7.14346   7.33485   18.30881  1.000 18.25672  ?  18  ALA A CB   1 
ATOM   86   N N    . LEU A 1 43  ? 4.28868   7.88657   16.99329  1.000 17.36226  ?  19  LEU A N    1 
ATOM   87   C CA   . LEU A 1 43  ? 2.85977   7.58386   16.94285  1.000 15.95904  ?  19  LEU A CA   1 
ATOM   88   C C    . LEU A 1 43  ? 2.44242   7.09077   15.56716  1.000 16.07727  ?  19  LEU A C    1 
ATOM   89   O O    . LEU A 1 43  ? 1.69436   6.11730   15.45194  1.000 17.23563  ?  19  LEU A O    1 
ATOM   90   C CB   . LEU A 1 43  ? 2.03152   8.81687   17.30246  1.000 16.79764  ?  19  LEU A CB   1 
ATOM   91   C CG   . LEU A 1 43  ? 2.22062   9.33728   18.72785  1.000 21.24713  ?  19  LEU A CG   1 
ATOM   92   C CD1  . LEU A 1 43  ? 1.50647   10.70206  18.85901  1.000 23.73500  ?  19  LEU A CD1  1 
ATOM   93   C CD2  . LEU A 1 43  ? 1.66304   8.32656   19.71425  1.000 25.93647  ?  19  LEU A CD2  1 
ATOM   94   N N    . LEU A 1 44  ? 2.91014   7.75685   14.51356  1.000 17.29915  ?  20  LEU A N    1 
ATOM   95   C CA   . LEU A 1 44  ? 2.57833   7.31979   13.16182  1.000 19.78136  ?  20  LEU A CA   1 
ATOM   96   C C    . LEU A 1 44  ? 3.06272   5.90528   12.91152  1.000 18.00192  ?  20  LEU A C    1 
ATOM   97   O O    . LEU A 1 44  ? 2.33069   5.08549   12.33458  1.000 17.02359  ?  20  LEU A O    1 
ATOM   98   C CB   . LEU A 1 44  ? 3.20007   8.25551   12.13597  1.000 18.09766  ?  20  LEU A CB   1 
ATOM   99   C CG   . LEU A 1 44  ? 2.53113   9.60779   11.92027  1.000 17.84974  ?  20  LEU A CG   1 
ATOM   100  C CD1  . LEU A 1 44  ? 3.47747   10.46412  11.09975  1.000 20.33781  ?  20  LEU A CD1  1 
ATOM   101  C CD2  . LEU A 1 44  ? 1.19959   9.41280   11.19129  1.000 20.55975  ?  20  LEU A CD2  1 
ATOM   102  N N    . ALA A 1 45  ? 4.29657   5.60040   13.33518  1.000 16.26917  ?  21  ALA A N    1 
ATOM   103  C CA   . ALA A 1 45  ? 4.86448   4.29922   13.01488  1.000 16.90080  ?  21  ALA A CA   1 
ATOM   104  C C    . ALA A 1 45  ? 4.16511   3.18117   13.77117  1.000 16.24314  ?  21  ALA A C    1 
ATOM   105  O O    . ALA A 1 45  ? 3.91661   2.10407   13.21087  1.000 17.11335  ?  21  ALA A O    1 
ATOM   106  C CB   . ALA A 1 45  ? 6.37530   4.31302   13.29109  1.000 16.74779  ?  21  ALA A CB   1 
ATOM   107  N N    . GLN A 1 46  ? 3.79673   3.42568   15.04138  1.000 16.25654  ?  22  GLN A N    1 
ATOM   108  C CA   . GLN A 1 46  ? 3.07794   2.38851   15.77920  1.000 16.53447  ?  22  GLN A CA   1 
ATOM   109  C C    . GLN A 1 46  ? 1.67599   2.16341   15.22241  1.000 15.22916  ?  22  GLN A C    1 
ATOM   110  O O    . GLN A 1 46  ? 1.24516   1.00996   15.03989  1.000 17.05195  ?  22  GLN A O    1 
ATOM   111  C CB   . GLN A 1 46  ? 2.97667   2.77057   17.25561  1.000 17.31700  ?  22  GLN A CB   1 
ATOM   112  C CG   . GLN A 1 46  ? 4.31937   2.77897   18.00719  1.000 16.58090  ?  22  GLN A CG   1 
ATOM   113  C CD   . GLN A 1 46  ? 4.15278   3.46589   19.35013  1.000 20.03330  ?  22  GLN A CD   1 
ATOM   114  O OE1  . GLN A 1 46  ? 4.49232   4.64174   19.50741  1.000 25.40367  ?  22  GLN A OE1  1 
ATOM   115  N NE2  . GLN A 1 46  ? 3.55443   2.76310   20.29721  1.000 18.29488  ?  22  GLN A NE2  1 
ATOM   116  N N    . ALA A 1 47  ? 0.92979   3.25203   14.98078  1.000 15.09782  ?  23  ALA A N    1 
ATOM   117  C CA   . ALA A 1 47  ? -0.41210  3.08456   14.43690  1.000 14.68413  ?  23  ALA A CA   1 
ATOM   118  C C    . ALA A 1 47  ? -0.37111  2.35505   13.10342  1.000 16.68493  ?  23  ALA A C    1 
ATOM   119  O O    . ALA A 1 47  ? -1.16319  1.42771   12.84179  1.000 17.87716  ?  23  ALA A O    1 
ATOM   120  C CB   . ALA A 1 47  ? -1.07098  4.44663   14.29571  1.000 17.77322  ?  23  ALA A CB   1 
ATOM   121  N N    . SER A 1 48  ? 0.59428   2.72136   12.27103  1.000 16.77812  ?  24  SER A N    1 
ATOM   122  C CA   . SER A 1 48  ? 0.69535   2.10999   10.95554  1.000 19.09812  ?  24  SER A CA   1 
ATOM   123  C C    . SER A 1 48  ? 1.00937   0.62494   11.08585  1.000 17.51651  ?  24  SER A C    1 
ATOM   124  O O    . SER A 1 48  ? 0.36198   -0.21550  10.44727  1.000 17.96662  ?  24  SER A O    1 
ATOM   125  C CB   . SER A 1 48  ? 1.76547   2.85064   10.14108  1.000 17.39133  ?  24  SER A CB   1 
ATOM   126  O OG   . SER A 1 48  ? 2.07589   2.15472   8.94761   1.000 19.13774  ?  24  SER A OG   1 
ATOM   127  N N    A GLN A 1 49  ? 1.99428   0.26550   11.92333  0.816 15.95403  ?  25  GLN A N    1 
ATOM   128  N N    B GLN A 1 49  ? 1.98896   0.28522   11.93292  0.184 16.22003  ?  25  GLN A N    1 
ATOM   129  C CA   A GLN A 1 49  ? 2.33226   -1.14853  12.04256  0.816 16.60825  ?  25  GLN A CA   1 
ATOM   130  C CA   B GLN A 1 49  ? 2.37716   -1.10741  12.11430  0.184 16.79848  ?  25  GLN A CA   1 
ATOM   131  C C    A GLN A 1 49  ? 1.15324   -1.96150  12.56825  0.816 18.28533  ?  25  GLN A C    1 
ATOM   132  C C    B GLN A 1 49  ? 1.20082   -1.95536  12.58657  0.184 18.37385  ?  25  GLN A C    1 
ATOM   133  O O    A GLN A 1 49  ? 0.87625   -3.05619  12.06816  0.816 17.22274  ?  25  GLN A O    1 
ATOM   134  O O    B GLN A 1 49  ? 0.93623   -3.02988  12.03572  0.184 17.46868  ?  25  GLN A O    1 
ATOM   135  C CB   A GLN A 1 49  ? 3.55841   -1.32291  12.94468  0.816 18.05544  ?  25  GLN A CB   1 
ATOM   136  C CB   B GLN A 1 49  ? 3.54559   -1.19048  13.10474  0.184 17.71255  ?  25  GLN A CB   1 
ATOM   137  C CG   A GLN A 1 49  ? 3.92323   -2.80488  13.16200  0.816 19.84516  ?  25  GLN A CG   1 
ATOM   138  C CG   B GLN A 1 49  ? 3.77550   -2.58056  13.68227  0.184 20.50416  ?  25  GLN A CG   1 
ATOM   139  C CD   A GLN A 1 49  ? 3.25246   -3.40079  14.39287  0.816 20.55031  ?  25  GLN A CD   1 
ATOM   140  C CD   B GLN A 1 49  ? 3.88360   -3.63158  12.60336  0.184 18.84592  ?  25  GLN A CD   1 
ATOM   141  O OE1  A GLN A 1 49  ? 3.32935   -2.84009  15.48480  0.816 23.55073  ?  25  GLN A OE1  1 
ATOM   142  O OE1  B GLN A 1 49  ? 4.28845   -3.33771  11.47650  0.184 22.28687  ?  25  GLN A OE1  1 
ATOM   143  N NE2  A GLN A 1 49  ? 2.59432   -4.53764  14.22368  0.816 23.78567  ?  25  GLN A NE2  1 
ATOM   144  N NE2  B GLN A 1 49  ? 3.52723   -4.86804  12.94039  0.184 21.10161  ?  25  GLN A NE2  1 
ATOM   145  N N    A LEU A 1 50  ? 0.43171   -1.43847  13.56506  0.816 18.12803  ?  26  LEU A N    1 
ATOM   146  N N    B LEU A 1 50  ? 0.47816   -1.48772  13.60783  0.184 18.22099  ?  26  LEU A N    1 
ATOM   147  C CA   A LEU A 1 50  ? -0.60421  -2.25437  14.19580  0.816 17.88257  ?  26  LEU A CA   1 
ATOM   148  C CA   B LEU A 1 50  ? -0.60643  -2.29564  14.16191  0.184 17.94204  ?  26  LEU A CA   1 
ATOM   149  C C    A LEU A 1 50  ? -1.78053  -2.49579  13.24844  0.816 17.13004  ?  26  LEU A C    1 
ATOM   150  C C    B LEU A 1 50  ? -1.69969  -2.53282  13.12721  0.184 17.44841  ?  26  LEU A C    1 
ATOM   151  O O    A LEU A 1 50  ? -2.28039  -3.63151  13.11240  0.816 18.20024  ?  26  LEU A O    1 
ATOM   152  O O    B LEU A 1 50  ? -2.09553  -3.68433  12.84952  0.184 21.14970  ?  26  LEU A O    1 
ATOM   153  C CB   A LEU A 1 50  ? -1.06453  -1.57126  15.49421  0.816 17.17291  ?  26  LEU A CB   1 
ATOM   154  C CB   B LEU A 1 50  ? -1.18719  -1.60773  15.40048  0.184 17.73610  ?  26  LEU A CB   1 
ATOM   155  C CG   A LEU A 1 50  ? -0.02639  -1.52781  16.61763  0.816 18.14288  ?  26  LEU A CG   1 
ATOM   156  C CG   B LEU A 1 50  ? -0.43221  -1.74766  16.72213  0.184 19.62892  ?  26  LEU A CG   1 
ATOM   157  C CD1  A LEU A 1 50  ? -0.34258  -0.47966  17.70381  0.816 20.77544  ?  26  LEU A CD1  1 
ATOM   158  C CD1  B LEU A 1 50  ? 1.06019   -1.57533  16.51757  0.184 21.27433  ?  26  LEU A CD1  1 
ATOM   159  C CD2  A LEU A 1 50  ? 0.06864   -2.92224  17.23793  0.816 18.40056  ?  26  LEU A CD2  1 
ATOM   160  C CD2  B LEU A 1 50  ? -0.94857  -0.74700  17.74811  0.184 18.99660  ?  26  LEU A CD2  1 
ATOM   161  N N    . ILE A 1 51  ? -2.21760  -1.44561  12.55042  1.000 19.41161  ?  27  ILE A N    1 
ATOM   162  C CA   . ILE A 1 51  ? -3.35292  -1.60015  11.64506  1.000 18.53687  ?  27  ILE A CA   1 
ATOM   163  C C    . ILE A 1 51  ? -2.97039  -2.44949  10.44194  1.000 19.07641  ?  27  ILE A C    1 
ATOM   164  O O    . ILE A 1 51  ? -3.73083  -3.34589  10.00788  1.000 20.26800  ?  27  ILE A O    1 
ATOM   165  C CB   . ILE A 1 51  ? -3.86499  -0.22407  11.23441  1.000 18.85363  ?  27  ILE A CB   1 
ATOM   166  C CG1  . ILE A 1 51  ? -4.52479  0.41220   12.44716  1.000 20.35098  ?  27  ILE A CG1  1 
ATOM   167  C CG2  . ILE A 1 51  ? -4.83974  -0.32583  10.10316  1.000 23.86397  ?  27  ILE A CG2  1 
ATOM   168  C CD1  . ILE A 1 51  ? -4.74292  1.80836   12.22040  1.000 27.65612  ?  27  ILE A CD1  1 
ATOM   169  N N    . SER A 1 52  ? -1.77610  -2.20609  9.89027   1.000 18.86065  ?  28  SER A N    1 
ATOM   170  C CA   . SER A 1 52  ? -1.35381  -2.97775  8.73104   1.000 18.78397  ?  28  SER A CA   1 
ATOM   171  C C    . SER A 1 52  ? -1.16125  -4.44608  9.07496   1.000 18.05477  ?  28  SER A C    1 
ATOM   172  O O    . SER A 1 52  ? -1.51091  -5.31351  8.27887   1.000 20.36891  ?  28  SER A O    1 
ATOM   173  C CB   . SER A 1 52  ? -0.07275  -2.38728  8.13940   1.000 20.08259  ?  28  SER A CB   1 
ATOM   174  O OG   . SER A 1 52  ? -0.36434  -1.15899  7.46910   1.000 21.20096  ?  28  SER A OG   1 
ATOM   175  N N    A SER A 1 53  ? -0.62093  -4.74422  10.26332  0.599 18.18157  ?  29  SER A N    1 
ATOM   176  N N    B SER A 1 53  ? -0.58476  -4.74755  10.24223  0.147 18.41280  ?  29  SER A N    1 
ATOM   177  N N    C SER A 1 53  ? -0.59387  -4.74233  10.24742  0.254 18.38326  ?  29  SER A N    1 
ATOM   178  C CA   A SER A 1 53  ? -0.37960  -6.14699  10.60279  0.599 20.76949  ?  29  SER A CA   1 
ATOM   179  C CA   B SER A 1 53  ? -0.38048  -6.15401  10.58806  0.147 20.71334  ?  29  SER A CA   1 
ATOM   180  C CA   C SER A 1 53  ? -0.38034  -6.14387  10.59951  0.254 20.72362  ?  29  SER A CA   1 
ATOM   181  C C    A SER A 1 53  ? -1.68821  -6.92157  10.64574  0.599 19.81224  ?  29  SER A C    1 
ATOM   182  C C    B SER A 1 53  ? -1.70707  -6.90214  10.59156  0.147 19.90824  ?  29  SER A C    1 
ATOM   183  C C    C SER A 1 53  ? -1.70075  -6.90225  10.60468  0.254 19.89723  ?  29  SER A C    1 
ATOM   184  O O    A SER A 1 53  ? -1.75909  -8.09046  10.20955  0.599 21.35781  ?  29  SER A O    1 
ATOM   185  O O    B SER A 1 53  ? -1.80308  -8.03984  10.08877  0.147 21.70479  ?  29  SER A O    1 
ATOM   186  O O    C SER A 1 53  ? -1.78671  -8.04821  10.11589  0.254 21.64308  ?  29  SER A O    1 
ATOM   187  C CB   A SER A 1 53  ? 0.35835   -6.24930  11.93692  0.599 20.67856  ?  29  SER A CB   1 
ATOM   188  C CB   B SER A 1 53  ? 0.30960   -6.27361  11.94676  0.147 20.76986  ?  29  SER A CB   1 
ATOM   189  C CB   C SER A 1 53  ? 0.30862   -6.24293  11.95969  0.254 20.74221  ?  29  SER A CB   1 
ATOM   190  O OG   A SER A 1 53  ? 1.70233   -5.83861  11.77961  0.599 19.94447  ?  29  SER A OG   1 
ATOM   191  O OG   B SER A 1 53  ? -0.50353  -5.74029  12.97492  0.147 22.95809  ?  29  SER A OG   1 
ATOM   192  O OG   C SER A 1 53  ? 0.38913   -7.59158  12.38295  0.254 21.47898  ?  29  SER A OG   1 
ATOM   193  N N    . GLU A 1 54  ? -2.74790  -6.26542  11.14405  1.000 19.66053  ?  30  GLU A N    1 
ATOM   194  C CA   . GLU A 1 54  ? -4.07331  -6.87365  11.10643  1.000 19.72482  ?  30  GLU A CA   1 
ATOM   195  C C    . GLU A 1 54  ? -4.47018  -7.26981  9.68863   1.000 20.87731  ?  30  GLU A C    1 
ATOM   196  O O    . GLU A 1 54  ? -4.92642  -8.40334  9.44687   1.000 22.16315  ?  30  GLU A O    1 
ATOM   197  C CB   . GLU A 1 54  ? -5.11561  -5.90462  11.67270  1.000 20.31343  ?  30  GLU A CB   1 
ATOM   198  C CG   . GLU A 1 54  ? -5.02559  -5.75371  13.16620  1.000 22.79753  ?  30  GLU A CG   1 
ATOM   199  C CD   . GLU A 1 54  ? -6.05299  -4.78287  13.69819  1.000 25.67172  ?  30  GLU A CD   1 
ATOM   200  O OE1  . GLU A 1 54  ? -6.88721  -4.27266  12.92045  1.000 26.10597  ?  30  GLU A OE1  1 
ATOM   201  O OE2  . GLU A 1 54  ? -6.00870  -4.52047  14.91405  1.000 23.47265  -1 30  GLU A OE2  1 
ATOM   202  N N    . PHE A 1 55  ? -4.34337  -6.33968  8.73427   1.000 19.48208  ?  31  PHE A N    1 
ATOM   203  C CA   . PHE A 1 55  ? -4.79738  -6.73854  7.40554   1.000 17.18892  ?  31  PHE A CA   1 
ATOM   204  C C    . PHE A 1 55  ? -3.82125  -7.69479  6.72319   1.000 18.66156  ?  31  PHE A C    1 
ATOM   205  O O    . PHE A 1 55  ? -4.23061  -8.52961  5.89924   1.000 19.95425  ?  31  PHE A O    1 
ATOM   206  C CB   . PHE A 1 55  ? -5.05492  -5.56320  6.46810   1.000 19.11894  ?  31  PHE A CB   1 
ATOM   207  C CG   . PHE A 1 55  ? -5.81246  -6.01388  5.24701   1.000 18.15383  ?  31  PHE A CG   1 
ATOM   208  C CD1  . PHE A 1 55  ? -7.13137  -6.41534  5.38639   1.000 21.00207  ?  31  PHE A CD1  1 
ATOM   209  C CD2  . PHE A 1 55  ? -5.19324  -6.14227  4.01853   1.000 21.76839  ?  31  PHE A CD2  1 
ATOM   210  C CE1  . PHE A 1 55  ? -7.85339  -6.92537  4.30623   1.000 21.98314  ?  31  PHE A CE1  1 
ATOM   211  C CE2  . PHE A 1 55  ? -5.91373  -6.65010  2.91571   1.000 22.25703  ?  31  PHE A CE2  1 
ATOM   212  C CZ   . PHE A 1 55  ? -7.25147  -7.02850  3.07578   1.000 23.62558  ?  31  PHE A CZ   1 
ATOM   213  N N    . HIS A 1 56  ? -2.53534  -7.61170  7.05380   1.000 17.68449  ?  32  HIS A N    1 
ATOM   214  C CA   . HIS A 1 56  ? -1.58787  -8.53061  6.42993   1.000 18.51615  ?  32  HIS A CA   1 
ATOM   215  C C    . HIS A 1 56  ? -1.93602  -9.96673  6.75244   1.000 18.98770  ?  32  HIS A C    1 
ATOM   216  O O    . HIS A 1 56  ? -1.67470  -10.86388 5.93223   1.000 21.19801  ?  32  HIS A O    1 
ATOM   217  C CB   . HIS A 1 56  ? -0.17320  -8.19962  6.89539   1.000 18.38309  ?  32  HIS A CB   1 
ATOM   218  C CG   . HIS A 1 56  ? 0.32984   -6.89049  6.39756   1.000 20.09812  ?  32  HIS A CG   1 
ATOM   219  N ND1  . HIS A 1 56  ? 1.47362   -6.31876  6.90290   1.000 21.73102  ?  32  HIS A ND1  1 
ATOM   220  C CD2  . HIS A 1 56  ? -0.12920  -6.04603  5.44188   1.000 20.02309  ?  32  HIS A CD2  1 
ATOM   221  C CE1  . HIS A 1 56  ? 1.69340   -5.16008  6.29800   1.000 20.96724  ?  32  HIS A CE1  1 
ATOM   222  N NE2  . HIS A 1 56  ? 0.73471   -4.97131  5.40543   1.000 20.35463  ?  32  HIS A NE2  1 
ATOM   223  N N    . GLU A 1 57  ? -2.48493  -10.21313 7.94964   1.000 20.76272  ?  33  GLU A N    1 
ATOM   224  C CA   A GLU A 1 57  ? -2.93830  -11.57724 8.23408   0.508 22.32058  ?  33  GLU A CA   1 
ATOM   225  C CA   B GLU A 1 57  ? -2.95024  -11.57240 8.24565   0.492 22.35855  ?  33  GLU A CA   1 
ATOM   226  C C    . GLU A 1 57  ? -3.96837  -12.05640 7.20881   1.000 22.58130  ?  33  GLU A C    1 
ATOM   227  O O    . GLU A 1 57  ? -3.89325  -13.19918 6.70991   1.000 23.93888  ?  33  GLU A O    1 
ATOM   228  C CB   A GLU A 1 57  ? -3.50414  -11.64970 9.64763   0.508 24.26566  ?  33  GLU A CB   1 
ATOM   229  C CB   B GLU A 1 57  ? -3.54932  -11.62416 9.65099   0.492 24.24651  ?  33  GLU A CB   1 
ATOM   230  C CG   A GLU A 1 57  ? -2.45469  -11.37653 10.70052  0.508 22.83525  ?  33  GLU A CG   1 
ATOM   231  C CG   B GLU A 1 57  ? -4.15687  -12.96606 10.02093  0.492 28.84051  ?  33  GLU A CG   1 
ATOM   232  C CD   A GLU A 1 57  ? -2.95751  -11.62162 12.10741  0.508 40.67246  ?  33  GLU A CD   1 
ATOM   233  C CD   B GLU A 1 57  ? -3.11413  -14.03301 10.28073  0.492 38.27978  ?  33  GLU A CD   1 
ATOM   234  O OE1  A GLU A 1 57  ? -2.38130  -11.04089 13.05239  0.508 42.28922  ?  33  GLU A OE1  1 
ATOM   235  O OE1  B GLU A 1 57  ? -1.94000  -13.68186 10.52414  0.492 39.96154  ?  33  GLU A OE1  1 
ATOM   236  O OE2  A GLU A 1 57  ? -3.93115  -12.38799 12.26303  0.508 44.10371  -1 33  GLU A OE2  1 
ATOM   237  O OE2  B GLU A 1 57  ? -3.47036  -15.22955 10.23237  0.492 40.43575  -1 33  GLU A OE2  1 
ATOM   238  N N    . VAL A 1 58  ? -4.93631  -11.20438 6.87564   1.000 21.76989  ?  34  VAL A N    1 
ATOM   239  C CA   . VAL A 1 58  ? -5.94620  -11.54403 5.86961   1.000 21.75602  ?  34  VAL A CA   1 
ATOM   240  C C    . VAL A 1 58  ? -5.29730  -11.75201 4.50743   1.000 23.92614  ?  34  VAL A C    1 
ATOM   241  O O    . VAL A 1 58  ? -5.62730  -12.69266 3.76572   1.000 23.55467  ?  34  VAL A O    1 
ATOM   242  C CB   . VAL A 1 58  ? -7.01588  -10.43733 5.81519   1.000 21.23275  ?  34  VAL A CB   1 
ATOM   243  C CG1  . VAL A 1 58  ? -8.09119  -10.79692 4.80983   1.000 22.51515  ?  34  VAL A CG1  1 
ATOM   244  C CG2  . VAL A 1 58  ? -7.60397  -10.19718 7.19947   1.000 24.97013  ?  34  VAL A CG2  1 
ATOM   245  N N    . ALA A 1 59  ? -4.36827  -10.86662 4.14975   1.000 20.75283  ?  35  ALA A N    1 
ATOM   246  C CA   . ALA A 1 59  ? -3.71168  -10.98955 2.85334   1.000 19.18868  ?  35  ALA A CA   1 
ATOM   247  C C    . ALA A 1 59  ? -3.01451  -12.33951 2.71662   1.000 21.07986  ?  35  ALA A C    1 
ATOM   248  O O    . ALA A 1 59  ? -3.13944  -13.00827 1.68225   1.000 21.64374  ?  35  ALA A O    1 
ATOM   249  C CB   . ALA A 1 59  ? -2.72357  -9.83767  2.65109   1.000 20.43393  ?  35  ALA A CB   1 
ATOM   250  N N    A ARG A 1 60  ? -2.27625  -12.75679 3.75124   0.474 20.15370  ?  36  ARG A N    1 
ATOM   251  N N    B ARG A 1 60  ? -2.28925  -12.77074 3.75249   0.526 20.12649  ?  36  ARG A N    1 
ATOM   252  C CA   A ARG A 1 60  ? -1.55338  -14.02429 3.66246   0.474 20.38966  ?  36  ARG A CA   1 
ATOM   253  C CA   B ARG A 1 60  ? -1.62328  -14.07247 3.67327   0.526 20.30418  ?  36  ARG A CA   1 
ATOM   254  C C    A ARG A 1 60  ? -2.50261  -15.21286 3.65620   0.474 23.37243  ?  36  ARG A C    1 
ATOM   255  C C    B ARG A 1 60  ? -2.63468  -15.20736 3.62864   0.526 23.46069  ?  36  ARG A C    1 
ATOM   256  O O    A ARG A 1 60  ? -2.22221  -16.21749 2.98701   0.474 22.37874  ?  36  ARG A O    1 
ATOM   257  O O    B ARG A 1 60  ? -2.44391  -16.18626 2.89274   0.526 22.79149  ?  36  ARG A O    1 
ATOM   258  C CB   A ARG A 1 60  ? -0.54419  -14.14407 4.80191   0.474 21.24061  ?  36  ARG A CB   1 
ATOM   259  C CB   B ARG A 1 60  ? -0.67244  -14.25736 4.84755   0.526 20.65313  ?  36  ARG A CB   1 
ATOM   260  C CG   A ARG A 1 60  ? 0.69634   -13.27151 4.61147   0.474 21.32366  ?  36  ARG A CG   1 
ATOM   261  C CG   B ARG A 1 60  ? 0.49516   -13.29608 4.82757   0.526 21.12252  ?  36  ARG A CG   1 
ATOM   262  C CD   A ARG A 1 60  ? 1.74017   -13.51941 5.69655   0.474 22.55788  ?  36  ARG A CD   1 
ATOM   263  C CD   B ARG A 1 60  ? 1.47245   -13.58906 5.94032   0.526 21.69803  ?  36  ARG A CD   1 
ATOM   264  N NE   A ARG A 1 60  ? 1.25456   -13.13922 7.02282   0.474 22.68196  ?  36  ARG A NE   1 
ATOM   265  N NE   B ARG A 1 60  ? 2.36352   -12.44898 6.10920   0.526 20.26152  ?  36  ARG A NE   1 
ATOM   266  C CZ   A ARG A 1 60  ? 1.49326   -11.96027 7.59862   0.474 22.66463  ?  36  ARG A CZ   1 
ATOM   267  C CZ   B ARG A 1 60  ? 2.21532   -11.51636 7.04328   0.526 23.77247  ?  36  ARG A CZ   1 
ATOM   268  N NH1  A ARG A 1 60  ? 2.22381   -11.03907 6.97883   0.474 23.13818  ?  36  ARG A NH1  1 
ATOM   269  N NH1  B ARG A 1 60  ? 1.22880   -11.59588 7.92504   0.526 22.68511  ?  36  ARG A NH1  1 
ATOM   270  N NH2  A ARG A 1 60  ? 0.99610   -11.69896 8.79847   0.474 24.44397  ?  36  ARG A NH2  1 
ATOM   271  N NH2  B ARG A 1 60  ? 3.06042   -10.49992 7.09511   0.526 26.05545  ?  36  ARG A NH2  1 
ATOM   272  N N    A GLN A 1 61  ? -3.62722  -15.12762 4.38068   0.474 24.64237  ?  37  GLN A N    1 
ATOM   273  N N    B GLN A 1 61  ? -3.71433  -15.10107 4.41276   0.526 24.67035  ?  37  GLN A N    1 
ATOM   274  C CA   A GLN A 1 61  ? -4.59927  -16.21649 4.28824   0.474 24.66025  ?  37  GLN A CA   1 
ATOM   275  C CA   B GLN A 1 61  ? -4.77010  -16.10815 4.34196   0.526 25.45984  ?  37  GLN A CA   1 
ATOM   276  C C    A GLN A 1 61  ? -5.28341  -16.28429 2.92569   0.474 24.26859  ?  37  GLN A C    1 
ATOM   277  C C    B GLN A 1 61  ? -5.28423  -16.28002 2.92322   0.526 24.26408  ?  37  GLN A C    1 
ATOM   278  O O    A GLN A 1 61  ? -5.92558  -17.29942 2.62699   0.474 27.68667  ?  37  GLN A O    1 
ATOM   279  O O    B GLN A 1 61  ? -5.79614  -17.35055 2.57265   0.526 27.78596  ?  37  GLN A O    1 
ATOM   280  C CB   A GLN A 1 61  ? -5.65421  -16.09223 5.39280   0.474 25.54066  ?  37  GLN A CB   1 
ATOM   281  C CB   B GLN A 1 61  ? -5.92576  -15.72277 5.26445   0.526 25.51994  ?  37  GLN A CB   1 
ATOM   282  C CG   A GLN A 1 61  ? -5.13082  -16.31581 6.80458   0.474 30.16604  ?  37  GLN A CG   1 
ATOM   283  C CG   B GLN A 1 61  ? -5.68556  -16.00459 6.72617   0.526 31.45937  ?  37  GLN A CG   1 
ATOM   284  C CD   A GLN A 1 61  ? -4.26938  -17.56007 6.94445   0.474 32.10387  ?  37  GLN A CD   1 
ATOM   285  C CD   B GLN A 1 61  ? -6.93013  -15.77442 7.56221   0.526 40.09337  ?  37  GLN A CD   1 
ATOM   286  O OE1  A GLN A 1 61  ? -4.35496  -18.48500 6.13909   0.474 41.80486  ?  37  GLN A OE1  1 
ATOM   287  O OE1  B GLN A 1 61  ? -7.65587  -14.79838 7.36083   0.526 45.19689  ?  37  GLN A OE1  1 
ATOM   288  N NE2  A GLN A 1 61  ? -3.42087  -17.57600 7.96408   0.474 34.12360  ?  37  GLN A NE2  1 
ATOM   289  N NE2  B GLN A 1 61  ? -7.18820  -16.67680 8.50177   0.526 48.03128  ?  37  GLN A NE2  1 
ATOM   290  N N    . HIS A 1 62  ? -5.17743  -15.23781 2.10170   1.000 24.21456  ?  38  HIS A N    1 
ATOM   291  C CA   . HIS A 1 62  ? -5.62865  -15.27906 0.71922   1.000 22.23366  ?  38  HIS A CA   1 
ATOM   292  C C    . HIS A 1 62  ? -4.48681  -15.45215 -0.27375  1.000 21.38106  ?  38  HIS A C    1 
ATOM   293  O O    . HIS A 1 62  ? -4.66511  -15.16791 -1.46173  1.000 26.58901  ?  38  HIS A O    1 
ATOM   294  C CB   . HIS A 1 62  ? -6.43513  -14.02408 0.38761   1.000 25.35169  ?  38  HIS A CB   1 
ATOM   295  C CG   . HIS A 1 62  ? -7.76913  -13.99160 1.05720   1.000 27.54721  ?  38  HIS A CG   1 
ATOM   296  N ND1  . HIS A 1 62  ? -7.92466  -13.69755 2.39585   1.000 25.96811  ?  38  HIS A ND1  1 
ATOM   297  C CD2  . HIS A 1 62  ? -9.00576  -14.26820 0.58322   1.000 31.33253  ?  38  HIS A CD2  1 
ATOM   298  C CE1  . HIS A 1 62  ? -9.20811  -13.76852 2.71050   1.000 31.04417  ?  38  HIS A CE1  1 
ATOM   299  N NE2  . HIS A 1 62  ? -9.88243  -14.11203 1.63001   1.000 32.18397  ?  38  HIS A NE2  1 
ATOM   300  N N    . GLY A 1 63  ? -3.32927  -15.92246 0.19129   1.000 21.29173  ?  39  GLY A N    1 
ATOM   301  C CA   . GLY A 1 63  ? -2.20772  -16.26919 -0.67147  1.000 20.69445  ?  39  GLY A CA   1 
ATOM   302  C C    . GLY A 1 63  ? -1.31833  -15.12370 -1.11362  1.000 24.56355  ?  39  GLY A C    1 
ATOM   303  O O    . GLY A 1 63  ? -0.52076  -15.29931 -2.03136  1.000 25.15303  ?  39  GLY A O    1 
ATOM   304  N N    . PHE A 1 64  ? -1.39504  -13.96205 -0.47553  1.000 21.31927  ?  40  PHE A N    1 
ATOM   305  C CA   . PHE A 1 64  ? -0.60468  -12.80378 -0.87587  1.000 22.60849  ?  40  PHE A CA   1 
ATOM   306  C C    . PHE A 1 64  ? 0.49515   -12.54586 0.13618   1.000 19.93609  ?  40  PHE A C    1 
ATOM   307  O O    . PHE A 1 64  ? 0.25327   -12.60446 1.34550   1.000 21.75037  ?  40  PHE A O    1 
ATOM   308  C CB   . PHE A 1 64  ? -1.46103  -11.52845 -0.94612  1.000 19.30472  ?  40  PHE A CB   1 
ATOM   309  C CG   . PHE A 1 64  ? -2.18909  -11.34910 -2.22992  1.000 22.46271  ?  40  PHE A CG   1 
ATOM   310  C CD1  . PHE A 1 64  ? -3.29765  -12.12503 -2.52760  1.000 25.34043  ?  40  PHE A CD1  1 
ATOM   311  C CD2  . PHE A 1 64  ? -1.79754  -10.35926 -3.11634  1.000 24.06672  ?  40  PHE A CD2  1 
ATOM   312  C CE1  . PHE A 1 64  ? -3.98299  -11.95060 -3.73110  1.000 27.99306  ?  40  PHE A CE1  1 
ATOM   313  C CE2  . PHE A 1 64  ? -2.46841  -10.16676 -4.30956  1.000 28.34466  ?  40  PHE A CE2  1 
ATOM   314  C CZ   . PHE A 1 64  ? -3.56232  -10.96590 -4.62197  1.000 27.78991  ?  40  PHE A CZ   1 
ATOM   315  N N    . SER A 1 65  ? 1.68615   -12.20227 -0.35511  1.000 19.36432  ?  41  SER A N    1 
ATOM   316  C CA   . SER A 1 65  ? 2.67952   -11.58267 0.51479   1.000 20.45889  ?  41  SER A CA   1 
ATOM   317  C C    . SER A 1 65  ? 2.34884   -10.10576 0.68114   1.000 18.44059  ?  41  SER A C    1 
ATOM   318  O O    . SER A 1 65  ? 1.55438   -9.53617  -0.06613  1.000 19.47249  ?  41  SER A O    1 
ATOM   319  C CB   . SER A 1 65  ? 4.09179   -11.72830 -0.05610  1.000 22.38874  ?  41  SER A CB   1 
ATOM   320  O OG   . SER A 1 65  ? 4.28203   -10.85907 -1.16849  1.000 24.67197  ?  41  SER A OG   1 
ATOM   321  N N    . VAL A 1 66  ? 2.97812   -9.48336  1.67946   1.000 18.55062  ?  42  VAL A N    1 
ATOM   322  C CA   . VAL A 1 66  ? 2.75798   -8.05273  1.89588   1.000 17.83597  ?  42  VAL A CA   1 
ATOM   323  C C    . VAL A 1 66  ? 3.15618   -7.25474  0.65873   1.000 19.01224  ?  42  VAL A C    1 
ATOM   324  O O    . VAL A 1 66  ? 2.43050   -6.36031  0.21759   1.000 18.19629  ?  42  VAL A O    1 
ATOM   325  C CB   . VAL A 1 66  ? 3.52894   -7.58177  3.13631   1.000 17.60083  ?  42  VAL A CB   1 
ATOM   326  C CG1  . VAL A 1 66  ? 3.48766   -6.04522  3.25509   1.000 21.06352  ?  42  VAL A CG1  1 
ATOM   327  C CG2  . VAL A 1 66  ? 2.97697   -8.24073  4.39270   1.000 22.31513  ?  42  VAL A CG2  1 
ATOM   328  N N    A SER A 1 67  ? 4.32521   -7.56376  0.08945   0.774 20.17168  ?  43  SER A N    1 
ATOM   329  N N    B SER A 1 67  ? 4.32480   -7.56009  0.08542   0.226 20.28712  ?  43  SER A N    1 
ATOM   330  C CA   A SER A 1 67  ? 4.80261   -6.80051  -1.06187  0.774 19.62757  ?  43  SER A CA   1 
ATOM   331  C CA   B SER A 1 67  ? 4.79273   -6.78455  -1.06095  0.226 19.74867  ?  43  SER A CA   1 
ATOM   332  C C    A SER A 1 67  ? 3.91003   -6.99198  -2.27505  0.774 18.44275  ?  43  SER A C    1 
ATOM   333  C C    B SER A 1 67  ? 3.89611   -6.98707  -2.27608  0.226 18.62088  ?  43  SER A C    1 
ATOM   334  O O    A SER A 1 67  ? 3.62703   -6.02831  -2.99429  0.774 19.88513  ?  43  SER A O    1 
ATOM   335  O O    B SER A 1 67  ? 3.59425   -6.02717  -2.99436  0.226 19.91179  ?  43  SER A O    1 
ATOM   336  C CB   A SER A 1 67  ? 6.23906   -7.21241  -1.40324  0.774 22.19871  ?  43  SER A CB   1 
ATOM   337  C CB   B SER A 1 67  ? 6.24137   -7.15106  -1.39787  0.226 22.10059  ?  43  SER A CB   1 
ATOM   338  O OG   A SER A 1 67  ? 7.12389   -6.73324  -0.41388  0.774 24.79971  ?  43  SER A OG   1 
ATOM   339  O OG   B SER A 1 67  ? 6.42370   -8.55385  -1.42758  0.226 25.91735  ?  43  SER A OG   1 
ATOM   340  N N    . GLU A 1 68  ? 3.46025   -8.22598  -2.52354  1.000 19.74071  ?  44  GLU A N    1 
ATOM   341  C CA   . GLU A 1 68  ? 2.53225   -8.46412  -3.62602  1.000 21.41058  ?  44  GLU A CA   1 
ATOM   342  C C    . GLU A 1 68  ? 1.23824   -7.68421  -3.43112  1.000 19.95260  ?  44  GLU A C    1 
ATOM   343  O O    . GLU A 1 68  ? 0.70930   -7.09669  -4.37841  1.000 21.20588  ?  44  GLU A O    1 
ATOM   344  C CB   . GLU A 1 68  ? 2.24082   -9.96333  -3.75086  1.000 23.08148  ?  44  GLU A CB   1 
ATOM   345  C CG   . GLU A 1 68  ? 3.40979   -10.76589 -4.35851  1.000 25.56652  ?  44  GLU A CG   1 
ATOM   346  C CD   . GLU A 1 68  ? 3.53123   -12.19796 -3.83463  1.000 48.10057  ?  44  GLU A CD   1 
ATOM   347  O OE1  . GLU A 1 68  ? 2.57851   -12.69452 -3.19620  1.000 28.49649  ?  44  GLU A OE1  1 
ATOM   348  O OE2  . GLU A 1 68  ? 4.59839   -12.82898 -4.05400  1.000 51.44508  -1 44  GLU A OE2  1 
ATOM   349  N N    . TRP A 1 69  ? 0.69768   -7.70147  -2.21035  1.000 18.18508  ?  45  TRP A N    1 
ATOM   350  C CA   . TRP A 1 69  ? -0.50904  -6.94137  -1.90075  1.000 18.10327  ?  45  TRP A CA   1 
ATOM   351  C C    . TRP A 1 69  ? -0.29838  -5.45146  -2.16122  1.000 17.59173  ?  45  TRP A C    1 
ATOM   352  O O    . TRP A 1 69  ? -1.11610  -4.80169  -2.82542  1.000 19.46743  ?  45  TRP A O    1 
ATOM   353  C CB   . TRP A 1 69  ? -0.90832  -7.21822  -0.44792  1.000 20.01831  ?  45  TRP A CB   1 
ATOM   354  C CG   . TRP A 1 69  ? -1.79425  -6.17507  0.17806   1.000 17.95084  ?  45  TRP A CG   1 
ATOM   355  C CD1  . TRP A 1 69  ? -1.48524  -5.39549  1.24006   1.000 18.52766  ?  45  TRP A CD1  1 
ATOM   356  C CD2  . TRP A 1 69  ? -3.13196  -5.83119  -0.19971  1.000 18.82202  ?  45  TRP A CD2  1 
ATOM   357  N NE1  . TRP A 1 69  ? -2.54579  -4.57218  1.55365   1.000 19.19270  ?  45  TRP A NE1  1 
ATOM   358  C CE2  . TRP A 1 69  ? -3.56596  -4.81549  0.67306   1.000 19.88145  ?  45  TRP A CE2  1 
ATOM   359  C CE3  . TRP A 1 69  ? -3.99647  -6.27088  -1.20125  1.000 19.02520  ?  45  TRP A CE3  1 
ATOM   360  C CZ2  . TRP A 1 69  ? -4.83582  -4.23421  0.58405   1.000 20.87563  ?  45  TRP A CZ2  1 
ATOM   361  C CZ3  . TRP A 1 69  ? -5.26134  -5.69678  -1.28814  1.000 20.66060  ?  45  TRP A CZ3  1 
ATOM   362  C CH2  . TRP A 1 69  ? -5.66837  -4.69620  -0.40837  1.000 20.36079  ?  45  TRP A CH2  1 
ATOM   363  N N    . ARG A 1 70  ? 0.81515   -4.88914  -1.66655  1.000 17.65185  ?  46  ARG A N    1 
ATOM   364  C CA   . ARG A 1 70  ? 1.02293   -3.45568  -1.83847  1.000 17.58022  ?  46  ARG A CA   1 
ATOM   365  C C    . ARG A 1 70  ? 1.14437   -3.08713  -3.30744  1.000 17.59672  ?  46  ARG A C    1 
ATOM   366  O O    . ARG A 1 70  ? 0.58105   -2.07370  -3.73604  1.000 19.39557  ?  46  ARG A O    1 
ATOM   367  C CB   . ARG A 1 70  ? 2.27509   -2.99153  -1.09275  1.000 17.50248  ?  46  ARG A CB   1 
ATOM   368  C CG   . ARG A 1 70  ? 2.13777   -3.02518  0.41068   1.000 18.99803  ?  46  ARG A CG   1 
ATOM   369  C CD   . ARG A 1 70  ? 3.39931   -2.42229  1.01558   1.000 20.08044  ?  46  ARG A CD   1 
ATOM   370  N NE   . ARG A 1 70  ? 3.34134   -2.48439  2.47037   1.000 17.38823  ?  46  ARG A NE   1 
ATOM   371  C CZ   . ARG A 1 70  ? 4.30430   -2.01795  3.25938   1.000 22.35933  ?  46  ARG A CZ   1 
ATOM   372  N NH1  . ARG A 1 70  ? 5.37826   -1.45121  2.72571   1.000 25.37177  ?  46  ARG A NH1  1 
ATOM   373  N NH2  . ARG A 1 70  ? 4.18851   -2.10480  4.58461   1.000 25.25567  ?  46  ARG A NH2  1 
ATOM   374  N N    . VAL A 1 71  ? 1.87682   -3.89385  -4.09320  1.000 18.63649  ?  47  VAL A N    1 
ATOM   375  C CA   . VAL A 1 71  ? 2.04373   -3.56006  -5.51179  1.000 20.42449  ?  47  VAL A CA   1 
ATOM   376  C C    . VAL A 1 71  ? 0.71450   -3.67036  -6.25502  1.000 20.92131  ?  47  VAL A C    1 
ATOM   377  O O    . VAL A 1 71  ? 0.31043   -2.74791  -6.97367  1.000 21.66122  ?  47  VAL A O    1 
ATOM   378  C CB   . VAL A 1 71  ? 3.13232   -4.44431  -6.14823  1.000 18.90946  ?  47  VAL A CB   1 
ATOM   379  C CG1  . VAL A 1 71  ? 3.05804   -4.38420  -7.69261  1.000 22.44323  ?  47  VAL A CG1  1 
ATOM   380  C CG2  . VAL A 1 71  ? 4.50166   -3.97719  -5.69012  1.000 21.42723  ?  47  VAL A CG2  1 
ATOM   381  N N    . MET A 1 72  ? 0.00718   -4.78456  -6.08603  1.000 20.44896  ?  48  MET A N    1 
ATOM   382  C CA   . MET A 1 72  ? -1.22943  -4.94169  -6.85288  1.000 20.54390  ?  48  MET A CA   1 
ATOM   383  C C    . MET A 1 72  ? -2.28798  -3.93555  -6.41857  1.000 24.43482  ?  48  MET A C    1 
ATOM   384  O O    . MET A 1 72  ? -2.97883  -3.35385  -7.26223  1.000 24.00743  ?  48  MET A O    1 
ATOM   385  C CB   . MET A 1 72  ? -1.74422  -6.36674  -6.73927  1.000 21.75404  ?  48  MET A CB   1 
ATOM   386  C CG   . MET A 1 72  ? -1.11786  -7.25631  -7.78750  1.000 33.25468  ?  48  MET A CG   1 
ATOM   387  S SD   . MET A 1 72  ? -1.78128  -8.92920  -7.81457  1.000 28.27336  ?  48  MET A SD   1 
ATOM   388  C CE   . MET A 1 72  ? -0.55347  -9.75780  -6.83186  1.000 31.65081  ?  48  MET A CE   1 
ATOM   389  N N    . ALA A 1 73  ? -2.43354  -3.68998  -5.10601  1.000 20.47312  ?  49  ALA A N    1 
ATOM   390  C CA   . ALA A 1 73  ? -3.41497  -2.71096  -4.65598  1.000 21.20913  ?  49  ALA A CA   1 
ATOM   391  C C    . ALA A 1 73  ? -3.03509  -1.29887  -5.08757  1.000 22.98436  ?  49  ALA A C    1 
ATOM   392  O O    . ALA A 1 73  ? -3.92645  -0.47681  -5.34564  1.000 25.55619  ?  49  ALA A O    1 
ATOM   393  C CB   . ALA A 1 73  ? -3.56746  -2.80040  -3.12652  1.000 22.53868  ?  49  ALA A CB   1 
ATOM   394  N N    . SER A 1 74  ? -1.73570  -0.98120  -5.16035  1.000 21.41108  ?  50  SER A N    1 
ATOM   395  C CA   . SER A 1 74  ? -1.34747  0.35904   -5.58865  1.000 20.86801  ?  50  SER A CA   1 
ATOM   396  C C    . SER A 1 74  ? -1.57750  0.56530   -7.06871  1.000 25.13286  ?  50  SER A C    1 
ATOM   397  O O    . SER A 1 74  ? -1.83254  1.69451   -7.50211  1.000 26.07802  ?  50  SER A O    1 
ATOM   398  C CB   . SER A 1 74  ? 0.11604   0.63438   -5.27049  1.000 24.33102  ?  50  SER A CB   1 
ATOM   399  O OG   . SER A 1 74  ? 0.34460   0.52767   -3.87544  1.000 22.00937  ?  50  SER A OG   1 
ATOM   400  N N    . LEU A 1 75  ? -1.48603  -0.49839  -7.85559  1.000 22.30188  ?  51  LEU A N    1 
ATOM   401  C CA   . LEU A 1 75  ? -1.67771  -0.33692  -9.28651  1.000 24.62140  ?  51  LEU A CA   1 
ATOM   402  C C    . LEU A 1 75  ? -3.12711  -0.49703  -9.70298  1.000 26.79237  ?  51  LEU A C    1 
ATOM   403  O O    . LEU A 1 75  ? -3.48297  -0.10571  -10.82137 1.000 27.41210  ?  51  LEU A O    1 
ATOM   404  C CB   . LEU A 1 75  ? -0.79846  -1.34639  -10.03367 1.000 19.79726  ?  51  LEU A CB   1 
ATOM   405  C CG   . LEU A 1 75  ? 0.70949   -1.11869  -9.87587  1.000 22.39201  ?  51  LEU A CG   1 
ATOM   406  C CD1  . LEU A 1 75  ? 1.49422   -2.26190  -10.48084 1.000 23.51555  ?  51  LEU A CD1  1 
ATOM   407  C CD2  . LEU A 1 75  ? 1.16998   0.23528   -10.46397 1.000 26.90031  ?  51  LEU A CD2  1 
ATOM   408  N N    . ALA A 1 76  ? -3.96927  -1.05659  -8.84299  1.000 25.41505  ?  52  ALA A N    1 
ATOM   409  C CA   . ALA A 1 76  ? -5.35639  -1.30940  -9.22347  1.000 26.67575  ?  52  ALA A CA   1 
ATOM   410  C C    . ALA A 1 76  ? -6.08385  0.00042   -9.49934  1.000 32.75179  ?  52  ALA A C    1 
ATOM   411  O O    . ALA A 1 76  ? -6.06514  0.93057   -8.68859  1.000 30.81117  ?  52  ALA A O    1 
ATOM   412  C CB   . ALA A 1 76  ? -6.07771  -2.10114  -8.13185  1.000 28.17481  ?  52  ALA A CB   1 
ATOM   413  N N    . GLY A 1 77  ? -6.72711  0.06967   -10.66103 1.000 33.63775  ?  53  GLY A N    1 
ATOM   414  C CA   . GLY A 1 77  ? -7.43196  1.27684   -11.02626 1.000 32.69043  ?  53  GLY A CA   1 
ATOM   415  C C    . GLY A 1 77  ? -6.54169  2.43752   -11.37419 1.000 34.40951  ?  53  GLY A C    1 
ATOM   416  O O    . GLY A 1 77  ? -7.01980  3.57106   -11.43787 1.000 41.86132  ?  53  GLY A O    1 
ATOM   417  N N    . SER A 1 78  ? -5.25731  2.19480   -11.59992 1.000 33.32895  ?  54  SER A N    1 
ATOM   418  C CA   . SER A 1 78  ? -4.30860  3.26405   -11.83773 1.000 32.02479  ?  54  SER A CA   1 
ATOM   419  C C    . SER A 1 78  ? -3.82824  3.25732   -13.28172 1.000 32.26724  ?  54  SER A C    1 
ATOM   420  O O    . SER A 1 78  ? -3.76081  2.21182   -13.93690 1.000 34.26467  ?  54  SER A O    1 
ATOM   421  C CB   . SER A 1 78  ? -3.09795  3.15370   -10.89651 1.000 34.92589  ?  54  SER A CB   1 
ATOM   422  O OG   . SER A 1 78  ? -2.17930  4.20990   -11.12134 1.000 36.61326  ?  54  SER A OG   1 
ATOM   423  N N    . GLU A 1 79  ? -3.52413  4.45929   -13.76098 1.000 37.10725  ?  55  GLU A N    1 
ATOM   424  C CA   . GLU A 1 79  ? -2.69333  4.65738   -14.92944 1.000 43.39447  ?  55  GLU A CA   1 
ATOM   425  C C    . GLU A 1 79  ? -1.31457  4.05939   -14.65777 1.000 38.23958  ?  55  GLU A C    1 
ATOM   426  O O    . GLU A 1 79  ? -0.90751  3.94315   -13.49915 1.000 40.53775  ?  55  GLU A O    1 
ATOM   427  C CB   . GLU A 1 79  ? -2.55373  6.15466   -15.21755 1.000 45.08055  ?  55  GLU A CB   1 
ATOM   428  C CG   . GLU A 1 79  ? -3.83002  6.99367   -15.01496 1.000 73.72169  ?  55  GLU A CG   1 
ATOM   429  C CD   . GLU A 1 79  ? -4.35789  6.98111   -13.57922 1.000 69.57824  ?  55  GLU A CD   1 
ATOM   430  O OE1  . GLU A 1 79  ? -5.53694  6.61052   -13.37698 1.000 76.37649  ?  55  GLU A OE1  1 
ATOM   431  O OE2  . GLU A 1 79  ? -3.58870  7.31166   -12.65272 1.000 67.35170  -1 55  GLU A OE2  1 
ATOM   432  N N    . PRO A 1 80  ? -0.57030  3.67200   -15.69483 1.000 35.49249  ?  56  PRO A N    1 
ATOM   433  C CA   . PRO A 1 80  ? 0.79816   3.20018   -15.45827 1.000 37.45524  ?  56  PRO A CA   1 
ATOM   434  C C    . PRO A 1 80  ? 1.60384   4.26956   -14.73733 1.000 37.60676  ?  56  PRO A C    1 
ATOM   435  O O    . PRO A 1 80  ? 1.49835   5.45783   -15.04233 1.000 37.57362  ?  56  PRO A O    1 
ATOM   436  C CB   . PRO A 1 80  ? 1.33800   2.93903   -16.86814 1.000 37.40724  ?  56  PRO A CB   1 
ATOM   437  C CG   . PRO A 1 80  ? 0.11802   2.74155   -17.71134 1.000 39.00669  ?  56  PRO A CG   1 
ATOM   438  C CD   . PRO A 1 80  ? -0.92324  3.64861   -17.12582 1.000 36.61945  ?  56  PRO A CD   1 
ATOM   439  N N    . ILE A 1 81  ? 2.40976   3.84336   -13.76430 1.000 30.25061  ?  57  ILE A N    1 
ATOM   440  C CA   . ILE A 1 81  ? 3.22994   4.76615   -12.98863 1.000 33.34055  ?  57  ILE A CA   1 
ATOM   441  C C    . ILE A 1 81  ? 4.68728   4.32362   -13.04428 1.000 27.77782  ?  57  ILE A C    1 
ATOM   442  O O    . ILE A 1 81  ? 5.00685   3.18577   -13.39947 1.000 28.35290  ?  57  ILE A O    1 
ATOM   443  C CB   . ILE A 1 81  ? 2.74902   4.88791   -11.52600 1.000 30.18020  ?  57  ILE A CB   1 
ATOM   444  C CG1  . ILE A 1 81  ? 2.88749   3.55370   -10.78249 1.000 27.29105  ?  57  ILE A CG1  1 
ATOM   445  C CG2  . ILE A 1 81  ? 1.29765   5.36136   -11.47921 1.000 33.22176  ?  57  ILE A CG2  1 
ATOM   446  C CD1  . ILE A 1 81  ? 2.59970   3.69250   -9.26142  1.000 27.46759  ?  57  ILE A CD1  1 
ATOM   447  N N    . SER A 1 82  ? 5.58549   5.24242   -12.70543 1.000 28.84578  ?  58  SER A N    1 
ATOM   448  C CA   . SER A 1 82  ? 6.99537   4.90052   -12.78098 1.000 27.89475  ?  58  SER A CA   1 
ATOM   449  C C    . SER A 1 82  ? 7.38638   3.94341   -11.65496 1.000 27.31951  ?  58  SER A C    1 
ATOM   450  O O    . SER A 1 82  ? 6.71022   3.83959   -10.62670 1.000 28.65805  ?  58  SER A O    1 
ATOM   451  C CB   . SER A 1 82  ? 7.87533   6.15055   -12.70671 1.000 34.69199  ?  58  SER A CB   1 
ATOM   452  O OG   . SER A 1 82  ? 7.89318   6.69206   -11.39295 1.000 34.71783  ?  58  SER A OG   1 
ATOM   453  N N    . ILE A 1 83  ? 8.50966   3.25327   -11.85962 1.000 26.61284  ?  59  ILE A N    1 
ATOM   454  C CA   . ILE A 1 83  ? 9.06301   2.40944   -10.80404 1.000 30.62374  ?  59  ILE A CA   1 
ATOM   455  C C    . ILE A 1 83  ? 9.30952   3.23182   -9.54834  1.000 35.38556  ?  59  ILE A C    1 
ATOM   456  O O    . ILE A 1 83  ? 9.07055   2.76536   -8.42869  1.000 25.13212  ?  59  ILE A O    1 
ATOM   457  C CB   . ILE A 1 83  ? 10.35966  1.71880   -11.26957 1.000 32.01197  ?  59  ILE A CB   1 
ATOM   458  C CG1  . ILE A 1 83  ? 10.19749  1.13731   -12.67185 1.000 44.02415  ?  59  ILE A CG1  1 
ATOM   459  C CG2  . ILE A 1 83  ? 10.75408  0.63776   -10.26989 1.000 36.20930  ?  59  ILE A CG2  1 
ATOM   460  C CD1  . ILE A 1 83  ? 9.24957   -0.00654  -12.73659 1.000 47.44718  ?  59  ILE A CD1  1 
ATOM   461  N N    . GLY A 1 84  ? 9.82740   4.45316   -9.71184  1.000 27.48213  ?  60  GLY A N    1 
ATOM   462  C CA   . GLY A 1 84  ? 10.08379  5.29920   -8.55398  1.000 26.87783  ?  60  GLY A CA   1 
ATOM   463  C C    . GLY A 1 84  ? 8.82443   5.66085   -7.79307  1.000 24.16076  ?  60  GLY A C    1 
ATOM   464  O O    . GLY A 1 84  ? 8.80483   5.63293   -6.55400  1.000 24.17820  ?  60  GLY A O    1 
ATOM   465  N N    . GLN A 1 85  ? 7.75601   6.02229   -8.51520  1.000 23.69045  ?  61  GLN A N    1 
ATOM   466  C CA   . GLN A 1 85  ? 6.47565   6.27698   -7.86417  1.000 26.72099  ?  61  GLN A CA   1 
ATOM   467  C C    . GLN A 1 85  ? 5.97355   5.04288   -7.12575  1.000 23.76606  ?  61  GLN A C    1 
ATOM   468  O O    . GLN A 1 85  ? 5.47257   5.14234   -5.99786  1.000 24.44496  ?  61  GLN A O    1 
ATOM   469  C CB   . GLN A 1 85  ? 5.43059   6.72323   -8.88414  1.000 27.60821  ?  61  GLN A CB   1 
ATOM   470  C CG   . GLN A 1 85  ? 5.75939   7.98130   -9.64370  1.000 41.36165  ?  61  GLN A CG   1 
ATOM   471  C CD   . GLN A 1 85  ? 4.64886   8.33117   -10.60237 1.000 52.82931  ?  61  GLN A CD   1 
ATOM   472  O OE1  . GLN A 1 85  ? 4.70953   8.00639   -11.78893 1.000 42.42602  ?  61  GLN A OE1  1 
ATOM   473  N NE2  . GLN A 1 85  ? 3.60575   8.96693   -10.08568 1.000 58.39937  ?  61  GLN A NE2  1 
ATOM   474  N N    . LEU A 1 86  ? 6.02768   3.87622   -7.78243  1.000 23.62963  ?  62  LEU A N    1 
ATOM   475  C CA   . LEU A 1 86  ? 5.57765   2.64799   -7.13685  1.000 22.09992  ?  62  LEU A CA   1 
ATOM   476  C C    . LEU A 1 86  ? 6.37047   2.37015   -5.87011  1.000 20.23033  ?  62  LEU A C    1 
ATOM   477  O O    . LEU A 1 86  ? 5.80017   1.96973   -4.84641  1.000 20.68805  ?  62  LEU A O    1 
ATOM   478  C CB   . LEU A 1 86  ? 5.70073   1.47803   -8.11165  1.000 21.72465  ?  62  LEU A CB   1 
ATOM   479  C CG   . LEU A 1 86  ? 5.15849   0.14635   -7.59073  1.000 20.71121  ?  62  LEU A CG   1 
ATOM   480  C CD1  . LEU A 1 86  ? 3.67722   0.21016   -7.35626  1.000 21.29648  ?  62  LEU A CD1  1 
ATOM   481  C CD2  . LEU A 1 86  ? 5.55530   -0.98763  -8.54662  1.000 22.84531  ?  62  LEU A CD2  1 
ATOM   482  N N    . ALA A 1 87  ? 7.68369   2.56961   -5.91749  1.000 21.12327  ?  63  ALA A N    1 
ATOM   483  C CA   . ALA A 1 87  ? 8.51138   2.36510   -4.73291  1.000 19.34267  ?  63  ALA A CA   1 
ATOM   484  C C    . ALA A 1 87  ? 8.08426   3.30077   -3.61277  1.000 20.33010  ?  63  ALA A C    1 
ATOM   485  O O    . ALA A 1 87  ? 8.00703   2.89518   -2.44481  1.000 20.23833  ?  63  ALA A O    1 
ATOM   486  C CB   . ALA A 1 87  ? 9.98766   2.56884   -5.07487  1.000 21.38281  ?  63  ALA A CB   1 
ATOM   487  N N    . GLN A 1 88  ? 7.77774   4.55778   -3.93890  1.000 19.96228  ?  64  GLN A N    1 
ATOM   488  C CA   . GLN A 1 88  ? 7.34591   5.46843   -2.87723  1.000 21.42953  ?  64  GLN A CA   1 
ATOM   489  C C    . GLN A 1 88  ? 6.00354   5.04333   -2.27828  1.000 20.07110  ?  64  GLN A C    1 
ATOM   490  O O    . GLN A 1 88  ? 5.86573   4.93458   -1.05469  1.000 19.86605  ?  64  GLN A O    1 
ATOM   491  C CB   . GLN A 1 88  ? 7.28914   6.89637   -3.41321  1.000 23.42392  ?  64  GLN A CB   1 
ATOM   492  C CG   . GLN A 1 88  ? 6.92454   7.94783   -2.34533  1.000 24.84098  ?  64  GLN A CG   1 
ATOM   493  C CD   . GLN A 1 88  ? 5.42771   8.14581   -2.23422  1.000 24.04116  ?  64  GLN A CD   1 
ATOM   494  O OE1  . GLN A 1 88  ? 4.74722   8.35753   -3.24155  1.000 27.38263  ?  64  GLN A OE1  1 
ATOM   495  N NE2  . GLN A 1 88  ? 4.90130   8.10300   -1.00646  1.000 21.91178  ?  64  GLN A NE2  1 
ATOM   496  N N    A VAL A 1 89  ? 5.00356   4.78445   -3.12360  0.608 18.10587  ?  65  VAL A N    1 
ATOM   497  N N    B VAL A 1 89  ? 5.00107   4.77428   -3.12295  0.392 18.11264  ?  65  VAL A N    1 
ATOM   498  C CA   A VAL A 1 89  ? 3.66866   4.49417   -2.60224  0.608 18.09364  ?  65  VAL A CA   1 
ATOM   499  C CA   B VAL A 1 89  ? 3.66773   4.49488   -2.58243  0.392 18.13357  ?  65  VAL A CA   1 
ATOM   500  C C    A VAL A 1 89  ? 3.63771   3.16779   -1.84544  0.608 16.57976  ?  65  VAL A C    1 
ATOM   501  C C    B VAL A 1 89  ? 3.62581   3.15501   -1.84942  0.392 16.77228  ?  65  VAL A C    1 
ATOM   502  O O    A VAL A 1 89  ? 2.91117   3.04290   -0.85028  0.608 19.77045  ?  65  VAL A O    1 
ATOM   503  O O    B VAL A 1 89  ? 2.87053   3.00575   -0.87922  0.392 19.74940  ?  65  VAL A O    1 
ATOM   504  C CB   A VAL A 1 89  ? 2.63075   4.52464   -3.74084  0.608 20.67767  ?  65  VAL A CB   1 
ATOM   505  C CB   B VAL A 1 89  ? 2.57959   4.56792   -3.67713  0.392 20.70299  ?  65  VAL A CB   1 
ATOM   506  C CG1  A VAL A 1 89  ? 1.21040   4.42325   -3.18161  0.608 16.90921  ?  65  VAL A CG1  1 
ATOM   507  C CG1  B VAL A 1 89  ? 2.43146   5.99686   -4.18454  0.392 28.08432  ?  65  VAL A CG1  1 
ATOM   508  C CG2  A VAL A 1 89  ? 2.79946   5.79342   -4.55055  0.608 31.21128  ?  65  VAL A CG2  1 
ATOM   509  C CG2  B VAL A 1 89  ? 2.83715   3.57412   -4.82197  0.392 18.52801  ?  65  VAL A CG2  1 
ATOM   510  N N    . THR A 1 90  ? 4.41459   2.16536   -2.28078  1.000 18.43290  ?  66  THR A N    1 
ATOM   511  C CA   . THR A 1 90  ? 4.49561   0.87838   -1.57705  1.000 18.00786  ?  66  THR A CA   1 
ATOM   512  C C    . THR A 1 90  ? 5.50644   0.88278   -0.44281  1.000 19.63479  ?  66  THR A C    1 
ATOM   513  O O    . THR A 1 90  ? 5.71796   -0.16703  0.17730   1.000 19.47983  ?  66  THR A O    1 
ATOM   514  C CB   . THR A 1 90  ? 4.84744   -0.27333  -2.52716  1.000 19.30309  ?  66  THR A CB   1 
ATOM   515  O OG1  . THR A 1 90  ? 6.16976   -0.09389  -3.04738  1.000 18.34458  ?  66  THR A OG1  1 
ATOM   516  C CG2  . THR A 1 90  ? 3.82132   -0.35513  -3.67361  1.000 20.72468  ?  66  THR A CG2  1 
ATOM   517  N N    A VAL A 1 91  ? 6.14468   2.02006   -0.17288  0.765 17.80119  ?  67  VAL A N    1 
ATOM   518  N N    B VAL A 1 91  ? 6.08266   2.04624   -0.13031  0.235 17.96575  ?  67  VAL A N    1 
ATOM   519  C CA   A VAL A 1 91  ? 7.13987   2.15648   0.89152   0.765 17.86002  ?  67  VAL A CA   1 
ATOM   520  C CA   B VAL A 1 91  ? 7.15887   2.20705   0.84623   0.235 18.24219  ?  67  VAL A CA   1 
ATOM   521  C C    A VAL A 1 91  ? 8.14923   1.01829   0.79985   0.765 19.87462  ?  67  VAL A C    1 
ATOM   522  C C    B VAL A 1 91  ? 8.09240   1.00722   0.77527   0.235 20.08184  ?  67  VAL A C    1 
ATOM   523  O O    A VAL A 1 91  ? 8.48427   0.37253   1.80380   0.765 21.58491  ?  67  VAL A O    1 
ATOM   524  O O    B VAL A 1 91  ? 8.30233   0.29610   1.76690   0.235 21.95245  ?  67  VAL A O    1 
ATOM   525  C CB   A VAL A 1 91  ? 6.48223   2.23410   2.28545   0.765 20.23270  ?  67  VAL A CB   1 
ATOM   526  C CB   B VAL A 1 91  ? 6.61860   2.42864   2.27410   0.235 19.52544  ?  67  VAL A CB   1 
ATOM   527  C CG1  A VAL A 1 91  ? 7.45339   2.84340   3.27479   0.765 20.51096  ?  67  VAL A CG1  1 
ATOM   528  C CG1  B VAL A 1 91  ? 5.81592   3.71786   2.34598   0.235 18.34332  ?  67  VAL A CG1  1 
ATOM   529  C CG2  A VAL A 1 91  ? 5.22318   3.08429   2.22405   0.765 19.87192  ?  67  VAL A CG2  1 
ATOM   530  C CG2  B VAL A 1 91  ? 5.78515   1.26794   2.72640   0.235 17.07700  ?  67  VAL A CG2  1 
ATOM   531  N N    . THR A 1 92  ? 8.65845   0.77880   -0.40638  1.000 17.15006  ?  68  THR A N    1 
ATOM   532  C CA   . THR A 1 92  ? 9.60293   -0.29870  -0.64268  1.000 18.52766  ?  68  THR A CA   1 
ATOM   533  C C    . THR A 1 92  ? 10.80047  0.27371   -1.38835  1.000 20.40815  ?  68  THR A C    1 
ATOM   534  O O    . THR A 1 92  ? 10.62907  1.07848   -2.29863  1.000 26.08454  ?  68  THR A O    1 
ATOM   535  C CB   . THR A 1 92  ? 8.90911   -1.43658  -1.43694  1.000 21.64793  ?  68  THR A CB   1 
ATOM   536  O OG1  . THR A 1 92  ? 7.81363   -1.95132  -0.66428  1.000 25.75879  ?  68  THR A OG1  1 
ATOM   537  C CG2  . THR A 1 92  ? 9.86509   -2.60714  -1.71830  1.000 23.35663  ?  68  THR A CG2  1 
ATOM   538  N N    . LYS A 1 93  ? 12.01334  -0.15033  -1.01660  1.000 21.54834  ?  69  LYS A N    1 
ATOM   539  C CA   . LYS A 1 93  ? 13.21257  0.33594   -1.69751  1.000 21.01632  ?  69  LYS A CA   1 
ATOM   540  C C    . LYS A 1 93  ? 13.15836  -0.01407  -3.17886  1.000 23.25793  ?  69  LYS A C    1 
ATOM   541  O O    . LYS A 1 93  ? 12.69867  -1.09179  -3.55569  1.000 23.46800  ?  69  LYS A O    1 
ATOM   542  C CB   . LYS A 1 93  ? 14.47048  -0.28225  -1.07106  1.000 26.51628  ?  69  LYS A CB   1 
ATOM   543  C CG   . LYS A 1 93  ? 14.67907  0.08329   0.38934   1.000 31.81453  ?  69  LYS A CG   1 
ATOM   544  C CD   . LYS A 1 93  ? 15.82801  -0.73811  0.97211   1.000 39.60433  ?  69  LYS A CD   1 
ATOM   545  C CE   . LYS A 1 93  ? 16.02473  -0.44656  2.44659   1.000 48.68055  ?  69  LYS A CE   1 
ATOM   546  N NZ   . LYS A 1 93  ? 15.96500  1.01860   2.70061   1.000 62.54764  ?  69  LYS A NZ   1 
ATOM   547  N N    A GLN A 1 94  ? 13.65492  0.89653   -4.01817  0.439 22.98531  ?  70  GLN A N    1 
ATOM   548  N N    B GLN A 1 94  ? 13.65378  0.89506   -4.02236  0.561 23.07211  ?  70  GLN A N    1 
ATOM   549  C CA   A GLN A 1 94  ? 13.57346  0.68286   -5.46222  0.439 25.41290  ?  70  GLN A CA   1 
ATOM   550  C CA   B GLN A 1 94  ? 13.55922  0.66796   -5.46220  0.561 25.26843  ?  70  GLN A CA   1 
ATOM   551  C C    A GLN A 1 94  ? 14.21869  -0.62281  -5.92205  0.439 26.28878  ?  70  GLN A C    1 
ATOM   552  C C    B GLN A 1 94  ? 14.21241  -0.63438  -5.91486  0.561 26.27576  ?  70  GLN A C    1 
ATOM   553  O O    A GLN A 1 94  ? 13.60390  -1.32299  -6.74553  0.439 25.98909  ?  70  GLN A O    1 
ATOM   554  O O    B GLN A 1 94  ? 13.59897  -1.34611  -6.72918  0.561 25.95300  ?  70  GLN A O    1 
ATOM   555  C CB   A GLN A 1 94  ? 14.18084  1.88673   -6.19485  0.439 30.33333  ?  70  GLN A CB   1 
ATOM   556  C CB   B GLN A 1 94  ? 14.14670  1.85705   -6.23127  0.561 30.35999  ?  70  GLN A CB   1 
ATOM   557  C CG   A GLN A 1 94  ? 13.52529  3.20940   -5.82671  0.439 34.42942  ?  70  GLN A CG   1 
ATOM   558  C CG   B GLN A 1 94  ? 13.99516  1.71009   -7.74163  0.561 33.28630  ?  70  GLN A CG   1 
ATOM   559  C CD   A GLN A 1 94  ? 13.50304  4.20649   -6.97158  0.439 39.17323  ?  70  GLN A CD   1 
ATOM   560  C CD   B GLN A 1 94  ? 13.77319  3.03296   -8.45177  0.561 41.39874  ?  70  GLN A CD   1 
ATOM   561  O OE1  A GLN A 1 94  ? 13.51968  3.82860   -8.14382  0.439 45.81997  ?  70  GLN A OE1  1 
ATOM   562  O OE1  B GLN A 1 94  ? 13.53365  4.06084   -7.81759  0.561 44.84056  ?  70  GLN A OE1  1 
ATOM   563  N NE2  A GLN A 1 94  ? 13.46365  5.49302   -6.63269  0.439 38.18627  ?  70  GLN A NE2  1 
ATOM   564  N NE2  B GLN A 1 94  ? 13.84664  3.01091   -9.77800  0.561 35.41717  ?  70  GLN A NE2  1 
ATOM   565  N N    . PRO A 1 95  ? 15.40922  -1.00788  -5.45903  1.000 25.27692  ?  71  PRO A N    1 
ATOM   566  C CA   . PRO A 1 95  ? 15.97527  -2.29852  -5.91021  1.000 25.36913  ?  71  PRO A CA   1 
ATOM   567  C C    . PRO A 1 95  ? 15.13671  -3.50909  -5.50329  1.000 25.64416  ?  71  PRO A C    1 
ATOM   568  O O    . PRO A 1 95  ? 15.02659  -4.49310  -6.26412  1.000 26.29943  ?  71  PRO A O    1 
ATOM   569  C CB   . PRO A 1 95  ? 17.37042  -2.31476  -5.26716  1.000 28.65714  ?  71  PRO A CB   1 
ATOM   570  C CG   . PRO A 1 95  ? 17.67995  -0.86309  -4.96211  1.000 29.27767  ?  71  PRO A CG   1 
ATOM   571  C CD   . PRO A 1 95  ? 16.35350  -0.22761  -4.63913  1.000 25.50174  ?  71  PRO A CD   1 
ATOM   572  N N    . THR A 1 96  ? 14.50213  -3.43990  -4.33013  1.000 23.33775  ?  72  THR A N    1 
ATOM   573  C CA   . THR A 1 96  ? 13.57967  -4.48106  -3.90425  1.000 20.91122  ?  72  THR A CA   1 
ATOM   574  C C    . THR A 1 96  ? 12.36904  -4.53712  -4.82070  1.000 22.55293  ?  72  THR A C    1 
ATOM   575  O O    . THR A 1 96  ? 11.92429  -5.62471  -5.21150  1.000 22.16658  ?  72  THR A O    1 
ATOM   576  C CB   . THR A 1 96  ? 13.16318  -4.20799  -2.46171  1.000 23.04978  ?  72  THR A CB   1 
ATOM   577  O OG1  . THR A 1 96  ? 14.34109  -4.22854  -1.63917  1.000 26.03524  ?  72  THR A OG1  1 
ATOM   578  C CG2  . THR A 1 96  ? 12.19250  -5.24652  -1.95346  1.000 21.41890  ?  72  THR A CG2  1 
ATOM   579  N N    . VAL A 1 97  ? 11.84621  -3.36693  -5.20081  1.000 22.94610  ?  73  VAL A N    1 
ATOM   580  C CA   . VAL A 1 97  ? 10.70979  -3.30980  -6.11784  1.000 22.03486  ?  73  VAL A CA   1 
ATOM   581  C C    . VAL A 1 97  ? 11.07690  -3.89938  -7.47014  1.000 21.12377  ?  73  VAL A C    1 
ATOM   582  O O    . VAL A 1 97  ? 10.27043  -4.59418  -8.09083  1.000 22.41958  ?  73  VAL A O    1 
ATOM   583  C CB   . VAL A 1 97  ? 10.20214  -1.86226  -6.26277  1.000 21.74827  ?  73  VAL A CB   1 
ATOM   584  C CG1  . VAL A 1 97  ? 9.19309   -1.77569  -7.40424  1.000 26.25416  ?  73  VAL A CG1  1 
ATOM   585  C CG2  . VAL A 1 97  ? 9.57618   -1.38759  -4.95474  1.000 26.91891  ?  73  VAL A CG2  1 
ATOM   586  N N    A THR A 1 98  ? 12.28852  -3.61885  -7.95955  0.823 24.67118  ?  74  THR A N    1 
ATOM   587  N N    B THR A 1 98  ? 12.28777  -3.62463  -7.95756  0.177 24.52480  ?  74  THR A N    1 
ATOM   588  C CA   A THR A 1 98  ? 12.68414  -4.16268  -9.25947  0.823 26.21334  ?  74  THR A CA   1 
ATOM   589  C CA   B THR A 1 98  ? 12.68307  -4.16320  -9.25637  0.177 26.04076  ?  74  THR A CA   1 
ATOM   590  C C    A THR A 1 98  ? 12.69744  -5.68565  -9.22931  0.823 23.84104  ?  74  THR A C    1 
ATOM   591  C C    B THR A 1 98  ? 12.69957  -5.68768  -9.22989  0.177 24.01589  ?  74  THR A C    1 
ATOM   592  O O    A THR A 1 98  ? 12.17279  -6.34468  -10.14017 0.823 24.44793  ?  74  THR A O    1 
ATOM   593  O O    B THR A 1 98  ? 12.18499  -6.34507  -10.14574 0.177 24.52263  ?  74  THR A O    1 
ATOM   594  C CB   A THR A 1 98  ? 14.04867  -3.60627  -9.66977  0.823 31.81255  ?  74  THR A CB   1 
ATOM   595  C CB   B THR A 1 98  ? 14.04658  -3.60877  -9.67382  0.177 31.61785  ?  74  THR A CB   1 
ATOM   596  O OG1  A THR A 1 98  ? 13.93332  -2.19482  -9.89905  0.823 37.61390  ?  74  THR A OG1  1 
ATOM   597  O OG1  B THR A 1 98  ? 15.05325  -4.05126  -8.75546  0.177 28.36677  ?  74  THR A OG1  1 
ATOM   598  C CG2  A THR A 1 98  ? 14.55188  -4.28439  -10.94747 0.823 32.92025  ?  74  THR A CG2  1 
ATOM   599  C CG2  B THR A 1 98  ? 14.02096  -2.08489  -9.69546  0.177 36.08483  ?  74  THR A CG2  1 
ATOM   600  N N    . ARG A 1 99  ? 13.27411  -6.27316  -8.17496  1.000 21.82360  ?  75  ARG A N    1 
ATOM   601  C CA   A ARG A 1 99  ? 13.24637  -7.73363  -8.04951  0.482 21.24169  ?  75  ARG A CA   1 
ATOM   602  C CA   B ARG A 1 99  ? 13.24891  -7.73318  -8.05728  0.518 21.21874  ?  75  ARG A CA   1 
ATOM   603  C C    . ARG A 1 99  ? 11.81663  -8.25996  -7.95086  1.000 22.61156  ?  75  ARG A C    1 
ATOM   604  O O    . ARG A 1 99  ? 11.46067  -9.28870  -8.56757  1.000 21.65886  ?  75  ARG A O    1 
ATOM   605  C CB   A ARG A 1 99  ? 14.05557  -8.16071  -6.82502  0.482 23.23164  ?  75  ARG A CB   1 
ATOM   606  C CB   B ARG A 1 99  ? 14.08408  -8.16163  -6.85155  0.518 23.26840  ?  75  ARG A CB   1 
ATOM   607  C CG   A ARG A 1 99  ? 15.54721  -8.17036  -7.06646  0.482 24.94141  ?  75  ARG A CG   1 
ATOM   608  C CG   B ARG A 1 99  ? 15.57418  -7.92508  -7.04668  0.518 25.27296  ?  75  ARG A CG   1 
ATOM   609  C CD   A ARG A 1 99  ? 16.31123  -8.31272  -5.76503  0.482 30.61058  ?  75  ARG A CD   1 
ATOM   610  C CD   B ARG A 1 99  ? 16.38681  -8.42085  -5.86331  0.518 30.71120  ?  75  ARG A CD   1 
ATOM   611  N NE   A ARG A 1 99  ? 17.74125  -8.42311  -6.01366  0.482 36.12232  ?  75  ARG A NE   1 
ATOM   612  N NE   B ARG A 1 99  ? 16.26632  -7.54913  -4.69827  0.518 30.42265  ?  75  ARG A NE   1 
ATOM   613  C CZ   A ARG A 1 99  ? 18.50830  -7.41178  -6.40328  0.482 38.21465  ?  75  ARG A CZ   1 
ATOM   614  C CZ   B ARG A 1 99  ? 17.06045  -6.51130  -4.45436  0.518 30.57071  ?  75  ARG A CZ   1 
ATOM   615  N NH1  A ARG A 1 99  ? 17.97841  -6.20707  -6.57467  0.482 36.42636  ?  75  ARG A NH1  1 
ATOM   616  N NH1  B ARG A 1 99  ? 18.03350  -6.20629  -5.30224  0.518 37.08570  ?  75  ARG A NH1  1 
ATOM   617  N NH2  A ARG A 1 99  ? 19.80431  -7.60345  -6.61542  0.482 39.61890  ?  75  ARG A NH2  1 
ATOM   618  N NH2  B ARG A 1 99  ? 16.88396  -5.78061  -3.36176  0.518 28.98268  ?  75  ARG A NH2  1 
ATOM   619  N N    . LEU A 1 100 ? 10.97838  -7.56672  -7.18088  1.000 21.12211  ?  76  LEU A N    1 
ATOM   620  C CA   . LEU A 1 100 ? 9.58076   -7.95147  -7.05242  1.000 19.78160  ?  76  LEU A CA   1 
ATOM   621  C C    . LEU A 1 100 ? 8.87561   -7.93153  -8.40152  1.000 20.46097  ?  76  LEU A C    1 
ATOM   622  O O    . LEU A 1 100 ? 8.13239   -8.85830  -8.73894  1.000 21.37901  ?  76  LEU A O    1 
ATOM   623  C CB   . LEU A 1 100 ? 8.91931   -6.99534  -6.05563  1.000 21.98347  ?  76  LEU A CB   1 
ATOM   624  C CG   . LEU A 1 100 ? 7.45497   -7.20504  -5.74706  1.000 23.92095  ?  76  LEU A CG   1 
ATOM   625  C CD1  . LEU A 1 100 ? 7.19789   -8.60794  -5.18790  1.000 27.88129  ?  76  LEU A CD1  1 
ATOM   626  C CD2  . LEU A 1 100 ? 6.94851   -6.12120  -4.80013  1.000 29.52857  ?  76  LEU A CD2  1 
ATOM   627  N N    . LEU A 1 101 ? 9.10936   -6.88776  -9.19249  1.000 20.82171  ?  77  LEU A N    1 
ATOM   628  C CA   . LEU A 1 101 ? 8.45518   -6.80939  -10.49259 1.000 23.15777  ?  77  LEU A CA   1 
ATOM   629  C C    . LEU A 1 101 ? 8.98611   -7.87173  -11.43557 1.000 22.94383  ?  77  LEU A C    1 
ATOM   630  O O    . LEU A 1 101 ? 8.22435   -8.38600  -12.26021 1.000 23.80908  ?  77  LEU A O    1 
ATOM   631  C CB   . LEU A 1 101 ? 8.64312   -5.42260  -11.10369 1.000 24.57046  ?  77  LEU A CB   1 
ATOM   632  C CG   . LEU A 1 101 ? 7.96143   -4.27470  -10.36060 1.000 23.29542  ?  77  LEU A CG   1 
ATOM   633  C CD1  . LEU A 1 101 ? 8.25539   -2.96288  -11.07457 1.000 23.92482  ?  77  LEU A CD1  1 
ATOM   634  C CD2  . LEU A 1 101 ? 6.44797   -4.51874  -10.23479 1.000 24.71215  ?  77  LEU A CD2  1 
ATOM   635  N N    . ASP A 1 102 ? 10.26701  -8.24598  -11.31838 1.000 21.83935  ?  78  ASP A N    1 
ATOM   636  C CA   . ASP A 1 102 ? 10.74796  -9.34811  -12.15579 1.000 21.98927  ?  78  ASP A CA   1 
ATOM   637  C C    . ASP A 1 102 ? 9.85917   -10.57259 -11.96568 1.000 22.27793  ?  78  ASP A C    1 
ATOM   638  O O    . ASP A 1 102 ? 9.35735   -11.17528 -12.93826 1.000 24.15243  ?  78  ASP A O    1 
ATOM   639  C CB   . ASP A 1 102 ? 12.20684  -9.68649  -11.83369 1.000 22.09475  ?  78  ASP A CB   1 
ATOM   640  C CG   . ASP A 1 102 ? 13.17746  -8.60368  -12.28056 1.000 27.66236  ?  78  ASP A CG   1 
ATOM   641  O OD1  . ASP A 1 102 ? 12.82494  -7.78552  -13.15220 1.000 29.14912  ?  78  ASP A OD1  1 
ATOM   642  O OD2  . ASP A 1 102 ? 14.30491  -8.56097  -11.73899 1.000 31.12976  -1 78  ASP A OD2  1 
ATOM   643  N N    . ARG A 1 103 ? 9.62544   -10.94645 -10.70751 1.000 20.84258  ?  79  ARG A N    1 
ATOM   644  C CA   . ARG A 1 103 ? 8.84384   -12.16477 -10.52867 1.000 22.06282  ?  79  ARG A CA   1 
ATOM   645  C C    . ARG A 1 103 ? 7.34122   -11.95154 -10.74880 1.000 22.54872  ?  79  ARG A C    1 
ATOM   646  O O    . ARG A 1 103 ? 6.67268   -12.86459 -11.23713 1.000 23.50426  ?  79  ARG A O    1 
ATOM   647  C CB   . ARG A 1 103 ? 9.10480   -12.79214 -9.15965  1.000 23.33225  ?  79  ARG A CB   1 
ATOM   648  C CG   . ARG A 1 103 ? 9.17017   -11.85456 -7.99400  1.000 25.59948  ?  79  ARG A CG   1 
ATOM   649  C CD   . ARG A 1 103 ? 9.48498   -12.72229 -6.78375  1.000 22.63801  ?  79  ARG A CD   1 
ATOM   650  N NE   . ARG A 1 103 ? 9.65134   -11.95546 -5.55460  1.000 25.65553  ?  79  ARG A NE   1 
ATOM   651  C CZ   . ARG A 1 103 ? 8.70304   -11.75052 -4.65096  1.000 25.76233  ?  79  ARG A CZ   1 
ATOM   652  N NH1  . ARG A 1 103 ? 7.47174   -12.22861 -4.84540  1.000 29.13384  ?  79  ARG A NH1  1 
ATOM   653  N NH2  . ARG A 1 103 ? 8.99583   -11.07711 -3.55052  1.000 31.34203  ?  79  ARG A NH2  1 
ATOM   654  N N    . MET A 1 104 ? 6.78368   -10.78251 -10.40826 1.000 21.28729  ?  80  MET A N    1 
ATOM   655  C CA   . MET A 1 104 ? 5.35344   -10.54911 -10.65084 1.000 20.60391  ?  80  MET A CA   1 
ATOM   656  C C    . MET A 1 104 ? 5.05868   -10.45359 -12.14020 1.000 22.87891  ?  80  MET A C    1 
ATOM   657  O O    . MET A 1 104 ? 3.99561   -10.89244 -12.59344 1.000 24.83417  ?  80  MET A O    1 
ATOM   658  C CB   . MET A 1 104 ? 4.89450   -9.27885  -9.92333  1.000 22.25158  ?  80  MET A CB   1 
ATOM   659  C CG   . MET A 1 104 ? 4.96056   -9.40761  -8.38565  1.000 23.06326  ?  80  MET A CG   1 
ATOM   660  S SD   . MET A 1 104 ? 4.35322   -7.94511  -7.49118  1.000 24.40247  ?  80  MET A SD   1 
ATOM   661  C CE   . MET A 1 104 ? 2.58936   -8.10530  -7.84019  1.000 23.80273  ?  80  MET A CE   1 
ATOM   662  N N    . GLU A 1 105 ? 5.98780   -9.89009  -12.91807 1.000 21.92273  ?  81  GLU A N    1 
ATOM   663  C CA   . GLU A 1 105 ? 5.83743   -9.88208  -14.36790 1.000 23.78891  ?  81  GLU A CA   1 
ATOM   664  C C    . GLU A 1 105 ? 5.93333   -11.29569 -14.92166 1.000 26.93543  ?  81  GLU A C    1 
ATOM   665  O O    . GLU A 1 105 ? 5.16286   -11.66833 -15.81924 1.000 26.81236  ?  81  GLU A O    1 
ATOM   666  C CB   . GLU A 1 105 ? 6.90365   -8.97327  -14.99092 1.000 25.06347  ?  81  GLU A CB   1 
ATOM   667  C CG   . GLU A 1 105 ? 6.72816   -8.71838  -16.48279 1.000 43.13774  ?  81  GLU A CG   1 
ATOM   668  C CD   . GLU A 1 105 ? 7.34552   -7.39635  -16.93795 1.000 38.44664  ?  81  GLU A CD   1 
ATOM   669  O OE1  . GLU A 1 105 ? 8.38153   -6.97974  -16.37218 1.000 38.62601  ?  81  GLU A OE1  1 
ATOM   670  O OE2  . GLU A 1 105 ? 6.79245   -6.78643  -17.87648 1.000 36.63465  -1 81  GLU A OE2  1 
ATOM   671  N N    . ALA A 1 106 ? 6.84018   -12.11924 -14.37059 1.000 22.85313  ?  82  ALA A N    1 
ATOM   672  C CA   . ALA A 1 106 ? 6.90585   -13.51442 -14.81087 1.000 25.07809  ?  82  ALA A CA   1 
ATOM   673  C C    . ALA A 1 106 ? 5.58842   -14.24135 -14.58049 1.000 25.74293  ?  82  ALA A C    1 
ATOM   674  O O    . ALA A 1 106 ? 5.21944   -15.12150 -15.36664 1.000 30.07861  ?  82  ALA A O    1 
ATOM   675  C CB   . ALA A 1 106 ? 8.03833   -14.24946 -14.09032 1.000 23.17315  ?  82  ALA A CB   1 
ATOM   676  N N    . ARG A 1 107 ? 4.86855   -13.90141 -13.51533 1.000 26.26707  ?  83  ARG A N    1 
ATOM   677  C CA   . ARG A 1 107 ? 3.58817   -14.52439 -13.22948 1.000 25.15818  ?  83  ARG A CA   1 
ATOM   678  C C    . ARG A 1 107 ? 2.43831   -13.83997 -13.95003 1.000 26.32750  ?  83  ARG A C    1 
ATOM   679  O O    . ARG A 1 107 ? 1.28675   -14.21676 -13.72877 1.000 29.30517  ?  83  ARG A O    1 
ATOM   680  C CB   . ARG A 1 107 ? 3.31671   -14.52093 -11.72734 1.000 26.27341  ?  83  ARG A CB   1 
ATOM   681  C CG   . ARG A 1 107 ? 4.28878   -15.41409 -10.96847 1.000 27.02658  ?  83  ARG A CG   1 
ATOM   682  C CD   . ARG A 1 107 ? 3.99359   -15.39377 -9.50873  1.000 32.25807  ?  83  ARG A CD   1 
ATOM   683  N NE   . ARG A 1 107 ? 2.63651   -15.84441 -9.23937  1.000 43.54443  ?  83  ARG A NE   1 
ATOM   684  C CZ   . ARG A 1 107 ? 2.05977   -15.74775 -8.04883  1.000 44.17595  ?  83  ARG A CZ   1 
ATOM   685  N NH1  . ARG A 1 107 ? 2.73895   -15.23636 -7.02671  1.000 49.33972  ?  83  ARG A NH1  1 
ATOM   686  N NH2  . ARG A 1 107 ? 0.81843   -16.17453 -7.87778  1.000 49.16974  ?  83  ARG A NH2  1 
ATOM   687  N N    . GLY A 1 108 ? 2.72892   -12.83313 -14.77005 1.000 23.71937  ?  84  GLY A N    1 
ATOM   688  C CA   . GLY A 1 108 ? 1.68876   -12.18346 -15.55055 1.000 24.78239  ?  84  GLY A CA   1 
ATOM   689  C C    . GLY A 1 108 ? 0.76422   -11.27647 -14.77074 1.000 28.21820  ?  84  GLY A C    1 
ATOM   690  O O    . GLY A 1 108 ? -0.32473  -10.96283 -15.25718 1.000 26.13459  ?  84  GLY A O    1 
ATOM   691  N N    . GLN A 1 109 ? 1.16846   -10.83624 -13.57730 1.000 23.27066  ?  85  GLN A N    1 
ATOM   692  C CA   . GLN A 1 109 ? 0.32344   -10.01504 -12.72277 1.000 22.55330  ?  85  GLN A CA   1 
ATOM   693  C C    . GLN A 1 109 ? 0.52432   -8.52463  -12.93326 1.000 18.69046  ?  85  GLN A C    1 
ATOM   694  O O    . GLN A 1 109 ? -0.36007  -7.73452  -12.57652 1.000 22.81687  ?  85  GLN A O    1 
ATOM   695  C CB   . GLN A 1 109 ? 0.59549   -10.33272 -11.24620 1.000 25.19000  ?  85  GLN A CB   1 
ATOM   696  C CG   . GLN A 1 109 ? 0.31099   -11.75789 -10.86871 1.000 32.15510  ?  85  GLN A CG   1 
ATOM   697  C CD   . GLN A 1 109 ? 0.80086   -12.07834 -9.47288  1.000 33.02623  ?  85  GLN A CD   1 
ATOM   698  O OE1  . GLN A 1 109 ? 1.79219   -11.51030 -9.00137  1.000 37.22475  ?  85  GLN A OE1  1 
ATOM   699  N NE2  . GLN A 1 109 ? 0.09830   -12.97711 -8.79838  1.000 38.64628  ?  85  GLN A NE2  1 
ATOM   700  N N    . VAL A 1 110 ? 1.67140   -8.13343  -13.48319 1.000 20.57216  ?  86  VAL A N    1 
ATOM   701  C CA   . VAL A 1 110 ? 2.00116   -6.74705  -13.77136 1.000 20.73037  ?  86  VAL A CA   1 
ATOM   702  C C    . VAL A 1 110 ? 2.74731   -6.74183  -15.09543 1.000 26.22558  ?  86  VAL A C    1 
ATOM   703  O O    . VAL A 1 110 ? 3.15086   -7.78998  -15.61129 1.000 26.55155  ?  86  VAL A O    1 
ATOM   704  C CB   . VAL A 1 110 ? 2.87425   -6.08454  -12.67203 1.000 23.12415  ?  86  VAL A CB   1 
ATOM   705  C CG1  . VAL A 1 110 ? 2.16931   -6.09096  -11.32726 1.000 23.71815  ?  86  VAL A CG1  1 
ATOM   706  C CG2  . VAL A 1 110 ? 4.25670   -6.76681  -12.58670 1.000 24.37950  ?  86  VAL A CG2  1 
ATOM   707  N N    . GLU A 1 111 ? 2.94700   -5.54265  -15.63193 1.000 27.23997  ?  87  GLU A N    1 
ATOM   708  C CA   . GLU A 1 111 ? 3.71028   -5.37405  -16.86146 1.000 28.02675  ?  87  GLU A CA   1 
ATOM   709  C C    . GLU A 1 111 ? 4.50662   -4.08203  -16.80133 1.000 28.04768  ?  87  GLU A C    1 
ATOM   710  O O    . GLU A 1 111 ? 3.96445   -3.03307  -16.43872 1.000 29.89074  ?  87  GLU A O    1 
ATOM   711  C CB   . GLU A 1 111 ? 2.79053   -5.36343  -18.09138 1.000 30.43302  ?  87  GLU A CB   1 
ATOM   712  C CG   . GLU A 1 111 ? 3.56215   -5.39006  -19.40694 1.000 35.34609  ?  87  GLU A CG   1 
ATOM   713  C CD   . GLU A 1 111 ? 2.72254   -4.95005  -20.60738 1.000 47.39783  ?  87  GLU A CD   1 
ATOM   714  O OE1  . GLU A 1 111 ? 1.52510   -4.63913  -20.44134 1.000 38.69615  ?  87  GLU A OE1  1 
ATOM   715  O OE2  . GLU A 1 111 ? 3.27819   -4.91225  -21.72655 1.000 51.40673  -1 87  GLU A OE2  1 
ATOM   716  N N    . ARG A 1 112 ? 5.78988   -4.17249  -17.14014 1.000 29.45475  ?  88  ARG A N    1 
ATOM   717  C CA   . ARG A 1 112 ? 6.63903   -3.00604  -17.30848 1.000 28.14746  ?  88  ARG A CA   1 
ATOM   718  C C    . ARG A 1 112 ? 6.59119   -2.54459  -18.76197 1.000 36.12975  ?  88  ARG A C    1 
ATOM   719  O O    . ARG A 1 112 ? 6.61567   -3.36430  -19.68707 1.000 36.73218  ?  88  ARG A O    1 
ATOM   720  C CB   . ARG A 1 112 ? 8.07148   -3.33186  -16.89002 1.000 29.49593  ?  88  ARG A CB   1 
ATOM   721  C CG   . ARG A 1 112 ? 8.29135   -3.17983  -15.38474 1.000 30.28938  ?  88  ARG A CG   1 
ATOM   722  C CD   . ARG A 1 112 ? 9.65665   -3.65785  -14.94275 1.000 38.33702  ?  88  ARG A CD   1 
ATOM   723  N NE   . ARG A 1 112 ? 9.77177   -5.11144  -15.00443 1.000 35.84081  ?  88  ARG A NE   1 
ATOM   724  C CZ   . ARG A 1 112 ? 10.66744  -5.80395  -14.31331 1.000 26.65505  ?  88  ARG A CZ   1 
ATOM   725  N NH1  . ARG A 1 112 ? 11.51070  -5.16777  -13.50336 1.000 32.63391  ?  88  ARG A NH1  1 
ATOM   726  N NH2  . ARG A 1 112 ? 10.71302  -7.11833  -14.42981 1.000 38.36693  ?  88  ARG A NH2  1 
ATOM   727  N N    . LEU A 1 113 ? 6.50549   -1.23075  -18.94919 1.000 34.82578  ?  89  LEU A N    1 
ATOM   728  C CA   . LEU A 1 113 ? 6.39136   -0.56359  -20.23532 1.000 44.07769  ?  89  LEU A CA   1 
ATOM   729  C C    . LEU A 1 113 ? 7.41744   0.55387   -20.32321 1.000 53.65808  ?  89  LEU A C    1 
ATOM   730  O O    . LEU A 1 113 ? 7.77582   1.14871   -19.30622 1.000 51.70379  ?  89  LEU A O    1 
ATOM   731  C CB   . LEU A 1 113 ? 4.99333   0.04211   -20.41900 1.000 46.28070  ?  89  LEU A CB   1 
ATOM   732  C CG   . LEU A 1 113 ? 3.80327   -0.88449  -20.20072 1.000 55.67908  ?  89  LEU A CG   1 
ATOM   733  C CD1  . LEU A 1 113 ? 2.59757   -0.06980  -19.76920 1.000 50.58041  ?  89  LEU A CD1  1 
ATOM   734  C CD2  . LEU A 1 113 ? 3.50622   -1.68326  -21.46071 1.000 55.34321  ?  89  LEU A CD2  1 
ATOM   735  N N    . PRO A 1 114 ? 7.89576   0.87205   -21.51890 1.000 68.57918  ?  90  PRO A N    1 
ATOM   736  C CA   . PRO A 1 114 ? 8.67958   2.09718   -21.68259 1.000 62.57070  ?  90  PRO A CA   1 
ATOM   737  C C    . PRO A 1 114 ? 7.76237   3.30461   -21.78939 1.000 67.04505  ?  90  PRO A C    1 
ATOM   738  O O    . PRO A 1 114 ? 6.61907   3.21140   -22.24358 1.000 67.77440  ?  90  PRO A O    1 
ATOM   739  C CB   . PRO A 1 114 ? 9.43455   1.85692   -22.99290 1.000 59.80043  ?  90  PRO A CB   1 
ATOM   740  C CG   . PRO A 1 114 ? 8.49812   0.99356   -23.78254 1.000 57.17099  ?  90  PRO A CG   1 
ATOM   741  C CD   . PRO A 1 114 ? 7.76382   0.12293   -22.78200 1.000 60.86224  ?  90  PRO A CD   1 
ATOM   742  N N    . HIS A 1 115 ? 8.27466   4.45084   -21.35679 1.000 69.72700  ?  91  HIS A N    1 
ATOM   743  C CA   . HIS A 1 115 ? 7.52056   5.68796   -21.51239 1.000 75.67176  ?  91  HIS A CA   1 
ATOM   744  C C    . HIS A 1 115 ? 7.71454   6.23935   -22.92232 1.000 73.03030  ?  91  HIS A C    1 
ATOM   745  O O    . HIS A 1 115 ? 8.29925   7.30726   -23.10954 1.000 81.07038  ?  91  HIS A O    1 
ATOM   746  C CB   . HIS A 1 115 ? 7.93802   6.72876   -20.47197 1.000 78.66116  ?  91  HIS A CB   1 
ATOM   747  C CG   . HIS A 1 115 ? 7.11079   7.97736   -20.50738 1.000 100.02119 ?  91  HIS A CG   1 
ATOM   748  N ND1  . HIS A 1 115 ? 6.11302   8.18036   -21.43773 1.000 105.91040 ?  91  HIS A ND1  1 
ATOM   749  C CD2  . HIS A 1 115 ? 7.12816   9.08301   -19.72709 1.000 94.03216  ?  91  HIS A CD2  1 
ATOM   750  C CE1  . HIS A 1 115 ? 5.55309   9.35829   -21.22949 1.000 109.95382 ?  91  HIS A CE1  1 
ATOM   751  N NE2  . HIS A 1 115 ? 6.15017   9.92709   -20.19771 1.000 109.57575 ?  91  HIS A NE2  1 
ATOM   752  N N    . ILE A 1 121 ? 12.76301  6.09661   -18.50208 1.000 72.70073  ?  97  ILE A N    1 
ATOM   753  C CA   . ILE A 1 121 ? 11.74362  5.92114   -17.47256 1.000 62.38275  ?  97  ILE A CA   1 
ATOM   754  C C    . ILE A 1 121 ? 10.85720  4.71894   -17.77303 1.000 59.59455  ?  97  ILE A C    1 
ATOM   755  O O    . ILE A 1 121 ? 10.17099  4.68058   -18.79851 1.000 58.65878  ?  97  ILE A O    1 
ATOM   756  C CB   . ILE A 1 121 ? 10.88357  7.18457   -17.31948 1.000 56.52805  ?  97  ILE A CB   1 
ATOM   757  C CG1  . ILE A 1 121 ? 11.70207  8.31191   -16.68698 1.000 61.90912  ?  97  ILE A CG1  1 
ATOM   758  C CG2  . ILE A 1 121 ? 9.64065   6.88445   -16.49033 1.000 56.15018  ?  97  ILE A CG2  1 
ATOM   759  C CD1  . ILE A 1 121 ? 10.86064  9.46256   -16.18088 1.000 64.63356  ?  97  ILE A CD1  1 
ATOM   760  N N    . THR A 1 122 ? 10.86654  3.74250   -16.87054 1.000 46.31052  ?  98  THR A N    1 
ATOM   761  C CA   . THR A 1 122 ? 10.01106  2.56954   -16.98534 1.000 48.51872  ?  98  THR A CA   1 
ATOM   762  C C    . THR A 1 122 ? 8.73513   2.78012   -16.18499 1.000 37.56902  ?  98  THR A C    1 
ATOM   763  O O    . THR A 1 122 ? 8.78469   3.15312   -15.00639 1.000 37.35771  ?  98  THR A O    1 
ATOM   764  C CB   . THR A 1 122 ? 10.72262  1.30489   -16.50326 1.000 49.97510  ?  98  THR A CB   1 
ATOM   765  O OG1  . THR A 1 122 ? 11.96185  1.14850   -17.20469 1.000 62.20482  ?  98  THR A OG1  1 
ATOM   766  C CG2  . THR A 1 122 ? 9.84190   0.08472   -16.73574 1.000 40.53677  ?  98  THR A CG2  1 
ATOM   767  N N    . LEU A 1 123 ? 7.60156   2.54953   -16.83438 1.000 34.11194  ?  99  LEU A N    1 
ATOM   768  C CA   . LEU A 1 123 ? 6.28809   2.56193   -16.21539 1.000 33.40952  ?  99  LEU A CA   1 
ATOM   769  C C    . LEU A 1 123 ? 5.86310   1.13085   -15.91288 1.000 29.43407  ?  99  LEU A C    1 
ATOM   770  O O    . LEU A 1 123 ? 6.39050   0.17274   -16.47627 1.000 33.88071  ?  99  LEU A O    1 
ATOM   771  C CB   . LEU A 1 123 ? 5.25881   3.22855   -17.12841 1.000 36.18717  ?  99  LEU A CB   1 
ATOM   772  C CG   . LEU A 1 123 ? 5.49922   4.67338   -17.56547 1.000 39.13167  ?  99  LEU A CG   1 
ATOM   773  C CD1  . LEU A 1 123 ? 4.39701   5.10481   -18.52104 1.000 38.62693  ?  99  LEU A CD1  1 
ATOM   774  C CD2  . LEU A 1 123 ? 5.54866   5.60099   -16.36145 1.000 38.95023  ?  99  LEU A CD2  1 
ATOM   775  N N    A VAL A 1 124 ? 4.88122   0.99342   -15.02835 0.720 27.79743  ?  100 VAL A N    1 
ATOM   776  N N    B VAL A 1 124 ? 4.89781   1.00021   -15.00183 0.280 27.93658  ?  100 VAL A N    1 
ATOM   777  C CA   A VAL A 1 124 ? 4.38107   -0.31814  -14.64002 0.720 26.46085  ?  100 VAL A CA   1 
ATOM   778  C CA   B VAL A 1 124 ? 4.36638   -0.29543  -14.58763 0.280 26.46273  ?  100 VAL A CA   1 
ATOM   779  C C    A VAL A 1 124 ? 2.87950   -0.21481  -14.42196 0.720 24.85184  ?  100 VAL A C    1 
ATOM   780  C C    B VAL A 1 124 ? 2.85521   -0.18923  -14.46082 0.280 24.92573  ?  100 VAL A C    1 
ATOM   781  O O    A VAL A 1 124 ? 2.37735   0.80985   -13.94193 0.720 26.52406  ?  100 VAL A O    1 
ATOM   782  O O    B VAL A 1 124 ? 2.32488   0.84900   -14.04852 0.280 26.82420  ?  100 VAL A O    1 
ATOM   783  C CB   A VAL A 1 124 ? 5.10076   -0.85380  -13.37873 0.720 27.73321  ?  100 VAL A CB   1 
ATOM   784  C CB   B VAL A 1 124 ? 4.97327   -0.77708  -13.25225 0.280 27.49254  ?  100 VAL A CB   1 
ATOM   785  C CG1  A VAL A 1 124 ? 4.94648   0.11192   -12.23261 0.720 26.07266  ?  100 VAL A CG1  1 
ATOM   786  C CG1  B VAL A 1 124 ? 5.13997   -2.29412  -13.24920 0.280 27.43163  ?  100 VAL A CG1  1 
ATOM   787  C CG2  A VAL A 1 124 ? 4.57057   -2.22938  -12.98991 0.720 27.73398  ?  100 VAL A CG2  1 
ATOM   788  C CG2  B VAL A 1 124 ? 6.28648   -0.09248  -12.99574 0.280 25.12955  ?  100 VAL A CG2  1 
ATOM   789  N N    . ARG A 1 125 ? 2.16737   -1.27523  -14.80750 1.000 25.68404  ?  101 ARG A N    1 
ATOM   790  C CA   A ARG A 1 125 ? 0.72192   -1.37202  -14.67961 0.509 23.17695  ?  101 ARG A CA   1 
ATOM   791  C CA   B ARG A 1 125 ? 0.72295   -1.37004  -14.67247 0.491 23.19951  ?  101 ARG A CA   1 
ATOM   792  C C    . ARG A 1 125 ? 0.36345   -2.75380  -14.15228 1.000 22.64499  ?  101 ARG A C    1 
ATOM   793  O O    . ARG A 1 125 ? 1.14517   -3.70583  -14.26238 1.000 23.63957  ?  101 ARG A O    1 
ATOM   794  C CB   A ARG A 1 125 ? 0.01582   -1.14952  -16.02864 0.509 25.10957  ?  101 ARG A CB   1 
ATOM   795  C CB   B ARG A 1 125 ? 0.00878   -1.10701  -16.01224 0.491 25.11011  ?  101 ARG A CB   1 
ATOM   796  C CG   A ARG A 1 125 ? 0.30258   -2.27947  -17.00899 0.509 25.32903  ?  101 ARG A CG   1 
ATOM   797  C CG   B ARG A 1 125 ? 0.51499   -1.97546  -17.16070 0.491 27.18539  ?  101 ARG A CG   1 
ATOM   798  C CD   A ARG A 1 125 ? -0.50061  -2.18037  -18.29727 0.509 28.72690  ?  101 ARG A CD   1 
ATOM   799  C CD   B ARG A 1 125 ? -0.30018  -1.74042  -18.43169 0.491 25.27768  ?  101 ARG A CD   1 
ATOM   800  N NE   A ARG A 1 125 ? -0.22306  -3.35640  -19.11459 0.509 25.68620  ?  101 ARG A NE   1 
ATOM   801  N NE   B ARG A 1 125 ? -1.68578  -2.19092  -18.28732 0.491 26.27369  ?  101 ARG A NE   1 
ATOM   802  C CZ   A ARG A 1 125 ? -1.03246  -4.40626  -19.23343 0.509 25.04375  ?  101 ARG A CZ   1 
ATOM   803  C CZ   B ARG A 1 125 ? -2.11083  -3.41392  -18.59197 0.491 17.23399  ?  101 ARG A CZ   1 
ATOM   804  N NH1  A ARG A 1 125 ? -2.21124  -4.43142  -18.61981 0.509 21.93475  ?  101 ARG A NH1  1 
ATOM   805  N NH1  B ARG A 1 125 ? -3.37897  -3.74295  -18.42228 0.491 23.93089  ?  101 ARG A NH1  1 
ATOM   806  N NH2  A ARG A 1 125 ? -0.65386  -5.43359  -19.97963 0.509 27.05041  ?  101 ARG A NH2  1 
ATOM   807  N NH2  B ARG A 1 125 ? -1.26281  -4.31945  -19.05431 0.491 23.54045  ?  101 ARG A NH2  1 
ATOM   808  N N    . ILE A 1 126 ? -0.83152  -2.85722  -13.57682 1.000 21.36220  ?  102 ILE A N    1 
ATOM   809  C CA   . ILE A 1 126 ? -1.39189  -4.15608  -13.23119 1.000 21.81557  ?  102 ILE A CA   1 
ATOM   810  C C    . ILE A 1 126 ? -2.03540  -4.73984  -14.48285 1.000 25.75887  ?  102 ILE A C    1 
ATOM   811  O O    . ILE A 1 126 ? -2.53877  -4.00418  -15.33399 1.000 27.02937  ?  102 ILE A O    1 
ATOM   812  C CB   . ILE A 1 126 ? -2.40758  -4.02426  -12.07671 1.000 23.04723  ?  102 ILE A CB   1 
ATOM   813  C CG1  . ILE A 1 126 ? -2.72844  -5.39192  -11.47696 1.000 24.19875  ?  102 ILE A CG1  1 
ATOM   814  C CG2  . ILE A 1 126 ? -3.70689  -3.33564  -12.53919 1.000 26.58249  ?  102 ILE A CG2  1 
ATOM   815  C CD1  . ILE A 1 126 ? -3.52561  -5.32128  -10.16626 1.000 27.74366  ?  102 ILE A CD1  1 
ATOM   816  N N    . THR A 1 127 ? -1.98254  -6.05341  -14.62189 1.000 24.60881  ?  103 THR A N    1 
ATOM   817  C CA   . THR A 1 127 ? -2.69918  -6.71977  -15.70827 1.000 23.31260  ?  103 THR A CA   1 
ATOM   818  C C    . THR A 1 127 ? -4.08835  -7.14153  -15.25553 1.000 24.28991  ?  103 THR A C    1 
ATOM   819  O O    . THR A 1 127 ? -4.42514  -7.13675  -14.07835 1.000 23.78360  ?  103 THR A O    1 
ATOM   820  C CB   . THR A 1 127 ? -1.96085  -7.96660  -16.15721 1.000 23.24145  ?  103 THR A CB   1 
ATOM   821  O OG1  . THR A 1 127 ? -2.01566  -8.92098  -15.08220 1.000 24.17510  ?  103 THR A OG1  1 
ATOM   822  C CG2  . THR A 1 127 ? -0.52848  -7.65363  -16.53091 1.000 24.67863  ?  103 THR A CG2  1 
ATOM   823  N N    . ARG A 1 128 ? -4.90907  -7.58055  -16.21289 1.000 23.62590  ?  104 ARG A N    1 
ATOM   824  C CA   . ARG A 1 128 ? -6.20842  -8.11467  -15.82263 1.000 21.95786  ?  104 ARG A CA   1 
ATOM   825  C C    . ARG A 1 128 ? -6.07397  -9.30836  -14.87917 1.000 25.97295  ?  104 ARG A C    1 
ATOM   826  O O    . ARG A 1 128 ? -6.86766  -9.45879  -13.94202 1.000 25.73847  ?  104 ARG A O    1 
ATOM   827  C CB   . ARG A 1 128 ? -7.01463  -8.51181  -17.06329 1.000 26.93876  ?  104 ARG A CB   1 
ATOM   828  C CG   . ARG A 1 128 ? -8.34591  -9.12755  -16.67971 1.000 30.69583  ?  104 ARG A CG   1 
ATOM   829  C CD   . ARG A 1 128 ? -9.22017  -9.41416  -17.88012 1.000 45.28035  ?  104 ARG A CD   1 
ATOM   830  N NE   . ARG A 1 128 ? -10.40240 -10.19482 -17.52502 1.000 40.90241  ?  104 ARG A NE   1 
ATOM   831  C CZ   . ARG A 1 128 ? -10.37285 -11.46743 -17.14121 1.000 39.03050  ?  104 ARG A CZ   1 
ATOM   832  N NH1  . ARG A 1 128 ? -9.21803  -12.11550 -17.06389 1.000 53.43378  ?  104 ARG A NH1  1 
ATOM   833  N NH2  . ARG A 1 128 ? -11.49999 -12.09339 -16.83659 1.000 55.79920  ?  104 ARG A NH2  1 
ATOM   834  N N    . LYS A 1 129 ? -5.09917  -10.18986 -15.12258 1.000 24.40479  ?  105 LYS A N    1 
ATOM   835  C CA   . LYS A 1 129 ? -4.87873  -11.31253 -14.21089 1.000 23.60612  ?  105 LYS A CA   1 
ATOM   836  C C    . LYS A 1 129 ? -4.59577  -10.81454 -12.79199 1.000 26.55041  ?  105 LYS A C    1 
ATOM   837  O O    . LYS A 1 129 ? -5.16572  -11.31809 -11.81371 1.000 27.56342  ?  105 LYS A O    1 
ATOM   838  C CB   . LYS A 1 129 ? -3.72627  -12.17869 -14.71877 1.000 26.38889  ?  105 LYS A CB   1 
ATOM   839  C CG   . LYS A 1 129 ? -3.33626  -13.30620 -13.78398 1.000 27.51719  ?  105 LYS A CG   1 
ATOM   840  C CD   . LYS A 1 129 ? -2.16368  -14.11207 -14.33608 1.000 31.44698  ?  105 LYS A CD   1 
ATOM   841  C CE   . LYS A 1 129 ? -1.74528  -15.20850 -13.36500 1.000 36.77617  ?  105 LYS A CE   1 
ATOM   842  N NZ   . LYS A 1 129 ? -0.64353  -16.03962 -13.92790 1.000 38.86698  ?  105 LYS A NZ   1 
ATOM   843  N N    . GLY A 1 130 ? -3.72746  -9.81582  -12.66581 1.000 26.58914  ?  106 GLY A N    1 
ATOM   844  C CA   . GLY A 1 130 ? -3.43454  -9.27915  -11.34024 1.000 24.53187  ?  106 GLY A CA   1 
ATOM   845  C C    . GLY A 1 130 ? -4.64663  -8.64166  -10.68461 1.000 25.85134  ?  106 GLY A C    1 
ATOM   846  O O    . GLY A 1 130 ? -4.90734  -8.84822  -9.49097  1.000 26.21724  ?  106 GLY A O    1 
ATOM   847  N N    . LEU A 1 131 ? -5.43308  -7.88388  -11.46216 1.000 24.11625  ?  107 LEU A N    1 
ATOM   848  C CA   . LEU A 1 131 ? -6.63551  -7.25308  -10.92282 1.000 24.23131  ?  107 LEU A CA   1 
ATOM   849  C C    . LEU A 1 131 ? -7.64162  -8.29635  -10.43978 1.000 27.22507  ?  107 LEU A C    1 
ATOM   850  O O    . LEU A 1 131 ? -8.23662  -8.15413  -9.36142  1.000 26.81773  ?  107 LEU A O    1 
ATOM   851  C CB   . LEU A 1 131 ? -7.25952  -6.34877  -11.98916 1.000 26.42011  ?  107 LEU A CB   1 
ATOM   852  C CG   . LEU A 1 131 ? -8.38893  -5.41804  -11.56575 1.000 33.89476  ?  107 LEU A CG   1 
ATOM   853  C CD1  . LEU A 1 131 ? -7.86614  -4.38297  -10.57895 1.000 33.58156  ?  107 LEU A CD1  1 
ATOM   854  C CD2  . LEU A 1 131 ? -8.97753  -4.73855  -12.79391 1.000 35.31657  ?  107 LEU A CD2  1 
ATOM   855  N N    . LYS A 1 132 ? -7.87239  -9.34674  -11.23933 1.000 27.66408  ?  108 LYS A N    1 
ATOM   856  C CA   . LYS A 1 132 ? -8.78646  -10.38617 -10.79414 1.000 29.85403  ?  108 LYS A CA   1 
ATOM   857  C C    . LYS A 1 132 ? -8.24978  -11.09508 -9.56520  1.000 28.62198  ?  108 LYS A C    1 
ATOM   858  O O    . LYS A 1 132 ? -9.03087  -11.51976 -8.70599  1.000 33.44873  ?  108 LYS A O    1 
ATOM   859  C CB   . LYS A 1 132 ? -9.04962  -11.39499 -11.91829 1.000 34.64323  ?  108 LYS A CB   1 
ATOM   860  C CG   . LYS A 1 132 ? -9.93236  -10.85857 -13.03618 1.000 39.96408  ?  108 LYS A CG   1 
ATOM   861  C CD   . LYS A 1 132 ? -11.39660 -10.79913 -12.61649 1.000 49.59941  ?  108 LYS A CD   1 
ATOM   862  C CE   . LYS A 1 132 ? -12.01494 -9.45413  -12.96682 1.000 66.97200  ?  108 LYS A CE   1 
ATOM   863  N NZ   . LYS A 1 132 ? -13.48739 -9.55531  -13.17399 1.000 65.22140  ?  108 LYS A NZ   1 
ATOM   864  N N    . ALA A 1 133 ? -6.92428  -11.22234 -9.45225  1.000 26.06492  ?  109 ALA A N    1 
ATOM   865  C CA   . ALA A 1 133 ? -6.35909  -11.89652 -8.29190  1.000 28.85065  ?  109 ALA A CA   1 
ATOM   866  C C    . ALA A 1 133 ? -6.56213  -11.08989 -7.01576  1.000 28.32654  ?  109 ALA A C    1 
ATOM   867  O O    . ALA A 1 133 ? -6.74208  -11.67591 -5.94292  1.000 29.67281  ?  109 ALA A O    1 
ATOM   868  C CB   . ALA A 1 133 ? -4.87429  -12.16311 -8.51107  1.000 27.39737  ?  109 ALA A CB   1 
ATOM   869  N N    . VAL A 1 134 ? -6.56680  -9.76322  -7.11686  1.000 25.28566  ?  110 VAL A N    1 
ATOM   870  C CA   . VAL A 1 134 ? -6.56689  -8.91696  -5.92293  1.000 23.40894  ?  110 VAL A CA   1 
ATOM   871  C C    . VAL A 1 134 ? -7.92391  -8.26637  -5.60980  1.000 29.49205  ?  110 VAL A C    1 
ATOM   872  O O    . VAL A 1 134 ? -8.06216  -7.67505  -4.52447  1.000 27.53625  ?  110 VAL A O    1 
ATOM   873  C CB   . VAL A 1 134 ? -5.46612  -7.83661  -6.02056  1.000 22.96024  ?  110 VAL A CB   1 
ATOM   874  C CG1  . VAL A 1 134 ? -5.91114  -6.67644  -6.88926  1.000 23.10352  ?  110 VAL A CG1  1 
ATOM   875  C CG2  . VAL A 1 134 ? -5.06880  -7.30396  -4.62437  1.000 26.42579  ?  110 VAL A CG2  1 
ATOM   876  N N    A GLU A 1 135 ? -8.92937  -8.36236  -6.49269  0.536 25.04174  ?  111 GLU A N    1 
ATOM   877  N N    B GLU A 1 135 ? -8.91271  -8.35959  -6.50846  0.464 25.07602  ?  111 GLU A N    1 
ATOM   878  C CA   A GLU A 1 135 ? -10.13076 -7.54321  -6.29232  0.536 25.80682  ?  111 GLU A CA   1 
ATOM   879  C CA   B GLU A 1 135 ? -10.16399 -7.61277  -6.34583  0.464 25.86686  ?  111 GLU A CA   1 
ATOM   880  C C    A GLU A 1 135 ? -10.91104 -7.92863  -5.02721  0.536 24.03866  ?  111 GLU A C    1 
ATOM   881  C C    B GLU A 1 135 ? -10.87204 -7.93874  -5.02976  0.464 24.08001  ?  111 GLU A C    1 
ATOM   882  O O    A GLU A 1 135 ? -11.42302 -7.04903  -4.30880  0.536 28.16852  ?  111 GLU A O    1 
ATOM   883  O O    B GLU A 1 135 ? -11.31983 -7.03533  -4.29919  0.464 28.40313  ?  111 GLU A O    1 
ATOM   884  C CB   A GLU A 1 135 ? -11.03166 -7.60551  -7.53361  0.536 33.48889  ?  111 GLU A CB   1 
ATOM   885  C CB   B GLU A 1 135 ? -11.08193 -7.91277  -7.53539  0.464 32.17782  ?  111 GLU A CB   1 
ATOM   886  C CG   A GLU A 1 135 ? -11.35565 -8.99604  -8.04276  0.536 30.94639  ?  111 GLU A CG   1 
ATOM   887  C CG   B GLU A 1 135 ? -11.83461 -6.71325  -8.08423  0.464 39.48886  ?  111 GLU A CG   1 
ATOM   888  C CD   A GLU A 1 135 ? -12.09917 -8.97685  -9.37996  0.536 40.76207  ?  111 GLU A CD   1 
ATOM   889  C CD   B GLU A 1 135 ? -12.43270 -6.99443  -9.44857  0.464 36.41919  ?  111 GLU A CD   1 
ATOM   890  O OE1  A GLU A 1 135 ? -12.85658 -9.92735  -9.65557  0.536 38.78161  ?  111 GLU A OE1  1 
ATOM   891  O OE1  B GLU A 1 135 ? -13.08372 -8.05037  -9.60647  0.464 41.84716  ?  111 GLU A OE1  1 
ATOM   892  O OE2  A GLU A 1 135 ? -11.92992 -8.01138  -10.15368 0.536 42.44218  -1 111 GLU A OE2  1 
ATOM   893  O OE2  B GLU A 1 135 ? -12.23676 -6.16858  -10.36332 0.464 36.44122  -1 111 GLU A OE2  1 
ATOM   894  N N    . HIS A 1 136 ? -11.02096 -9.22927  -4.72502  1.000 27.36322  ?  112 HIS A N    1 
ATOM   895  C CA   . HIS A 1 136 ? -11.74302 -9.60278  -3.51024  1.000 29.86198  ?  112 HIS A CA   1 
ATOM   896  C C    . HIS A 1 136 ? -10.99177 -9.13714  -2.27166  1.000 27.29746  ?  112 HIS A C    1 
ATOM   897  O O    . HIS A 1 136 ? -11.59491 -8.65336  -1.30289  1.000 25.99299  ?  112 HIS A O    1 
ATOM   898  C CB   . HIS A 1 136 ? -11.97051 -11.10925 -3.43846  1.000 30.37540  ?  112 HIS A CB   1 
ATOM   899  C CG   . HIS A 1 136 ? -12.74060 -11.53427 -2.22433  1.000 34.59880  ?  112 HIS A CG   1 
ATOM   900  N ND1  . HIS A 1 136 ? -13.91185 -10.92099 -1.83414  1.000 41.23234  ?  112 HIS A ND1  1 
ATOM   901  C CD2  . HIS A 1 136 ? -12.48011 -12.47381 -1.28567  1.000 38.93780  ?  112 HIS A CD2  1 
ATOM   902  C CE1  . HIS A 1 136 ? -14.35756 -11.48791 -0.72716  1.000 34.51095  ?  112 HIS A CE1  1 
ATOM   903  N NE2  . HIS A 1 136 ? -13.50287 -12.42846 -0.36969  1.000 33.96581  ?  112 HIS A NE2  1 
ATOM   904  N N    . LEU A 1 137 ? -9.67456  -9.30990  -2.27707  1.000 25.32463  ?  113 LEU A N    1 
ATOM   905  C CA   . LEU A 1 137 ? -8.87119  -8.82169  -1.16368  1.000 24.82081  ?  113 LEU A CA   1 
ATOM   906  C C    . LEU A 1 137 ? -9.06050  -7.32271  -0.95997  1.000 25.12060  ?  113 LEU A C    1 
ATOM   907  O O    . LEU A 1 137 ? -9.08792  -6.84135  0.17734   1.000 22.34884  ?  113 LEU A O    1 
ATOM   908  C CB   . LEU A 1 137 ? -7.40501  -9.15924  -1.41932  1.000 26.48231  ?  113 LEU A CB   1 
ATOM   909  C CG   . LEU A 1 137 ? -6.44227  -9.12257  -0.23864  1.000 29.04167  ?  113 LEU A CG   1 
ATOM   910  C CD1  . LEU A 1 137 ? -6.96906  -9.86295  0.98710   1.000 26.70674  ?  113 LEU A CD1  1 
ATOM   911  C CD2  . LEU A 1 137 ? -5.08972  -9.68291  -0.70265  1.000 24.83062  ?  113 LEU A CD2  1 
ATOM   912  N N    . MET A 1 138 ? -9.16204  -6.55306  -2.04334  1.000 25.15424  ?  114 MET A N    1 
ATOM   913  C CA   . MET A 1 138 ? -9.39300  -5.11974  -1.88601  1.000 23.31145  ?  114 MET A CA   1 
ATOM   914  C C    . MET A 1 138 ? -10.73797 -4.84864  -1.22433  1.000 22.54600  ?  114 MET A C    1 
ATOM   915  O O    . MET A 1 138 ? -10.86271 -3.92711  -0.40256  1.000 22.27047  ?  114 MET A O    1 
ATOM   916  C CB   . MET A 1 138 ? -9.30008  -4.41814  -3.23671  1.000 25.93674  ?  114 MET A CB   1 
ATOM   917  C CG   . MET A 1 138 ? -7.87587  -4.31043  -3.73189  1.000 26.73338  ?  114 MET A CG   1 
ATOM   918  S SD   . MET A 1 138 ? -7.81144  -3.64747  -5.39620  1.000 33.53410  ?  114 MET A SD   1 
ATOM   919  C CE   . MET A 1 138 ? -8.09886  -1.91137  -5.12723  1.000 33.18432  ?  114 MET A CE   1 
ATOM   920  N N    A GLU A 1 139 ? -11.76371 -5.63227  -1.57885  0.563 26.51847  ?  115 GLU A N    1 
ATOM   921  N N    B GLU A 1 139 ? -11.76112 -5.63460  -1.57158  0.437 26.52537  ?  115 GLU A N    1 
ATOM   922  C CA   A GLU A 1 139 ? -13.04085 -5.52029  -0.87115  0.563 28.12940  ?  115 GLU A CA   1 
ATOM   923  C CA   B GLU A 1 139 ? -13.03387 -5.49112  -0.86511  0.437 28.11828  ?  115 GLU A CA   1 
ATOM   924  C C    A GLU A 1 139 ? -12.86410 -5.75805  0.62728   0.563 24.56003  ?  115 GLU A C    1 
ATOM   925  C C    B GLU A 1 139 ? -12.86982 -5.75909  0.63063   0.437 24.54146  ?  115 GLU A C    1 
ATOM   926  O O    A GLU A 1 139 ? -13.40366 -5.01514  1.46448   0.563 23.62371  ?  115 GLU A O    1 
ATOM   927  O O    B GLU A 1 139 ? -13.41413 -5.02444  1.47417   0.437 23.79826  ?  115 GLU A O    1 
ATOM   928  C CB   A GLU A 1 139 ? -14.05603 -6.51545  -1.44218  0.563 32.41388  ?  115 GLU A CB   1 
ATOM   929  C CB   B GLU A 1 139 ? -14.08713 -6.42703  -1.46273  0.437 32.40836  ?  115 GLU A CB   1 
ATOM   930  C CG   A GLU A 1 139 ? -14.29559 -6.38525  -2.92837  0.563 30.74096  ?  115 GLU A CG   1 
ATOM   931  C CG   B GLU A 1 139 ? -15.48441 -6.22836  -0.88321  0.437 30.64280  ?  115 GLU A CG   1 
ATOM   932  C CD   A GLU A 1 139 ? -15.42808 -7.26999  -3.41731  0.563 39.50924  ?  115 GLU A CD   1 
ATOM   933  C CD   B GLU A 1 139 ? -16.50618 -7.17492  -1.48830  0.437 42.43307  ?  115 GLU A CD   1 
ATOM   934  O OE1  A GLU A 1 139 ? -16.44166 -6.72340  -3.89593  0.563 49.86151  ?  115 GLU A OE1  1 
ATOM   935  O OE1  B GLU A 1 139 ? -16.10022 -8.24916  -1.98161  0.437 45.53539  ?  115 GLU A OE1  1 
ATOM   936  O OE2  A GLU A 1 139 ? -15.30704 -8.50981  -3.31810  0.563 39.14343  -1 115 GLU A OE2  1 
ATOM   937  O OE2  B GLU A 1 139 ? -17.71273 -6.84239  -1.47698  0.437 49.82442  -1 115 GLU A OE2  1 
ATOM   938  N N    . LEU A 1 140 ? -12.12384 -6.81235  0.97953   1.000 23.13926  ?  116 LEU A N    1 
ATOM   939  C CA   . LEU A 1 140 ? -11.91194 -7.11443  2.39325   1.000 23.35218  ?  116 LEU A CA   1 
ATOM   940  C C    . LEU A 1 140 ? -11.10808 -6.01471  3.06351   1.000 25.06940  ?  116 LEU A C    1 
ATOM   941  O O    . LEU A 1 140 ? -11.33971 -5.70334  4.23923   1.000 23.31500  ?  116 LEU A O    1 
ATOM   942  C CB   . LEU A 1 140 ? -11.19920 -8.44975  2.57584   1.000 22.34685  ?  116 LEU A CB   1 
ATOM   943  C CG   . LEU A 1 140 ? -11.97973 -9.66312  2.04734   1.000 24.76044  ?  116 LEU A CG   1 
ATOM   944  C CD1  . LEU A 1 140 ? -11.14378 -10.93000 2.12687   1.000 26.33629  ?  116 LEU A CD1  1 
ATOM   945  C CD2  . LEU A 1 140 ? -13.29759 -9.81008  2.80991   1.000 28.20457  ?  116 LEU A CD2  1 
ATOM   946  N N    . ALA A 1 141 ? -10.17403 -5.41521  2.32732   1.000 21.20805  ?  117 ALA A N    1 
ATOM   947  C CA   . ALA A 1 141 ? -9.38358  -4.32369  2.88475   1.000 20.72795  ?  117 ALA A CA   1 
ATOM   948  C C    . ALA A 1 141 ? -10.25685 -3.12191  3.19427   1.000 22.55863  ?  117 ALA A C    1 
ATOM   949  O O    . ALA A 1 141 ? -10.06419 -2.45583  4.21234   1.000 20.57413  ?  117 ALA A O    1 
ATOM   950  C CB   . ALA A 1 141 ? -8.27910  -3.90778  1.91864   1.000 20.74042  ?  117 ALA A CB   1 
ATOM   951  N N    . ARG A 1 142 ? -11.19520 -2.80288  2.29715   1.000 20.63485  ?  118 ARG A N    1 
ATOM   952  C CA   . ARG A 1 142 ? -12.12751 -1.70913  2.55716   1.000 23.97779  ?  118 ARG A CA   1 
ATOM   953  C C    . ARG A 1 142 ? -13.00549 -2.01211  3.77013   1.000 22.88520  ?  118 ARG A C    1 
ATOM   954  O O    . ARG A 1 142 ? -13.27980 -1.12001  4.58634   1.000 24.76030  ?  118 ARG A O    1 
ATOM   955  C CB   . ARG A 1 142 ? -12.97888 -1.46315  1.30628   1.000 25.96138  ?  118 ARG A CB   1 
ATOM   956  C CG   . ARG A 1 142 ? -12.26487 -0.66570  0.21441   1.000 27.78759  ?  118 ARG A CG   1 
ATOM   957  C CD   . ARG A 1 142 ? -11.79249 0.70263   0.72483   1.000 42.43233  ?  118 ARG A CD   1 
ATOM   958  N NE   . ARG A 1 142 ? -11.09738 1.49590   -0.29288  1.000 67.15416  ?  118 ARG A NE   1 
ATOM   959  C CZ   . ARG A 1 142 ? -10.48517 2.65647   -0.05504  1.000 56.03881  ?  118 ARG A CZ   1 
ATOM   960  N NH1  . ARG A 1 142 ? -10.47514 3.16429   1.17287   1.000 38.95352  ?  118 ARG A NH1  1 
ATOM   961  N NH2  . ARG A 1 142 ? -9.88023  3.31286   -1.04258  1.000 38.72167  ?  118 ARG A NH2  1 
ATOM   962  N N    . GLU A 1 143 ? -13.43841 -3.27576  3.91266   1.000 21.96799  ?  119 GLU A N    1 
ATOM   963  C CA   . GLU A 1 143 ? -14.22102 -3.65430  5.09389   1.000 28.66623  ?  119 GLU A CA   1 
ATOM   964  C C    . GLU A 1 143 ? -13.41709 -3.47589  6.38421   1.000 26.82677  ?  119 GLU A C    1 
ATOM   965  O O    . GLU A 1 143 ? -13.92124 -2.93651  7.38632   1.000 25.61246  ?  119 GLU A O    1 
ATOM   966  C CB   . GLU A 1 143 ? -14.69394 -5.09949  4.95730   1.000 27.39400  ?  119 GLU A CB   1 
ATOM   967  C CG   . GLU A 1 143 ? -15.56298 -5.59367  6.10321   1.000 39.28887  ?  119 GLU A CG   1 
ATOM   968  C CD   . GLU A 1 143 ? -16.64627 -4.60227  6.48329   1.000 72.03043  ?  119 GLU A CD   1 
ATOM   969  O OE1  . GLU A 1 143 ? -17.24852 -3.99262  5.57208   1.000 75.06070  ?  119 GLU A OE1  1 
ATOM   970  O OE2  . GLU A 1 143 ? -16.89488 -4.43312  7.69691   1.000 69.02751  -1 119 GLU A OE2  1 
ATOM   971  N N    . HIS A 1 144 ? -12.15608 -3.92469  6.37512   1.000 21.67911  ?  120 HIS A N    1 
ATOM   972  C CA   . HIS A 1 144 ? -11.30091 -3.77641  7.55104   1.000 22.38168  ?  120 HIS A CA   1 
ATOM   973  C C    . HIS A 1 144 ? -11.07283 -2.30263  7.87291   1.000 22.11806  ?  120 HIS A C    1 
ATOM   974  O O    . HIS A 1 144 ? -11.14868 -1.88760  9.03920   1.000 21.85997  ?  120 HIS A O    1 
ATOM   975  C CB   . HIS A 1 144 ? -9.97552  -4.50572  7.30962   1.000 19.65166  ?  120 HIS A CB   1 
ATOM   976  C CG   . HIS A 1 144 ? -8.95437  -4.26500  8.37248   1.000 22.82834  ?  120 HIS A CG   1 
ATOM   977  N ND1  . HIS A 1 144 ? -7.78412  -3.57817  8.13103   1.000 20.57504  ?  120 HIS A ND1  1 
ATOM   978  C CD2  . HIS A 1 144 ? -8.92816  -4.61699  9.67924   1.000 22.93260  ?  120 HIS A CD2  1 
ATOM   979  C CE1  . HIS A 1 144 ? -7.08003  -3.51645  9.24826   1.000 21.33195  ?  120 HIS A CE1  1 
ATOM   980  N NE2  . HIS A 1 144 ? -7.76325  -4.11722  10.20902  1.000 22.49257  ?  120 HIS A NE2  1 
ATOM   981  N N    . GLU A 1 145 ? -10.82195 -1.49125  6.84898   1.000 20.49886  ?  121 GLU A N    1 
ATOM   982  C CA   . GLU A 1 145 ? -10.64076 -0.06544  7.06434   1.000 20.38129  ?  121 GLU A CA   1 
ATOM   983  C C    . GLU A 1 145 ? -11.88290 0.55161   7.68684   1.000 21.94209  ?  121 GLU A C    1 
ATOM   984  O O    . GLU A 1 145 ? -11.78427 1.40881   8.57010   1.000 23.43905  ?  121 GLU A O    1 
ATOM   985  C CB   . GLU A 1 145 ? -10.30944 0.61230   5.73515   1.000 21.85661  ?  121 GLU A CB   1 
ATOM   986  C CG   . GLU A 1 145 ? -10.07954 2.08345   5.82091   1.000 24.45938  ?  121 GLU A CG   1 
ATOM   987  C CD   . GLU A 1 145 ? -9.96137  2.69051   4.44962   1.000 31.58699  ?  121 GLU A CD   1 
ATOM   988  O OE1  . GLU A 1 145 ? -10.55566 2.14676   3.48469   1.000 36.86013  ?  121 GLU A OE1  1 
ATOM   989  O OE2  . GLU A 1 145 ? -9.23818  3.68155   4.32559   1.000 28.67419  -1 121 GLU A OE2  1 
ATOM   990  N N    . ARG A 1 146 ? -13.06495 0.13280   7.22364   1.000 22.34032  ?  122 ARG A N    1 
ATOM   991  C CA   . ARG A 1 146 ? -14.29061 0.68022   7.79417   1.000 25.59515  ?  122 ARG A CA   1 
ATOM   992  C C    . ARG A 1 146 ? -14.40436 0.32916   9.26615   1.000 24.04228  ?  122 ARG A C    1 
ATOM   993  O O    . ARG A 1 146 ? -14.81488 1.16539   10.07881  1.000 28.02701  ?  122 ARG A O    1 
ATOM   994  C CB   . ARG A 1 146 ? -15.50849 0.17006   7.02013   1.000 28.32056  ?  122 ARG A CB   1 
ATOM   995  C CG   . ARG A 1 146 ? -15.90427 1.06555   5.87042   1.000 47.23813  ?  122 ARG A CG   1 
ATOM   996  C CD   . ARG A 1 146 ? -17.25714 0.65963   5.29501   1.000 53.96030  ?  122 ARG A CD   1 
ATOM   997  N NE   . ARG A 1 146 ? -17.19067 -0.64309  4.64341   1.000 65.86020  ?  122 ARG A NE   1 
ATOM   998  C CZ   . ARG A 1 146 ? -16.85647 -0.82669  3.37050   1.000 59.27396  ?  122 ARG A CZ   1 
ATOM   999  N NH1  . ARG A 1 146 ? -16.55704 0.21023   2.59604   1.000 59.49169  ?  122 ARG A NH1  1 
ATOM   1000 N NH2  . ARG A 1 146 ? -16.81755 -2.05075  2.87385   1.000 42.32641  ?  122 ARG A NH2  1 
ATOM   1001 N N    . ARG A 1 147 ? -14.03988 -0.89703  9.63446   1.000 24.59034  ?  123 ARG A N    1 
ATOM   1002 C CA   . ARG A 1 147 ? -14.06574 -1.25896  11.05339  1.000 25.29022  ?  123 ARG A CA   1 
ATOM   1003 C C    . ARG A 1 147 ? -13.06486 -0.44228  11.87046  1.000 32.18434  ?  123 ARG A C    1 
ATOM   1004 O O    . ARG A 1 147 ? -13.35201 -0.06789  13.01490  1.000 27.65912  ?  123 ARG A O    1 
ATOM   1005 C CB   . ARG A 1 147 ? -13.80371 -2.74807  11.23459  1.000 29.74682  ?  123 ARG A CB   1 
ATOM   1006 C CG   . ARG A 1 147 ? -14.93271 -3.63132  10.73774  1.000 43.70602  ?  123 ARG A CG   1 
ATOM   1007 C CD   . ARG A 1 147 ? -14.70409 -5.07132  11.13498  1.000 52.73465  ?  123 ARG A CD   1 
ATOM   1008 N NE   . ARG A 1 147 ? -13.48913 -5.61580  10.53578  1.000 75.80179  ?  123 ARG A NE   1 
ATOM   1009 C CZ   . ARG A 1 147 ? -13.46565 -6.31911  9.40699   1.000 73.40337  ?  123 ARG A CZ   1 
ATOM   1010 N NH1  . ARG A 1 147 ? -14.59397 -6.56552  8.75479   1.000 70.33589  ?  123 ARG A NH1  1 
ATOM   1011 N NH2  . ARG A 1 147 ? -12.31348 -6.77725  8.93098   1.000 55.03277  ?  123 ARG A NH2  1 
ATOM   1012 N N    . VAL A 1 148 ? -11.87789 -0.17665  11.31229  1.000 22.41360  ?  124 VAL A N    1 
ATOM   1013 C CA   . VAL A 1 148 ? -10.85519 0.60105   12.02081  1.000 20.42794  ?  124 VAL A CA   1 
ATOM   1014 C C    . VAL A 1 148 ? -11.32555 2.03655   12.24396  1.000 22.68239  ?  124 VAL A C    1 
ATOM   1015 O O    . VAL A 1 148 ? -11.07262 2.64170   13.29821  1.000 24.22966  ?  124 VAL A O    1 
ATOM   1016 C CB   . VAL A 1 148 ? -9.53260  0.57020   11.23203  1.000 22.35749  ?  124 VAL A CB   1 
ATOM   1017 C CG1  . VAL A 1 148 ? -8.54851  1.60800   11.77250  1.000 22.59875  ?  124 VAL A CG1  1 
ATOM   1018 C CG2  . VAL A 1 148 ? -8.92811  -0.84248  11.25369  1.000 22.01637  ?  124 VAL A CG2  1 
ATOM   1019 N N    . LEU A 1 149 ? -12.00783 2.61027   11.25372  1.000 23.07535  ?  125 LEU A N    1 
ATOM   1020 C CA   . LEU A 1 149 ? -12.37560 4.02342   11.32717  1.000 21.16779  ?  125 LEU A CA   1 
ATOM   1021 C C    . LEU A 1 149 ? -13.74742 4.27047   11.94394  1.000 26.55469  ?  125 LEU A C    1 
ATOM   1022 O O    . LEU A 1 149 ? -13.99826 5.38872   12.39684  1.000 25.85481  ?  125 LEU A O    1 
ATOM   1023 C CB   . LEU A 1 149 ? -12.33579 4.64937   9.92835   1.000 24.94654  ?  125 LEU A CB   1 
ATOM   1024 C CG   . LEU A 1 149 ? -10.91405 4.84197   9.37504   1.000 24.24072  ?  125 LEU A CG   1 
ATOM   1025 C CD1  . LEU A 1 149 ? -10.96708 5.23140   7.89660   1.000 28.72326  ?  125 LEU A CD1  1 
ATOM   1026 C CD2  . LEU A 1 149 ? -10.16867 5.85203   10.20116  1.000 25.20148  ?  125 LEU A CD2  1 
ATOM   1027 N N    . GLU A 1 150 ? -14.61457 3.25859   12.00154  1.000 24.50935  ?  126 GLU A N    1 
ATOM   1028 C CA   . GLU A 1 150 ? -15.97103 3.49109   12.50394  1.000 29.54088  ?  126 GLU A CA   1 
ATOM   1029 C C    . GLU A 1 150 ? -16.01141 4.10675   13.89712  1.000 30.33947  ?  126 GLU A C    1 
ATOM   1030 O O    . GLU A 1 150 ? -16.84212 5.00933   14.11925  1.000 27.87843  ?  126 GLU A O    1 
ATOM   1031 C CB   . GLU A 1 150 ? -16.75221 2.17289   12.48750  1.000 33.94574  ?  126 GLU A CB   1 
ATOM   1032 C CG   . GLU A 1 150 ? -18.24558 2.34113   12.72001  1.000 53.60582  ?  126 GLU A CG   1 
ATOM   1033 C CD   . GLU A 1 150 ? -18.64235 2.18966   14.18202  1.000 78.76293  ?  126 GLU A CD   1 
ATOM   1034 O OE1  . GLU A 1 150 ? -19.73876 2.66757   14.55074  1.000 77.28771  ?  126 GLU A OE1  1 
ATOM   1035 O OE2  . GLU A 1 150 ? -17.86192 1.60117   14.96454  1.000 76.69886  -1 126 GLU A OE2  1 
ATOM   1036 N N    . PRO A 1 151 ? -15.19802 3.67562   14.86316  1.000 26.14844  ?  127 PRO A N    1 
ATOM   1037 C CA   . PRO A 1 151 ? -15.28676 4.26450   16.20941  1.000 24.60903  ?  127 PRO A CA   1 
ATOM   1038 C C    . PRO A 1 151 ? -14.97555 5.73871   16.23640  1.000 29.64641  ?  127 PRO A C    1 
ATOM   1039 O O    . PRO A 1 151 ? -15.42101 6.44674   17.15257  1.000 28.49859  ?  127 PRO A O    1 
ATOM   1040 C CB   . PRO A 1 151 ? -14.25818 3.46064   17.01213  1.000 35.37979  ?  127 PRO A CB   1 
ATOM   1041 C CG   . PRO A 1 151 ? -14.11183 2.18490   16.24916  1.000 34.66972  ?  127 PRO A CG   1 
ATOM   1042 C CD   . PRO A 1 151 ? -14.24240 2.55649   14.81763  1.000 28.90272  ?  127 PRO A CD   1 
ATOM   1043 N N    . PHE A 1 152 ? -14.24123 6.23726   15.25261  1.000 25.06687  ?  128 PHE A N    1 
ATOM   1044 C CA   . PHE A 1 152 ? -13.85717 7.63494   15.23094  1.000 26.96159  ?  128 PHE A CA   1 
ATOM   1045 C C    . PHE A 1 152 ? -14.91306 8.54437   14.61879  1.000 29.05743  ?  128 PHE A C    1 
ATOM   1046 O O    . PHE A 1 152 ? -14.92933 9.74147   14.93206  1.000 31.17065  ?  128 PHE A O    1 
ATOM   1047 C CB   . PHE A 1 152 ? -12.52217 7.77106   14.49662  1.000 27.99687  ?  128 PHE A CB   1 
ATOM   1048 C CG   . PHE A 1 152 ? -11.41022 7.12620   15.24444  1.000 23.89937  ?  128 PHE A CG   1 
ATOM   1049 C CD1  . PHE A 1 152 ? -10.76858 7.82195   16.24811  1.000 24.81590  ?  128 PHE A CD1  1 
ATOM   1050 C CD2  . PHE A 1 152 ? -11.04574 5.80739   14.99474  1.000 23.64109  ?  128 PHE A CD2  1 
ATOM   1051 C CE1  . PHE A 1 152 ? -9.77166  7.23992   16.97972  1.000 24.39784  ?  128 PHE A CE1  1 
ATOM   1052 C CE2  . PHE A 1 152 ? -10.04505 5.20960   15.72821  1.000 24.94022  ?  128 PHE A CE2  1 
ATOM   1053 C CZ   . PHE A 1 152 ? -9.40019  5.92165   16.71766  1.000 24.69010  ?  128 PHE A CZ   1 
ATOM   1054 N N    . GLY A 1 153 ? -15.80193 8.00962   13.79294  1.000 30.49740  ?  129 GLY A N    1 
ATOM   1055 C CA   . GLY A 1 153 ? -16.79334 8.83152   13.12965  1.000 33.35527  ?  129 GLY A CA   1 
ATOM   1056 C C    . GLY A 1 153 ? -16.27001 9.42226   11.83187  1.000 45.04345  ?  129 GLY A C    1 
ATOM   1057 O O    . GLY A 1 153 ? -15.06768 9.52503   11.59905  1.000 33.84695  ?  129 GLY A O    1 
ATOM   1058 N N    . LEU A 1 154 ? -17.21239 9.81323   10.96749  1.000 34.41966  ?  130 LEU A N    1 
ATOM   1059 C CA   . LEU A 1 154 ? -16.84975 10.29521  9.63786   1.000 30.82665  ?  130 LEU A CA   1 
ATOM   1060 C C    . LEU A 1 154 ? -15.99686 11.55876  9.69996   1.000 37.75590  ?  130 LEU A C    1 
ATOM   1061 O O    . LEU A 1 154 ? -15.03893 11.70077  8.93325   1.000 34.10046  ?  130 LEU A O    1 
ATOM   1062 C CB   . LEU A 1 154 ? -18.11275 10.54216  8.80608   1.000 40.74382  ?  130 LEU A CB   1 
ATOM   1063 C CG   . LEU A 1 154 ? -18.35887 9.49240   7.72217   1.000 60.09316  ?  130 LEU A CG   1 
ATOM   1064 C CD1  . LEU A 1 154 ? -17.32627 9.64449   6.61154   1.000 49.40462  ?  130 LEU A CD1  1 
ATOM   1065 C CD2  . LEU A 1 154 ? -18.33277 8.08504   8.30083   1.000 63.71411  ?  130 LEU A CD2  1 
ATOM   1066 N N    . ARG A 1 155 ? -16.32761 12.49216  10.59322  1.000 31.21314  ?  131 ARG A N    1 
ATOM   1067 C CA   . ARG A 1 155 ? -15.57578 13.74073  10.67852  1.000 28.72292  ?  131 ARG A CA   1 
ATOM   1068 C C    . ARG A 1 155 ? -14.10917 13.47582  11.00409  1.000 34.69237  ?  131 ARG A C    1 
ATOM   1069 O O    . ARG A 1 155 ? -13.19939 13.94981  10.30838  1.000 32.81109  ?  131 ARG A O    1 
ATOM   1070 C CB   . ARG A 1 155 ? -16.20016 14.65257  11.73345  1.000 36.01557  ?  131 ARG A CB   1 
ATOM   1071 C CG   . ARG A 1 155 ? -15.54410 16.02099  11.85397  1.000 57.28656  ?  131 ARG A CG   1 
ATOM   1072 C CD   . ARG A 1 155 ? -15.82862 16.67390  13.21464  1.000 58.76965  ?  131 ARG A CD   1 
ATOM   1073 N NE   . ARG A 1 155 ? -15.52735 15.79069  14.34209  1.000 77.11229  ?  131 ARG A NE   1 
ATOM   1074 C CZ   . ARG A 1 155 ? -16.42457 15.38312  15.23767  1.000 91.41306  ?  131 ARG A CZ   1 
ATOM   1075 N NH1  . ARG A 1 155 ? -16.05842 14.58214  16.23278  1.000 74.90552  ?  131 ARG A NH1  1 
ATOM   1076 N NH2  . ARG A 1 155 ? -17.69042 15.77219  15.13912  1.000 88.38242  ?  131 ARG A NH2  1 
ATOM   1077 N N    . ARG A 1 156 ? -13.86975 12.73104  12.06630  1.000 30.16014  ?  132 ARG A N    1 
ATOM   1078 C CA   . ARG A 1 156 ? -12.47917 12.47210  12.49497  1.000 28.04405  ?  132 ARG A CA   1 
ATOM   1079 C C    . ARG A 1 156 ? -11.75357 11.60022  11.45890  1.000 31.13157  ?  132 ARG A C    1 
ATOM   1080 O O    . ARG A 1 156 ? -10.58490 11.79318  11.25693  1.000 29.08149  ?  132 ARG A O    1 
ATOM   1081 C CB   . ARG A 1 156 ? -12.47311 11.84744  13.88682  1.000 28.64628  ?  132 ARG A CB   1 
ATOM   1082 C CG   . ARG A 1 156 ? -12.79746 12.81086  15.01751  1.000 30.85252  ?  132 ARG A CG   1 
ATOM   1083 C CD   . ARG A 1 156 ? -12.77462 12.07994  16.33192  1.000 37.94813  ?  132 ARG A CD   1 
ATOM   1084 N NE   . ARG A 1 156 ? -11.39722 11.95959  16.73337  1.000 33.01861  ?  132 ARG A NE   1 
ATOM   1085 C CZ   . ARG A 1 156 ? -10.95413 11.23724  17.71943  1.000 37.07306  ?  132 ARG A CZ   1 
ATOM   1086 N NH1  . ARG A 1 156 ? -11.77444 10.53205  18.46735  1.000 34.49135  ?  132 ARG A NH1  1 
ATOM   1087 N NH2  . ARG A 1 156 ? -9.67789  11.22918  17.98287  1.000 35.36978  ?  132 ARG A NH2  1 
ATOM   1088 N N    . ALA A 1 157 ? -12.45579 10.68161  10.82606  1.000 27.55600  ?  133 ALA A N    1 
ATOM   1089 C CA   . ALA A 1 157 ? -11.81227 9.79297   9.84230   1.000 25.46684  ?  133 ALA A CA   1 
ATOM   1090 C C    . ALA A 1 157 ? -11.36932 10.59155  8.62736   1.000 28.48072  ?  133 ALA A C    1 
ATOM   1091 O O    . ALA A 1 157 ? -10.30575 10.39928  8.14597   1.000 27.79972  ?  133 ALA A O    1 
ATOM   1092 C CB   . ALA A 1 157 ? -12.76101 8.70331   9.44687   1.000 26.58043  ?  133 ALA A CB   1 
ATOM   1093 N N    . GLU A 1 158 ? -12.22874 11.47396  8.16740   1.000 31.40318  ?  134 GLU A N    1 
ATOM   1094 C CA   . GLU A 1 158 ? -11.89586 12.26472  6.97442   1.000 31.91655  ?  134 GLU A CA   1 
ATOM   1095 C C    . GLU A 1 158 ? -10.78310 13.24593  7.33282   1.000 29.01086  ?  134 GLU A C    1 
ATOM   1096 O O    . GLU A 1 158 ? -9.95516  13.46395  6.51117   1.000 29.11122  ?  134 GLU A O    1 
ATOM   1097 C CB   . GLU A 1 158 ? -13.17537 12.90566  6.43157   1.000 31.63650  ?  134 GLU A CB   1 
ATOM   1098 C CG   . GLU A 1 158 ? -14.02358 11.95397  5.60299   1.000 38.96521  ?  134 GLU A CG   1 
ATOM   1099 C CD   . GLU A 1 158 ? -13.32276 11.04154  4.59740   1.000 66.85336  ?  134 GLU A CD   1 
ATOM   1100 O OE1  . GLU A 1 158 ? -13.49196 9.82152   4.68536   1.000 66.44028  ?  134 GLU A OE1  1 
ATOM   1101 O OE2  . GLU A 1 158 ? -12.60160 11.54254  3.73185   1.000 74.59031  -1 134 GLU A OE2  1 
ATOM   1102 N N    . GLU A 1 159 ? -10.80582 13.78986  8.54173   1.000 24.43157  ?  135 GLU A N    1 
ATOM   1103 C CA   . GLU A 1 159 ? -9.73651  14.72309  8.95524   1.000 24.77297  ?  135 GLU A CA   1 
ATOM   1104 C C    . GLU A 1 159 ? -8.39774  13.97493  8.97215   1.000 31.24864  ?  135 GLU A C    1 
ATOM   1105 O O    . GLU A 1 159 ? -7.43930  14.48751  8.51464   1.000 26.90352  ?  135 GLU A O    1 
ATOM   1106 C CB   . GLU A 1 159 ? -10.00746 15.27469  10.34311  1.000 26.37599  ?  135 GLU A CB   1 
ATOM   1107 C CG   . GLU A 1 159 ? -8.80651  15.96721  10.92885  1.000 35.06177  ?  135 GLU A CG   1 
ATOM   1108 C CD   . GLU A 1 159 ? -8.61685  17.38383  10.42572  1.000 59.27597  ?  135 GLU A CD   1 
ATOM   1109 O OE1  . GLU A 1 159 ? -7.54128  17.94003  10.59775  1.000 53.07978  ?  135 GLU A OE1  1 
ATOM   1110 O OE2  . GLU A 1 159 ? -9.54756  17.90607  9.86098   1.000 70.21972  -1 135 GLU A OE2  1 
ATOM   1111 N N    . LEU A 1 160 ? -8.39061  12.78604  9.53255   1.000 25.34745  ?  136 LEU A N    1 
ATOM   1112 C CA   . LEU A 1 160 ? -7.15182  12.01617  9.55897   1.000 23.36223  ?  136 LEU A CA   1 
ATOM   1113 C C    . LEU A 1 160 ? -6.64169  11.75516  8.14831   1.000 22.49469  ?  136 LEU A C    1 
ATOM   1114 O O    . LEU A 1 160 ? -5.45746  11.97427  7.85538   1.000 21.10762  ?  136 LEU A O    1 
ATOM   1115 C CB   . LEU A 1 160 ? -7.38473  10.70762  10.30411  1.000 20.96712  ?  136 LEU A CB   1 
ATOM   1116 C CG   . LEU A 1 160 ? -6.18547  9.73634   10.30742  1.000 19.19235  ?  136 LEU A CG   1 
ATOM   1117 C CD1  . LEU A 1 160 ? -5.00583  10.33006  11.06216  1.000 22.70920  ?  136 LEU A CD1  1 
ATOM   1118 C CD2  . LEU A 1 160 ? -6.65600  8.43991   10.93087  1.000 24.66024  ?  136 LEU A CD2  1 
ATOM   1119 N N    . LYS A 1 161 ? -7.51259  11.26690  7.26192   1.000 22.93464  ?  137 LYS A N    1 
ATOM   1120 C CA   . LYS A 1 161 ? -7.04746  10.95088  5.91497   1.000 21.04079  ?  137 LYS A CA   1 
ATOM   1121 C C    . LYS A 1 161 ? -6.55689  12.19231  5.18094   1.000 25.35990  ?  137 LYS A C    1 
ATOM   1122 O O    . LYS A 1 161 ? -5.57481  12.12933  4.42493   1.000 23.93191  ?  137 LYS A O    1 
ATOM   1123 C CB   . LYS A 1 161 ? -8.14090  10.27441  5.09959   1.000 24.09139  ?  137 LYS A CB   1 
ATOM   1124 C CG   . LYS A 1 161 ? -8.40821  8.85575   5.47085   1.000 25.66631  ?  137 LYS A CG   1 
ATOM   1125 C CD   . LYS A 1 161 ? -9.33336  8.24403   4.44168   1.000 28.58952  ?  137 LYS A CD   1 
ATOM   1126 C CE   . LYS A 1 161 ? -9.69144  6.84063   4.82992   1.000 31.73509  ?  137 LYS A CE   1 
ATOM   1127 N NZ   . LYS A 1 161 ? -10.47309 6.18917   3.74766   1.000 29.24899  ?  137 LYS A NZ   1 
ATOM   1128 N N    . GLN A 1 162 ? -7.23310  13.33374  5.36509   1.000 24.61147  ?  138 GLN A N    1 
ATOM   1129 C CA   A GLN A 1 162 ? -6.78749  14.53587  4.67613   0.483 27.54232  ?  138 GLN A CA   1 
ATOM   1130 C CA   B GLN A 1 162 ? -6.79290  14.54575  4.68370   0.517 27.55278  ?  138 GLN A CA   1 
ATOM   1131 C C    . GLN A 1 162 ? -5.44482  15.00966  5.21435   1.000 22.97127  ?  138 GLN A C    1 
ATOM   1132 O O    . GLN A 1 162 ? -4.57486  15.42109  4.43727   1.000 24.33715  ?  138 GLN A O    1 
ATOM   1133 C CB   A GLN A 1 162 ? -7.84915  15.62982  4.79822   0.483 27.97625  ?  138 GLN A CB   1 
ATOM   1134 C CB   B GLN A 1 162 ? -7.84084  15.65373  4.83772   0.517 27.93203  ?  138 GLN A CB   1 
ATOM   1135 C CG   A GLN A 1 162 ? -9.11802  15.32790  4.01226   0.483 29.91961  ?  138 GLN A CG   1 
ATOM   1136 C CG   B GLN A 1 162 ? -7.37907  17.02956  4.35286   0.517 30.12706  ?  138 GLN A CG   1 
ATOM   1137 C CD   A GLN A 1 162 ? -8.88932  15.24366  2.50728   0.483 44.26051  ?  138 GLN A CD   1 
ATOM   1138 C CD   B GLN A 1 162 ? -7.15912  17.10064  2.84535   0.517 41.12319  ?  138 GLN A CD   1 
ATOM   1139 O OE1  A GLN A 1 162 ? -7.75450  15.30779  2.02948   0.483 52.47457  ?  138 GLN A OE1  1 
ATOM   1140 O OE1  B GLN A 1 162 ? -7.07753  16.07835  2.16603   0.517 47.49896  ?  138 GLN A OE1  1 
ATOM   1141 N NE2  A GLN A 1 162 ? -9.97392  15.11658  1.75275   0.483 43.03604  ?  138 GLN A NE2  1 
ATOM   1142 N NE2  B GLN A 1 162 ? -7.05358  18.31924  2.31957   0.517 35.89872  ?  138 GLN A NE2  1 
ATOM   1143 N N    . THR A 1 163 ? -5.25301  14.94879  6.53678   1.000 21.76400  ?  139 THR A N    1 
ATOM   1144 C CA   . THR A 1 163 ? -3.97524  15.35488  7.11037   1.000 20.44221  ?  139 THR A CA   1 
ATOM   1145 C C    . THR A 1 163 ? -2.84916  14.46514  6.59883   1.000 18.55103  ?  139 THR A C    1 
ATOM   1146 O O    . THR A 1 163 ? -1.77204  14.96185  6.24871   1.000 20.33796  ?  139 THR A O    1 
ATOM   1147 C CB   . THR A 1 163 ? -4.03602  15.31320  8.63803   1.000 19.25140  ?  139 THR A CB   1 
ATOM   1148 O OG1  . THR A 1 163 ? -5.03377  16.26346  9.09277   1.000 24.70037  ?  139 THR A OG1  1 
ATOM   1149 C CG2  . THR A 1 163 ? -2.70543  15.70379  9.22678   1.000 23.19298  ?  139 THR A CG2  1 
ATOM   1150 N N    . LEU A 1 164 ? -3.08847  13.15139  6.54198   1.000 19.99244  ?  140 LEU A N    1 
ATOM   1151 C CA   . LEU A 1 164 ? -2.04960  12.24599  6.04985   1.000 18.30972  ?  140 LEU A CA   1 
ATOM   1152 C C    . LEU A 1 164 ? -1.72044  12.51100  4.58324   1.000 19.02664  ?  140 LEU A C    1 
ATOM   1153 O O    . LEU A 1 164 ? -0.54248  12.54938  4.19818   1.000 20.50414  ?  140 LEU A O    1 
ATOM   1154 C CB   . LEU A 1 164 ? -2.48920  10.78989  6.24241   1.000 19.51996  ?  140 LEU A CB   1 
ATOM   1155 C CG   . LEU A 1 164 ? -2.59631  10.33087  7.70356   1.000 19.39182  ?  140 LEU A CG   1 
ATOM   1156 C CD1  . LEU A 1 164 ? -3.21617  8.94636   7.79673   1.000 19.76050  ?  140 LEU A CD1  1 
ATOM   1157 C CD2  . LEU A 1 164 ? -1.22951  10.38313  8.39529   1.000 20.21884  ?  140 LEU A CD2  1 
ATOM   1158 N N    . ARG A 1 165 ? -2.74333  12.68510  3.74430   1.000 19.47844  ?  141 ARG A N    1 
ATOM   1159 C CA   . ARG A 1 165 ? -2.49733  13.01923  2.35062   1.000 19.88950  ?  141 ARG A CA   1 
ATOM   1160 C C    . ARG A 1 165 ? -1.68376  14.30341  2.21810   1.000 21.93254  ?  141 ARG A C    1 
ATOM   1161 O O    . ARG A 1 165 ? -0.74546  14.37521  1.41373   1.000 21.36327  ?  141 ARG A O    1 
ATOM   1162 C CB   . ARG A 1 165 ? -3.83733  13.13972  1.60693   1.000 23.05471  ?  141 ARG A CB   1 
ATOM   1163 C CG   . ARG A 1 165 ? -3.72732  13.80574  0.27285   1.000 31.21998  ?  141 ARG A CG   1 
ATOM   1164 C CD   . ARG A 1 165 ? -2.66540  13.13920  -0.55635  1.000 35.35647  ?  141 ARG A CD   1 
ATOM   1165 N NE   . ARG A 1 165 ? -2.99523  11.74004  -0.78426  1.000 34.31207  ?  141 ARG A NE   1 
ATOM   1166 C CZ   . ARG A 1 165 ? -2.11886  10.81765  -1.16678  1.000 34.68309  ?  141 ARG A CZ   1 
ATOM   1167 N NH1  . ARG A 1 165 ? -0.84750  11.14471  -1.36411  1.000 31.52171  ?  141 ARG A NH1  1 
ATOM   1168 N NH2  . ARG A 1 165 ? -2.52061  9.56729   -1.34767  1.000 35.39125  ?  141 ARG A NH2  1 
ATOM   1169 N N    A GLN A 1 166 ? -2.03676  15.33865  2.98894   0.520 21.86037  ?  142 GLN A N    1 
ATOM   1170 N N    B GLN A 1 166 ? -2.03077  15.33588  2.99473   0.480 21.86336  ?  142 GLN A N    1 
ATOM   1171 C CA   A GLN A 1 166 ? -1.30820  16.59991  2.89377   0.520 23.69223  ?  142 GLN A CA   1 
ATOM   1172 C CA   B GLN A 1 166 ? -1.28112  16.58540  2.91965   0.480 23.69634  ?  142 GLN A CA   1 
ATOM   1173 C C    A GLN A 1 166 ? 0.13964   16.42913  3.34215   0.520 23.21796  ?  142 GLN A C    1 
ATOM   1174 C C    B GLN A 1 166 ? 0.16789   16.38326  3.33761   0.480 23.26309  ?  142 GLN A C    1 
ATOM   1175 O O    A GLN A 1 166 ? 1.06251   16.99767  2.73989   0.520 24.20301  ?  142 GLN A O    1 
ATOM   1176 O O    B GLN A 1 166 ? 1.08867   16.93621  2.72037   0.480 24.29127  ?  142 GLN A O    1 
ATOM   1177 C CB   A GLN A 1 166 ? -2.03199  17.67386  3.71547   0.520 23.26333  ?  142 GLN A CB   1 
ATOM   1178 C CB   B GLN A 1 166 ? -1.94106  17.64630  3.79847   0.480 22.89210  ?  142 GLN A CB   1 
ATOM   1179 C CG   A GLN A 1 166 ? -3.35831  18.10059  3.06480   0.520 24.50898  ?  142 GLN A CG   1 
ATOM   1180 C CG   B GLN A 1 166 ? -3.35061  18.00718  3.36700   0.480 25.83585  ?  142 GLN A CG   1 
ATOM   1181 C CD   A GLN A 1 166 ? -4.30906  18.85802  3.99785   0.520 23.46785  ?  142 GLN A CD   1 
ATOM   1182 C CD   B GLN A 1 166 ? -3.90190  19.16860  4.17322   0.480 27.40608  ?  142 GLN A CD   1 
ATOM   1183 O OE1  A GLN A 1 166 ? -3.91173  19.36455  5.05326   0.520 23.24963  ?  142 GLN A OE1  1 
ATOM   1184 O OE1  B GLN A 1 166 ? -4.68986  18.97859  5.09950   0.480 30.93532  ?  142 GLN A OE1  1 
ATOM   1185 N NE2  A GLN A 1 166 ? -5.57696  18.92110  3.60907   0.520 30.93199  ?  142 GLN A NE2  1 
ATOM   1186 N NE2  B GLN A 1 166 ? -3.45575  20.37515  3.84608   0.480 28.43124  ?  142 GLN A NE2  1 
ATOM   1187 N N    A MET A 1 167 ? 0.36279   15.62243  4.38605   0.520 21.84590  ?  143 MET A N    1 
ATOM   1188 N N    B MET A 1 167 ? 0.38783   15.60671  4.40359   0.480 21.80272  ?  143 MET A N    1 
ATOM   1189 C CA   A MET A 1 167 ? 1.72250   15.37264  4.85023   0.520 21.80040  ?  143 MET A CA   1 
ATOM   1190 C CA   B MET A 1 167 ? 1.74598   15.35022  4.86481   0.480 21.88386  ?  143 MET A CA   1 
ATOM   1191 C C    A MET A 1 167 ? 2.54946   14.64221  3.79344   0.520 20.27084  ?  143 MET A C    1 
ATOM   1192 C C    B MET A 1 167 ? 2.56265   14.62907  3.79994   0.480 20.22018  ?  143 MET A C    1 
ATOM   1193 O O    A MET A 1 167 ? 3.71047   14.99462  3.54256   0.520 21.35254  ?  143 MET A O    1 
ATOM   1194 O O    B MET A 1 167 ? 3.72406   14.97506  3.54714   0.480 21.35494  ?  143 MET A O    1 
ATOM   1195 C CB   A MET A 1 167 ? 1.68367   14.57822  6.16115   0.520 21.48886  ?  143 MET A CB   1 
ATOM   1196 C CB   B MET A 1 167 ? 1.70415   14.53738  6.16222   0.480 21.51564  ?  143 MET A CB   1 
ATOM   1197 C CG   A MET A 1 167 ? 1.10628   15.35739  7.33562   0.520 24.04073  ?  143 MET A CG   1 
ATOM   1198 C CG   B MET A 1 167 ? 1.43339   15.37914  7.38269   0.480 23.83533  ?  143 MET A CG   1 
ATOM   1199 S SD   A MET A 1 167 ? 1.03807   14.36890  8.84056   0.520 28.17274  ?  143 MET A SD   1 
ATOM   1200 S SD   B MET A 1 167 ? 1.80933   14.51544  8.91477   0.480 32.32867  ?  143 MET A SD   1 
ATOM   1201 C CE   A MET A 1 167 ? 2.60088   13.59579  8.72765   0.520 15.20763  ?  143 MET A CE   1 
ATOM   1202 C CE   B MET A 1 167 ? 1.35294   15.78059  10.08065  0.480 23.43858  ?  143 MET A CE   1 
ATOM   1203 N N    . ILE A 1 168 ? 1.96138   13.62656  3.15393   1.000 20.42886  ?  144 ILE A N    1 
ATOM   1204 C CA   . ILE A 1 168 ? 2.66252   12.90814  2.09543   1.000 18.43140  ?  144 ILE A CA   1 
ATOM   1205 C C    . ILE A 1 168 ? 3.03899   13.87469  0.98329   1.000 21.66666  ?  144 ILE A C    1 
ATOM   1206 O O    . ILE A 1 168 ? 4.18813   13.93651  0.53486   1.000 21.17424  ?  144 ILE A O    1 
ATOM   1207 C CB   . ILE A 1 168 ? 1.79911   11.75193  1.56950   1.000 20.29723  ?  144 ILE A CB   1 
ATOM   1208 C CG1  . ILE A 1 168 ? 1.60767   10.66733  2.65180   1.000 21.05265  ?  144 ILE A CG1  1 
ATOM   1209 C CG2  . ILE A 1 168 ? 2.39357   11.15938  0.29528   1.000 21.16753  ?  144 ILE A CG2  1 
ATOM   1210 C CD1  . ILE A 1 168 ? 0.41598   9.72917   2.35949   1.000 21.69563  ?  144 ILE A CD1  1 
ATOM   1211 N N    . ASP A 1 169 ? 2.07035   14.68269  0.54399   1.000 23.36361  ?  145 ASP A N    1 
ATOM   1212 C CA   . ASP A 1 169 ? 2.36339   15.54684  -0.59246  1.000 23.85544  ?  145 ASP A CA   1 
ATOM   1213 C C    . ASP A 1 169 ? 3.40555   16.60389  -0.25187  1.000 22.93762  ?  145 ASP A C    1 
ATOM   1214 O O    . ASP A 1 169 ? 4.16997   17.01985  -1.13118  1.000 25.95854  ?  145 ASP A O    1 
ATOM   1215 C CB   . ASP A 1 169 ? 1.07723   16.19648  -1.08188  1.000 24.82563  ?  145 ASP A CB   1 
ATOM   1216 C CG   . ASP A 1 169 ? 0.13990   15.20474  -1.76670  1.000 40.00876  ?  145 ASP A CG   1 
ATOM   1217 O OD1  . ASP A 1 169 ? 0.44179   13.98667  -1.80905  1.000 37.49240  ?  145 ASP A OD1  1 
ATOM   1218 O OD2  . ASP A 1 169 ? -0.91250  15.64555  -2.27009  1.000 55.85075  -1 145 ASP A OD2  1 
ATOM   1219 N N    . LEU A 1 170 ? 3.47563   17.03871  1.00719   1.000 22.38248  ?  146 LEU A N    1 
ATOM   1220 C CA   . LEU A 1 170 ? 4.52013   17.97937  1.38665   1.000 22.45998  ?  146 LEU A CA   1 
ATOM   1221 C C    . LEU A 1 170 ? 5.89435   17.32377  1.47755   1.000 28.65552  ?  146 LEU A C    1 
ATOM   1222 O O    . LEU A 1 170 ? 6.90516   17.98293  1.19870   1.000 30.94027  ?  146 LEU A O    1 
ATOM   1223 C CB   . LEU A 1 170 ? 4.18924   18.62370  2.72642   1.000 25.11858  ?  146 LEU A CB   1 
ATOM   1224 C CG   . LEU A 1 170 ? 3.08570   19.66940  2.64813   1.000 25.39836  ?  146 LEU A CG   1 
ATOM   1225 C CD1  . LEU A 1 170 ? 2.76996   20.12259  4.06661   1.000 28.72669  ?  146 LEU A CD1  1 
ATOM   1226 C CD2  . LEU A 1 170 ? 3.56981   20.83003  1.79685   1.000 28.88014  ?  146 LEU A CD2  1 
ATOM   1227 N N    . HIS A 1 171 ? 5.97122   16.05187  1.88737   1.000 22.19466  ?  147 HIS A N    1 
ATOM   1228 C CA   . HIS A 1 171 ? 7.27163   15.47884  2.20291   1.000 21.70319  ?  147 HIS A CA   1 
ATOM   1229 C C    . HIS A 1 171 ? 7.81495   14.52899  1.14442   1.000 24.75557  ?  147 HIS A C    1 
ATOM   1230 O O    . HIS A 1 171 ? 8.95714   14.07363  1.27521   1.000 27.42075  ?  147 HIS A O    1 
ATOM   1231 C CB   . HIS A 1 171 ? 7.19768   14.77434  3.56092   1.000 22.18028  ?  147 HIS A CB   1 
ATOM   1232 C CG   . HIS A 1 171 ? 7.12514   15.74132  4.70751   1.000 22.26703  ?  147 HIS A CG   1 
ATOM   1233 N ND1  . HIS A 1 171 ? 5.93604   16.19503  5.23403   1.000 29.40453  ?  147 HIS A ND1  1 
ATOM   1234 C CD2  . HIS A 1 171 ? 8.10538   16.38544  5.38242   1.000 20.21216  ?  147 HIS A CD2  1 
ATOM   1235 C CE1  . HIS A 1 171 ? 6.19000   17.06154  6.20376   1.000 22.31821  ?  147 HIS A CE1  1 
ATOM   1236 N NE2  . HIS A 1 171 ? 7.50033   17.19443  6.31101   1.000 28.02033  ?  147 HIS A NE2  1 
ATOM   1237 N N    A VAL A 1 172 ? 7.06342   14.25141  0.09769   0.734 21.53638  ?  148 VAL A N    1 
ATOM   1238 N N    B VAL A 1 172 ? 7.03705   14.20758  0.10802   0.266 21.74257  ?  148 VAL A N    1 
ATOM   1239 C CA   A VAL A 1 172 ? 7.54290   13.33894  -0.93311  0.734 25.23371  ?  148 VAL A CA   1 
ATOM   1240 C CA   B VAL A 1 172 ? 7.55569   13.32430  -0.93314  0.266 25.61348  ?  148 VAL A CA   1 
ATOM   1241 C C    A VAL A 1 172 ? 8.60421   14.03508  -1.77878  0.734 34.50851  ?  148 VAL A C    1 
ATOM   1242 C C    B VAL A 1 172 ? 8.64516   14.04056  -1.72572  0.266 34.47532  ?  148 VAL A C    1 
ATOM   1243 O O    A VAL A 1 172 ? 8.61038   15.26176  -1.92376  0.734 37.71904  ?  148 VAL A O    1 
ATOM   1244 O O    B VAL A 1 172 ? 8.71008   15.27399  -1.78809  0.266 37.24586  ?  148 VAL A O    1 
ATOM   1245 C CB   A VAL A 1 172 ? 6.36593   12.82876  -1.78415  0.734 27.34325  ?  148 VAL A CB   1 
ATOM   1246 C CB   B VAL A 1 172 ? 6.42854   12.83191  -1.85480  0.266 27.38041  ?  148 VAL A CB   1 
ATOM   1247 C CG1  A VAL A 1 172 ? 5.78869   13.95381  -2.64731  0.734 26.24564  ?  148 VAL A CG1  1 
ATOM   1248 C CG1  B VAL A 1 172 ? 6.99976   12.02867  -3.01416  0.266 35.25685  ?  148 VAL A CG1  1 
ATOM   1249 C CG2  A VAL A 1 172 ? 6.79520   11.63224  -2.61458  0.734 33.42513  ?  148 VAL A CG2  1 
ATOM   1250 C CG2  B VAL A 1 172 ? 5.43655   11.98447  -1.07748  0.266 24.74137  ?  148 VAL A CG2  1 
ATOM   1251 N N    . HIS A 1 173 ? 9.51909   13.24825  -2.33400  1.000 37.52730  ?  149 HIS A N    1 
ATOM   1252 C CA   . HIS A 1 173 ? 10.61789  13.79012  -3.13257  1.000 56.33602  ?  149 HIS A CA   1 
ATOM   1253 C C    . HIS A 1 173 ? 10.43138  13.58144  -4.63761  1.000 54.39595  ?  149 HIS A C    1 
ATOM   1254 O O    . HIS A 1 173 ? 9.46269   12.96093  -5.08022  1.000 49.87775  ?  149 HIS A O    1 
ATOM   1255 C CB   . HIS A 1 173 ? 11.93536  13.16471  -2.68545  1.000 61.56897  ?  149 HIS A CB   1 
ATOM   1256 C CG   . HIS A 1 173 ? 12.49409  13.77701  -1.44124  1.000 68.46699  ?  149 HIS A CG   1 
ATOM   1257 N ND1  . HIS A 1 173 ? 13.37272  13.11324  -0.61424  1.000 66.21551  ?  149 HIS A ND1  1 
ATOM   1258 C CD2  . HIS A 1 173 ? 12.29515  14.99447  -0.88274  1.000 76.24969  ?  149 HIS A CD2  1 
ATOM   1259 C CE1  . HIS A 1 173 ? 13.69124  13.89515  0.40235   1.000 83.52617  ?  149 HIS A CE1  1 
ATOM   1260 N NE2  . HIS A 1 173 ? 13.05192  15.04264  0.26285   1.000 90.32343  ?  149 HIS A NE2  1 
HETATM 1261 O OAA  . HID B 2 .   ? -0.78339  -2.02977  5.00271   1.000 20.71278  ?  201 HID A OAA  1 
HETATM 1262 O OAB  . HID B 2 .   ? 0.94726   -2.81057  3.92956   1.000 19.99818  ?  201 HID A OAB  1 
HETATM 1263 O OAC  . HID B 2 .   ? -2.60035  -1.81056  -0.10574  1.000 19.80735  ?  201 HID A OAC  1 
HETATM 1264 C CAD  . HID B 2 .   ? -0.90915  -0.29201  -0.86386  1.000 18.89969  ?  201 HID A CAD  1 
HETATM 1265 C CAE  . HID B 2 .   ? 0.21450   0.47405   -0.62078  1.000 19.22231  ?  201 HID A CAE  1 
HETATM 1266 C CAF  . HID B 2 .   ? 2.02039   0.88837   2.38353   1.000 18.38542  ?  201 HID A CAF  1 
HETATM 1267 C CAG  . HID B 2 .   ? -0.93672  -1.00379  1.42879   1.000 18.62964  ?  201 HID A CAG  1 
HETATM 1268 C CAH  . HID B 2 .   ? 0.84760   -0.46553  4.21039   1.000 20.03635  ?  201 HID A CAH  1 
HETATM 1269 N NAI  . HID B 2 .   ? 1.85946   1.16073   1.09974   1.000 19.14744  ?  201 HID A NAI  1 
HETATM 1270 C CAJ  . HID B 2 .   ? 0.29672   -1.85285  4.38483   1.000 18.89127  ?  201 HID A CAJ  1 
HETATM 1271 C CAK  . HID B 2 .   ? -1.48457  -1.03106  0.15435   1.000 20.24906  ?  201 HID A CAK  1 
HETATM 1272 C CAL  . HID B 2 .   ? 1.02928   0.03096   2.78244   1.000 16.69979  ?  201 HID A CAL  1 
HETATM 1273 C CAM  . HID B 2 .   ? 0.78582   0.49705   0.64614   1.000 17.98052  ?  201 HID A CAM  1 
HETATM 1274 C CAN  . HID B 2 .   ? 0.19957   -0.22399  1.65980   1.000 17.64049  ?  201 HID A CAN  1 
HETATM 1275 H HOAC . HID B 2 .   ? -2.35237  -2.50536  -0.52312  1.000 23.75612  ?  201 HID A HOAC 1 
HETATM 1276 H HAD  . HID B 2 .   ? -1.28106  -0.31112  -1.71571  1.000 22.66693  ?  201 HID A HAD  1 
HETATM 1277 H HAE  . HID B 2 .   ? 0.59053   0.97718   -1.30698  1.000 23.05408  ?  201 HID A HAE  1 
HETATM 1278 H HAF  . HID B 2 .   ? 2.69703   1.22350   2.92593   1.000 22.04982  ?  201 HID A HAF  1 
HETATM 1279 H HAG  . HID B 2 .   ? -1.31906  -1.49679  2.11841   1.000 22.34288  ?  201 HID A HAG  1 
HETATM 1280 H HAH  . HID B 2 .   ? 0.24859   0.14902   4.66138   1.000 24.03093  ?  201 HID A HAH  1 
HETATM 1281 H HAHA . HID B 2 .   ? 1.71400   -0.43639  4.64468   1.000 24.03093  ?  201 HID A HAHA 1 
HETATM 1282 H HNAI . HID B 2 .   ? 2.36177   1.67864   0.63203   1.000 22.96424  ?  201 HID A HNAI 1 
HETATM 1283 S S    . SO4 C 3 .   ? 5.20284   -11.64708 4.10589   1.000 28.84763  ?  202 SO4 A S    1 
HETATM 1284 O O1   . SO4 C 3 .   ? 3.82909   -12.05741 3.83987   1.000 36.46395  -1 202 SO4 A O1   1 
HETATM 1285 O O2   . SO4 C 3 .   ? 5.33864   -11.13979 5.48044   1.000 36.36566  ?  202 SO4 A O2   1 
HETATM 1286 O O3   . SO4 C 3 .   ? 5.46142   -10.58150 3.12892   1.000 37.63397  ?  202 SO4 A O3   1 
HETATM 1287 O O4   . SO4 C 3 .   ? 6.14321   -12.74371 3.88527   1.000 49.17344  ?  202 SO4 A O4   1 
HETATM 1288 S S    . SO4 D 3 .   ? 3.31504   -8.15042  9.56145   1.000 36.27743  ?  203 SO4 A S    1 
HETATM 1289 O O1   . SO4 D 3 .   ? 3.67385   -6.75149  9.75696   1.000 51.36267  ?  203 SO4 A O1   1 
HETATM 1290 O O2   . SO4 D 3 .   ? 2.52213   -8.61365  10.69705  1.000 44.98712  ?  203 SO4 A O2   1 
HETATM 1291 O O3   . SO4 D 3 .   ? 2.59479   -8.31100  8.31348   1.000 41.45729  -1 203 SO4 A O3   1 
HETATM 1292 O O4   . SO4 D 3 .   ? 4.54420   -8.94215  9.48499   1.000 46.03101  ?  203 SO4 A O4   1 
HETATM 1293 S S    . SO4 E 3 .   ? -3.66085  -7.05343  -20.13744 0.504 22.03278  ?  204 SO4 A S    1 
HETATM 1294 O O1   . SO4 E 3 .   ? -4.78198  -6.66666  -20.99085 0.504 25.41164  ?  204 SO4 A O1   1 
HETATM 1295 O O2   . SO4 E 3 .   ? -3.84908  -6.41803  -18.84292 0.504 25.37600  ?  204 SO4 A O2   1 
HETATM 1296 O O3   . SO4 E 3 .   ? -3.59540  -8.51190  -19.99295 0.504 21.36605  ?  204 SO4 A O3   1 
HETATM 1297 O O4   . SO4 E 3 .   ? -2.43218  -6.54952  -20.74685 0.504 27.40977  ?  204 SO4 A O4   1 
HETATM 1298 O O    . HOH F 4 .   ? -3.12800  -20.09073 5.46764   1.000 40.42850  ?  301 HOH A O    1 
HETATM 1299 O O    . HOH F 4 .   ? 17.26914  -4.75055  -8.03577  1.000 43.24864  ?  302 HOH A O    1 
HETATM 1300 O O    . HOH F 4 .   ? -1.49770  -6.56265  -22.82678 1.000 26.82669  ?  303 HOH A O    1 
HETATM 1301 O O    . HOH F 4 .   ? -2.74039  -15.38302 7.95786   1.000 39.74730  ?  304 HOH A O    1 
HETATM 1302 O O    . HOH F 4 .   ? 0.54275   -9.78237  10.42978  1.000 31.78712  ?  305 HOH A O    1 
HETATM 1303 O O    . HOH F 4 .   ? -1.74985  -5.75624  14.96562  1.000 30.02577  ?  306 HOH A O    1 
HETATM 1304 O O    . HOH F 4 .   ? 6.36842   -9.33583  1.30173   1.000 25.00060  ?  307 HOH A O    1 
HETATM 1305 O O    . HOH F 4 .   ? -10.56468 12.81178  4.03329   1.000 53.08660  ?  308 HOH A O    1 
HETATM 1306 O O    . HOH F 4 .   ? 7.19992   -10.84621 -1.24096  1.000 37.75751  ?  309 HOH A O    1 
HETATM 1307 O O    . HOH F 4 .   ? 19.74875  -4.71351  -4.23267  1.000 43.42490  ?  310 HOH A O    1 
HETATM 1308 O O    . HOH F 4 .   ? 11.20110  14.49051  14.61661  1.000 21.01304  ?  311 HOH A O    1 
HETATM 1309 O O    . HOH F 4 .   ? -17.30254 6.05693   18.82512  1.000 36.93393  ?  312 HOH A O    1 
HETATM 1310 O O    . HOH F 4 .   ? 2.59593   -4.16051  9.75375   1.000 27.82232  ?  313 HOH A O    1 
HETATM 1311 O O    . HOH F 4 .   ? 4.36468   1.10757   8.49263   1.000 34.30309  ?  314 HOH A O    1 
HETATM 1312 O O    . HOH F 4 .   ? -5.97412  -19.67859 3.62144   1.000 47.96474  ?  315 HOH A O    1 
HETATM 1313 O O    . HOH F 4 .   ? 7.71495   -14.42221 5.01697   1.000 31.47504  ?  316 HOH A O    1 
HETATM 1314 O O    . HOH F 4 .   ? -0.21201  -14.48700 8.64704   1.000 33.41627  ?  317 HOH A O    1 
HETATM 1315 O O    . HOH F 4 .   ? 8.13780   -5.93654  -19.89865 1.000 47.78830  ?  318 HOH A O    1 
HETATM 1316 O O    . HOH F 4 .   ? -2.04687  20.70299  1.71567   1.000 39.48734  ?  319 HOH A O    1 
HETATM 1317 O O    . HOH F 4 .   ? 11.07205  14.20371  2.76176   1.000 30.39976  ?  320 HOH A O    1 
HETATM 1318 O O    . HOH F 4 .   ? 4.01869   -4.22028  17.57886  1.000 36.21823  ?  321 HOH A O    1 
HETATM 1319 O O    . HOH F 4 .   ? -8.40716  -11.43598 -3.95400  1.000 31.44356  ?  322 HOH A O    1 
HETATM 1320 O O    . HOH F 4 .   ? -2.01516  -10.22707 -21.18029 1.000 42.50480  ?  323 HOH A O    1 
HETATM 1321 O O    . HOH F 4 .   ? -9.87919  1.52157   15.35151  1.000 26.26325  ?  324 HOH A O    1 
HETATM 1322 O O    . HOH F 4 .   ? 14.76232  -8.29086  -2.67505  1.000 39.58362  ?  325 HOH A O    1 
HETATM 1323 O O    . HOH F 4 .   ? -0.27602  1.54571   7.88591   1.000 19.49477  ?  326 HOH A O    1 
HETATM 1324 O O    . HOH F 4 .   ? 6.10868   -13.13676 -6.93609  1.000 45.18989  ?  327 HOH A O    1 
HETATM 1325 O O    . HOH F 4 .   ? 7.72483   -0.67342  4.18215   1.000 36.18907  ?  328 HOH A O    1 
HETATM 1326 O O    . HOH F 4 .   ? 3.64608   -12.54006 -7.38521  1.000 36.17685  ?  329 HOH A O    1 
HETATM 1327 O O    . HOH F 4 .   ? 2.60874   9.92875   -3.53563  1.000 42.12027  ?  330 HOH A O    1 
HETATM 1328 O O    . HOH F 4 .   ? -15.94722 12.04873  14.05438  1.000 34.54049  ?  331 HOH A O    1 
HETATM 1329 O O    . HOH F 4 .   ? 2.11448   -15.34699 -2.55281  1.000 34.68286  ?  332 HOH A O    1 
HETATM 1330 O O    . HOH F 4 .   ? 4.49406   5.05871   24.45056  1.000 35.91577  ?  333 HOH A O    1 
HETATM 1331 O O    . HOH F 4 .   ? -4.98072  1.83677   -6.22375  1.000 30.89038  ?  334 HOH A O    1 
HETATM 1332 O O    . HOH F 4 .   ? -3.93982  -1.74902  -15.79178 1.000 44.07604  ?  335 HOH A O    1 
HETATM 1333 O O    . HOH F 4 .   ? -2.89074  -3.46512  4.12383   1.000 21.20547  ?  336 HOH A O    1 
HETATM 1334 O O    . HOH F 4 .   ? 6.66810   -4.23849  0.51490   1.000 34.62261  ?  337 HOH A O    1 
HETATM 1335 O O    . HOH F 4 .   ? 13.91282  -3.91427  1.01518   1.000 45.67214  ?  338 HOH A O    1 
HETATM 1336 O O    . HOH F 4 .   ? -2.19368  -8.53660  14.07197  1.000 38.36176  ?  339 HOH A O    1 
HETATM 1337 O O    . HOH F 4 .   ? 0.40362   -4.26552  -22.88493 1.000 41.64031  ?  340 HOH A O    1 
HETATM 1338 O O    . HOH F 4 .   ? 2.88454   -9.31137  -17.85495 1.000 39.42085  ?  341 HOH A O    1 
HETATM 1339 O O    . HOH F 4 .   ? -5.59217  16.47215  11.85670  1.000 30.86570  ?  342 HOH A O    1 
HETATM 1340 O O    . HOH F 4 .   ? 16.91187  -3.26037  -1.60209  1.000 33.58758  ?  343 HOH A O    1 
HETATM 1341 O O    . HOH F 4 .   ? -12.43273 -4.71692  -5.35636  1.000 40.26533  ?  344 HOH A O    1 
HETATM 1342 O O    . HOH F 4 .   ? 2.49150   3.66025   22.66837  1.000 30.32496  ?  345 HOH A O    1 
HETATM 1343 O O    . HOH F 4 .   ? -4.60772  -9.71527  13.97229  1.000 56.88122  ?  346 HOH A O    1 
HETATM 1344 O O    . HOH F 4 .   ? -6.38009  -14.40112 -5.60843  1.000 41.71284  ?  347 HOH A O    1 
HETATM 1345 O O    . HOH F 4 .   ? 2.34403   12.79678  -3.44268  1.000 48.60912  ?  348 HOH A O    1 
HETATM 1346 O O    . HOH F 4 .   ? -6.32466  -13.83553 -11.64424 1.000 34.67719  ?  349 HOH A O    1 
HETATM 1347 O O    . HOH F 4 .   ? -1.24476  -11.65242 -17.78522 1.000 29.64450  ?  350 HOH A O    1 
HETATM 1348 O O    . HOH F 4 .   ? 7.35718   20.06570  -0.58239  1.000 38.09951  ?  351 HOH A O    1 
HETATM 1349 O O    . HOH F 4 .   ? -9.55460  -4.04144  13.68242  1.000 42.47087  ?  352 HOH A O    1 
HETATM 1350 O O    . HOH F 4 .   ? -6.19639  -9.94427  11.39662  1.000 41.07115  ?  353 HOH A O    1 
HETATM 1351 O O    . HOH F 4 .   ? -13.29084 1.61624   3.67774   1.000 38.87245  ?  354 HOH A O    1 
HETATM 1352 O O    . HOH F 4 .   ? -15.85978 -3.56680  0.72889   1.000 51.62970  ?  355 HOH A O    1 
HETATM 1353 O O    . HOH F 4 .   ? 9.50687   -7.83642  -1.37899  1.000 37.23299  ?  356 HOH A O    1 
HETATM 1354 O O    . HOH F 4 .   ? 4.31351   6.16622   21.92244  1.000 24.74117  ?  357 HOH A O    1 
HETATM 1355 O O    . HOH F 4 .   ? -10.37344 -11.64672 -6.24737  1.000 35.69754  ?  358 HOH A O    1 
HETATM 1356 O O    . HOH F 4 .   ? 3.53546   17.02505  -3.86272  1.000 40.45220  ?  359 HOH A O    1 
HETATM 1357 O O    . HOH F 4 .   ? -1.31420  4.43519   -7.91569  1.000 44.07061  ?  360 HOH A O    1 
HETATM 1358 O O    . HOH F 4 .   ? 3.65040   -0.74045  17.34187  1.000 24.65896  ?  361 HOH A O    1 
HETATM 1359 O O    . HOH F 4 .   ? -2.07465  -0.29246  -13.26311 1.000 26.53720  ?  362 HOH A O    1 
HETATM 1360 O O    . HOH F 4 .   ? 14.93448  3.23056   -3.03690  1.000 44.42100  ?  363 HOH A O    1 
HETATM 1361 O O    . HOH F 4 .   ? 11.09672  6.25940   -4.98537  1.000 42.13085  ?  364 HOH A O    1 
HETATM 1362 O O    . HOH F 4 .   ? -13.58225 16.25135  8.65482   1.000 43.63429  ?  365 HOH A O    1 
HETATM 1363 O O    . HOH F 4 .   ? -6.58391  -1.43182  -13.11117 1.000 40.16817  ?  366 HOH A O    1 
HETATM 1364 O O    . HOH F 4 .   ? 14.48601  -6.08308  -14.77915 1.000 53.42181  ?  367 HOH A O    1 
HETATM 1365 O O    . HOH F 4 .   ? 10.90727  11.93023  28.21546  1.000 49.27398  ?  368 HOH A O    1 
HETATM 1366 O O    . HOH F 4 .   ? 5.65949   1.22205   11.08020  1.000 23.31052  ?  369 HOH A O    1 
HETATM 1367 O O    . HOH F 4 .   ? -11.53980 -8.24653  6.53812   1.000 45.94654  ?  370 HOH A O    1 
HETATM 1368 O O    . HOH F 4 .   ? 11.31308  5.84115   -11.80237 1.000 38.75573  ?  371 HOH A O    1 
HETATM 1369 O O    . HOH F 4 .   ? 9.70043   10.35566  -1.92547  1.000 40.31173  ?  372 HOH A O    1 
HETATM 1370 O O    . HOH F 4 .   ? -0.50209  10.36851  23.25001  1.000 42.00145  ?  373 HOH A O    1 
HETATM 1371 O O    . HOH F 4 .   ? -2.22150  -14.38921 -10.05959 1.000 47.55156  ?  374 HOH A O    1 
HETATM 1372 O O    . HOH F 4 .   ? 7.10106   -16.28250 -17.38689 1.000 54.93812  ?  375 HOH A O    1 
HETATM 1373 O O    . HOH F 4 .   ? 6.56942   -8.40766  5.67795   1.000 42.42671  ?  376 HOH A O    1 
HETATM 1374 O O    . HOH F 4 .   ? 12.04505  -2.23816  1.16736   1.000 33.24949  ?  377 HOH A O    1 
HETATM 1375 O O    . HOH F 4 .   ? 3.18054   -2.46573  7.41756   1.000 37.09659  ?  378 HOH A O    1 
HETATM 1376 O O    . HOH F 4 .   ? 1.13606   -7.87148  -20.15641 1.000 48.52537  ?  379 HOH A O    1 
HETATM 1377 O O    . HOH F 4 .   ? 5.47343   0.00071   6.36637   1.000 42.08449  ?  380 HOH A O    1 
HETATM 1378 O O    . HOH F 4 .   ? 10.55374  4.08648   -1.13447  1.000 41.04824  ?  381 HOH A O    1 
HETATM 1379 O O    . HOH F 4 .   ? 11.86468  12.68580  -7.03682  1.000 55.82773  ?  382 HOH A O    1 
HETATM 1380 O O    . HOH F 4 .   ? -7.07987  -15.06282 -3.43154  1.000 50.03902  ?  383 HOH A O    1 
HETATM 1381 O O    . HOH F 4 .   ? 0.70442   -6.37788  15.94414  1.000 33.60474  ?  384 HOH A O    1 
HETATM 1382 O O    . HOH F 4 .   ? 6.83500   9.55391   -5.46187  1.000 41.89085  ?  385 HOH A O    1 
HETATM 1383 O O    . HOH F 4 .   ? -19.25145 4.08211   17.47861  1.000 49.91377  ?  386 HOH A O    1 
HETATM 1384 O O    . HOH F 4 .   ? 9.22957   9.68534   -4.74980  1.000 48.94869  ?  387 HOH A O    1 
HETATM 1385 O O    . HOH F 4 .   ? -7.53097  12.00122  1.39723   1.000 53.41239  ?  388 HOH A O    1 
HETATM 1386 O O    . HOH F 4 .   ? 18.01877  -2.51809  -9.49551  1.000 53.90006  ?  389 HOH A O    1 
HETATM 1387 O O    . HOH F 4 .   ? -8.51766  -14.62509 -10.09418 1.000 50.04919  ?  390 HOH A O    1 
HETATM 1388 O O    . HOH F 4 .   ? 16.31955  4.57195   -4.88446  1.000 55.53056  ?  391 HOH A O    1 
HETATM 1389 O O    . HOH F 4 .   ? 15.23797  -7.41889  -0.38177  1.000 53.81532  ?  392 HOH A O    1 
HETATM 1390 O O    . HOH F 4 .   ? -11.47368 -0.40323  16.08886  1.000 41.48782  ?  393 HOH A O    1 
HETATM 1391 O O    . HOH F 4 .   ? 7.34224   -7.26791  3.16028   1.000 37.98794  ?  394 HOH A O    1 
HETATM 1392 O O    . HOH F 4 .   ? -6.23245  13.70226  12.30293  0.50  26.37790  ?  395 HOH A O    1 
HETATM 1393 O O    . HOH F 4 .   ? 5.84526   2.76668   26.41799  1.000 47.00076  ?  396 HOH A O    1 
HETATM 1394 O O    . HOH F 4 .   ? -9.39685  21.19092  2.44819   1.000 45.56402  ?  397 HOH A O    1 
HETATM 1395 O O    . HOH F 4 .   ? 11.27901  14.68195  -7.82545  1.000 62.36272  ?  398 HOH A O    1 
HETATM 1396 O O    . HOH F 4 .   ? -13.40260 3.90872   5.28513   1.000 47.97798  ?  399 HOH A O    1 
HETATM 1397 O O    . HOH F 4 .   ? -12.63285 13.89478  20.14231  1.000 54.94437  ?  400 HOH A O    1 
HETATM 1398 O O    . HOH F 4 .   ? 7.26611   -4.77178  3.42698   1.000 44.66790  ?  401 HOH A O    1 
HETATM 1399 O O    . HOH F 4 .   ? 11.98328  4.90768   -2.90410  1.000 51.85632  ?  402 HOH A O    1 
HETATM 1400 O O    . HOH F 4 .   ? -4.48192  -15.10794 -10.41062 1.000 49.09842  ?  403 HOH A O    1 
HETATM 1401 O O    . HOH F 4 .   ? 0.50011   -10.64380 -19.35176 1.000 49.54434  ?  404 HOH A O    1 
HETATM 1402 O O    . HOH F 4 .   ? -9.06438  -13.95834 -2.60205  1.000 44.28922  ?  405 HOH A O    1 
HETATM 1403 O O    . HOH F 4 .   ? 17.66577  1.49617   -1.97230  1.000 32.06132  ?  406 HOH A O    1 
HETATM 1404 O O    . HOH F 4 .   ? -10.23002 -14.27577 -4.50506  1.000 57.94073  ?  407 HOH A O    1 
HETATM 1405 O O    . HOH F 4 .   ? -10.63242 -15.50635 -2.86031  1.000 59.63926  ?  408 HOH A O    1 
HETATM 1406 O O    . HOH F 4 .   ? 18.66675  -1.10493  -1.47393  0.50  31.57632  ?  409 HOH A O    1 
HETATM 1407 O O    . HOH F 4 .   ? 19.24702  2.32994   -4.44089  1.000 47.75425  ?  410 HOH A O    1 
# 
loop_
_pdbx_poly_seq_scheme.asym_id 
_pdbx_poly_seq_scheme.entity_id 
_pdbx_poly_seq_scheme.seq_id 
_pdbx_poly_seq_scheme.mon_id 
_pdbx_poly_seq_scheme.ndb_seq_num 
_pdbx_poly_seq_scheme.pdb_seq_num 
_pdbx_poly_seq_scheme.auth_seq_num 
_pdbx_poly_seq_scheme.pdb_mon_id 
_pdbx_poly_seq_scheme.auth_mon_id 
_pdbx_poly_seq_scheme.pdb_strand_id 
_pdbx_poly_seq_scheme.pdb_ins_code 
_pdbx_poly_seq_scheme.hetero 
A 1 1   MET 1   -23 ?   ?   ?   A . n 
A 1 2   HIS 2   -22 ?   ?   ?   A . n 
A 1 3   HIS 3   -21 ?   ?   ?   A . n 
A 1 4   HIS 4   -20 ?   ?   ?   A . n 
A 1 5   HIS 5   -19 ?   ?   ?   A . n 
A 1 6   HIS 6   -18 ?   ?   ?   A . n 
A 1 7   HIS 7   -17 ?   ?   ?   A . n 
A 1 8   SER 8   -16 ?   ?   ?   A . n 
A 1 9   SER 9   -15 ?   ?   ?   A . n 
A 1 10  GLY 10  -14 ?   ?   ?   A . n 
A 1 11  VAL 11  -13 ?   ?   ?   A . n 
A 1 12  ASP 12  -12 ?   ?   ?   A . n 
A 1 13  LEU 13  -11 ?   ?   ?   A . n 
A 1 14  GLY 14  -10 ?   ?   ?   A . n 
A 1 15  THR 15  -9  ?   ?   ?   A . n 
A 1 16  GLU 16  -8  ?   ?   ?   A . n 
A 1 17  ASN 17  -7  ?   ?   ?   A . n 
A 1 18  LEU 18  -6  ?   ?   ?   A . n 
A 1 19  TYR 19  -5  ?   ?   ?   A . n 
A 1 20  PHE 20  -4  ?   ?   ?   A . n 
A 1 21  GLN 21  -3  ?   ?   ?   A . n 
A 1 22  SER 22  -2  ?   ?   ?   A . n 
A 1 23  ASN 23  -1  ?   ?   ?   A . n 
A 1 24  ALA 24  0   ?   ?   ?   A . n 
A 1 25  MET 25  1   ?   ?   ?   A . n 
A 1 26  ALA 26  2   ?   ?   ?   A . n 
A 1 27  GLU 27  3   ?   ?   ?   A . n 
A 1 28  GLN 28  4   ?   ?   ?   A . n 
A 1 29  PRO 29  5   ?   ?   ?   A . n 
A 1 30  PRO 30  6   ?   ?   ?   A . n 
A 1 31  GLU 31  7   ?   ?   ?   A . n 
A 1 32  THR 32  8   ?   ?   ?   A . n 
A 1 33  HIS 33  9   ?   ?   ?   A . n 
A 1 34  ARG 34  10  10  ARG ARG A . n 
A 1 35  PHE 35  11  11  PHE PHE A . n 
A 1 36  VAL 36  12  12  VAL VAL A . n 
A 1 37  ASP 37  13  13  ASP ASP A . n 
A 1 38  ASP 38  14  14  ASP ASP A . n 
A 1 39  TYR 39  15  15  TYR TYR A . n 
A 1 40  LEU 40  16  16  LEU LEU A . n 
A 1 41  PRO 41  17  17  PRO PRO A . n 
A 1 42  ALA 42  18  18  ALA ALA A . n 
A 1 43  LEU 43  19  19  LEU LEU A . n 
A 1 44  LEU 44  20  20  LEU LEU A . n 
A 1 45  ALA 45  21  21  ALA ALA A . n 
A 1 46  GLN 46  22  22  GLN GLN A . n 
A 1 47  ALA 47  23  23  ALA ALA A . n 
A 1 48  SER 48  24  24  SER SER A . n 
A 1 49  GLN 49  25  25  GLN GLN A . n 
A 1 50  LEU 50  26  26  LEU LEU A . n 
A 1 51  ILE 51  27  27  ILE ILE A . n 
A 1 52  SER 52  28  28  SER SER A . n 
A 1 53  SER 53  29  29  SER SER A . n 
A 1 54  GLU 54  30  30  GLU GLU A . n 
A 1 55  PHE 55  31  31  PHE PHE A . n 
A 1 56  HIS 56  32  32  HIS HIS A . n 
A 1 57  GLU 57  33  33  GLU GLU A . n 
A 1 58  VAL 58  34  34  VAL VAL A . n 
A 1 59  ALA 59  35  35  ALA ALA A . n 
A 1 60  ARG 60  36  36  ARG ARG A . n 
A 1 61  GLN 61  37  37  GLN GLN A . n 
A 1 62  HIS 62  38  38  HIS HIS A . n 
A 1 63  GLY 63  39  39  GLY GLY A . n 
A 1 64  PHE 64  40  40  PHE PHE A . n 
A 1 65  SER 65  41  41  SER SER A . n 
A 1 66  VAL 66  42  42  VAL VAL A . n 
A 1 67  SER 67  43  43  SER SER A . n 
A 1 68  GLU 68  44  44  GLU GLU A . n 
A 1 69  TRP 69  45  45  TRP TRP A . n 
A 1 70  ARG 70  46  46  ARG ARG A . n 
A 1 71  VAL 71  47  47  VAL VAL A . n 
A 1 72  MET 72  48  48  MET MET A . n 
A 1 73  ALA 73  49  49  ALA ALA A . n 
A 1 74  SER 74  50  50  SER SER A . n 
A 1 75  LEU 75  51  51  LEU LEU A . n 
A 1 76  ALA 76  52  52  ALA ALA A . n 
A 1 77  GLY 77  53  53  GLY GLY A . n 
A 1 78  SER 78  54  54  SER SER A . n 
A 1 79  GLU 79  55  55  GLU GLU A . n 
A 1 80  PRO 80  56  56  PRO PRO A . n 
A 1 81  ILE 81  57  57  ILE ILE A . n 
A 1 82  SER 82  58  58  SER SER A . n 
A 1 83  ILE 83  59  59  ILE ILE A . n 
A 1 84  GLY 84  60  60  GLY GLY A . n 
A 1 85  GLN 85  61  61  GLN GLN A . n 
A 1 86  LEU 86  62  62  LEU LEU A . n 
A 1 87  ALA 87  63  63  ALA ALA A . n 
A 1 88  GLN 88  64  64  GLN GLN A . n 
A 1 89  VAL 89  65  65  VAL VAL A . n 
A 1 90  THR 90  66  66  THR THR A . n 
A 1 91  VAL 91  67  67  VAL VAL A . n 
A 1 92  THR 92  68  68  THR THR A . n 
A 1 93  LYS 93  69  69  LYS LYS A . n 
A 1 94  GLN 94  70  70  GLN GLN A . n 
A 1 95  PRO 95  71  71  PRO PRO A . n 
A 1 96  THR 96  72  72  THR THR A . n 
A 1 97  VAL 97  73  73  VAL VAL A . n 
A 1 98  THR 98  74  74  THR THR A . n 
A 1 99  ARG 99  75  75  ARG ARG A . n 
A 1 100 LEU 100 76  76  LEU LEU A . n 
A 1 101 LEU 101 77  77  LEU LEU A . n 
A 1 102 ASP 102 78  78  ASP ASP A . n 
A 1 103 ARG 103 79  79  ARG ARG A . n 
A 1 104 MET 104 80  80  MET MET A . n 
A 1 105 GLU 105 81  81  GLU GLU A . n 
A 1 106 ALA 106 82  82  ALA ALA A . n 
A 1 107 ARG 107 83  83  ARG ARG A . n 
A 1 108 GLY 108 84  84  GLY GLY A . n 
A 1 109 GLN 109 85  85  GLN GLN A . n 
A 1 110 VAL 110 86  86  VAL VAL A . n 
A 1 111 GLU 111 87  87  GLU GLU A . n 
A 1 112 ARG 112 88  88  ARG ARG A . n 
A 1 113 LEU 113 89  89  LEU LEU A . n 
A 1 114 PRO 114 90  90  PRO PRO A . n 
A 1 115 HIS 115 91  91  HIS HIS A . n 
A 1 116 GLU 116 92  ?   ?   ?   A . n 
A 1 117 SER 117 93  ?   ?   ?   A . n 
A 1 118 ASP 118 94  ?   ?   ?   A . n 
A 1 119 ARG 119 95  ?   ?   ?   A . n 
A 1 120 ARG 120 96  ?   ?   ?   A . n 
A 1 121 ILE 121 97  97  ILE ILE A . n 
A 1 122 THR 122 98  98  THR THR A . n 
A 1 123 LEU 123 99  99  LEU LEU A . n 
A 1 124 VAL 124 100 100 VAL VAL A . n 
A 1 125 ARG 125 101 101 ARG ARG A . n 
A 1 126 ILE 126 102 102 ILE ILE A . n 
A 1 127 THR 127 103 103 THR THR A . n 
A 1 128 ARG 128 104 104 ARG ARG A . n 
A 1 129 LYS 129 105 105 LYS LYS A . n 
A 1 130 GLY 130 106 106 GLY GLY A . n 
A 1 131 LEU 131 107 107 LEU LEU A . n 
A 1 132 LYS 132 108 108 LYS LYS A . n 
A 1 133 ALA 133 109 109 ALA ALA A . n 
A 1 134 VAL 134 110 110 VAL VAL A . n 
A 1 135 GLU 135 111 111 GLU GLU A . n 
A 1 136 HIS 136 112 112 HIS HIS A . n 
A 1 137 LEU 137 113 113 LEU LEU A . n 
A 1 138 MET 138 114 114 MET MET A . n 
A 1 139 GLU 139 115 115 GLU GLU A . n 
A 1 140 LEU 140 116 116 LEU LEU A . n 
A 1 141 ALA 141 117 117 ALA ALA A . n 
A 1 142 ARG 142 118 118 ARG ARG A . n 
A 1 143 GLU 143 119 119 GLU GLU A . n 
A 1 144 HIS 144 120 120 HIS HIS A . n 
A 1 145 GLU 145 121 121 GLU GLU A . n 
A 1 146 ARG 146 122 122 ARG ARG A . n 
A 1 147 ARG 147 123 123 ARG ARG A . n 
A 1 148 VAL 148 124 124 VAL VAL A . n 
A 1 149 LEU 149 125 125 LEU LEU A . n 
A 1 150 GLU 150 126 126 GLU GLU A . n 
A 1 151 PRO 151 127 127 PRO PRO A . n 
A 1 152 PHE 152 128 128 PHE PHE A . n 
A 1 153 GLY 153 129 129 GLY GLY A . n 
A 1 154 LEU 154 130 130 LEU LEU A . n 
A 1 155 ARG 155 131 131 ARG ARG A . n 
A 1 156 ARG 156 132 132 ARG ARG A . n 
A 1 157 ALA 157 133 133 ALA ALA A . n 
A 1 158 GLU 158 134 134 GLU GLU A . n 
A 1 159 GLU 159 135 135 GLU GLU A . n 
A 1 160 LEU 160 136 136 LEU LEU A . n 
A 1 161 LYS 161 137 137 LYS LYS A . n 
A 1 162 GLN 162 138 138 GLN GLN A . n 
A 1 163 THR 163 139 139 THR THR A . n 
A 1 164 LEU 164 140 140 LEU LEU A . n 
A 1 165 ARG 165 141 141 ARG ARG A . n 
A 1 166 GLN 166 142 142 GLN GLN A . n 
A 1 167 MET 167 143 143 MET MET A . n 
A 1 168 ILE 168 144 144 ILE ILE A . n 
A 1 169 ASP 169 145 145 ASP ASP A . n 
A 1 170 LEU 170 146 146 LEU LEU A . n 
A 1 171 HIS 171 147 147 HIS HIS A . n 
A 1 172 VAL 172 148 148 VAL VAL A . n 
A 1 173 HIS 173 149 149 HIS HIS A . n 
A 1 174 VAL 174 150 ?   ?   ?   A . n 
A 1 175 PRO 175 151 ?   ?   ?   A . n 
A 1 176 VAL 176 152 ?   ?   ?   A . n 
A 1 177 GLU 177 153 ?   ?   ?   A . n 
A 1 178 GLU 178 154 ?   ?   ?   A . n 
A 1 179 PRO 179 155 ?   ?   ?   A . n 
A 1 180 GLU 180 156 ?   ?   ?   A . n 
A 1 181 GLU 181 157 ?   ?   ?   A . n 
A 1 182 ASP 182 158 ?   ?   ?   A . n 
# 
loop_
_pdbx_nonpoly_scheme.asym_id 
_pdbx_nonpoly_scheme.entity_id 
_pdbx_nonpoly_scheme.mon_id 
_pdbx_nonpoly_scheme.ndb_seq_num 
_pdbx_nonpoly_scheme.pdb_seq_num 
_pdbx_nonpoly_scheme.auth_seq_num 
_pdbx_nonpoly_scheme.pdb_mon_id 
_pdbx_nonpoly_scheme.auth_mon_id 
_pdbx_nonpoly_scheme.pdb_strand_id 
_pdbx_nonpoly_scheme.pdb_ins_code 
B 2 HID 1   201 1   HID 5HA A . 
C 3 SO4 1   202 1   SO4 SO4 A . 
D 3 SO4 1   203 2   SO4 SO4 A . 
E 3 SO4 1   204 3   SO4 SO4 A . 
F 4 HOH 1   301 47  HOH HOH A . 
F 4 HOH 2   302 89  HOH HOH A . 
F 4 HOH 3   303 12  HOH HOH A . 
F 4 HOH 4   304 87  HOH HOH A . 
F 4 HOH 5   305 23  HOH HOH A . 
F 4 HOH 6   306 14  HOH HOH A . 
F 4 HOH 7   307 5   HOH HOH A . 
F 4 HOH 8   308 74  HOH HOH A . 
F 4 HOH 9   309 19  HOH HOH A . 
F 4 HOH 10  310 73  HOH HOH A . 
F 4 HOH 11  311 2   HOH HOH A . 
F 4 HOH 12  312 54  HOH HOH A . 
F 4 HOH 13  313 9   HOH HOH A . 
F 4 HOH 14  314 38  HOH HOH A . 
F 4 HOH 15  315 82  HOH HOH A . 
F 4 HOH 16  316 69  HOH HOH A . 
F 4 HOH 17  317 13  HOH HOH A . 
F 4 HOH 18  318 88  HOH HOH A . 
F 4 HOH 19  319 78  HOH HOH A . 
F 4 HOH 20  320 10  HOH HOH A . 
F 4 HOH 21  321 44  HOH HOH A . 
F 4 HOH 22  322 21  HOH HOH A . 
F 4 HOH 23  323 105 HOH HOH A . 
F 4 HOH 24  324 17  HOH HOH A . 
F 4 HOH 25  325 96  HOH HOH A . 
F 4 HOH 26  326 1   HOH HOH A . 
F 4 HOH 27  327 58  HOH HOH A . 
F 4 HOH 28  328 45  HOH HOH A . 
F 4 HOH 29  329 35  HOH HOH A . 
F 4 HOH 30  330 49  HOH HOH A . 
F 4 HOH 31  331 70  HOH HOH A . 
F 4 HOH 32  332 33  HOH HOH A . 
F 4 HOH 33  333 27  HOH HOH A . 
F 4 HOH 34  334 11  HOH HOH A . 
F 4 HOH 35  335 79  HOH HOH A . 
F 4 HOH 36  336 3   HOH HOH A . 
F 4 HOH 37  337 55  HOH HOH A . 
F 4 HOH 38  338 59  HOH HOH A . 
F 4 HOH 39  339 43  HOH HOH A . 
F 4 HOH 40  340 60  HOH HOH A . 
F 4 HOH 41  341 52  HOH HOH A . 
F 4 HOH 42  342 18  HOH HOH A . 
F 4 HOH 43  343 26  HOH HOH A . 
F 4 HOH 44  344 51  HOH HOH A . 
F 4 HOH 45  345 15  HOH HOH A . 
F 4 HOH 46  346 110 HOH HOH A . 
F 4 HOH 47  347 31  HOH HOH A . 
F 4 HOH 48  348 48  HOH HOH A . 
F 4 HOH 49  349 28  HOH HOH A . 
F 4 HOH 50  350 34  HOH HOH A . 
F 4 HOH 51  351 29  HOH HOH A . 
F 4 HOH 52  352 53  HOH HOH A . 
F 4 HOH 53  353 65  HOH HOH A . 
F 4 HOH 54  354 41  HOH HOH A . 
F 4 HOH 55  355 100 HOH HOH A . 
F 4 HOH 56  356 72  HOH HOH A . 
F 4 HOH 57  357 6   HOH HOH A . 
F 4 HOH 58  358 24  HOH HOH A . 
F 4 HOH 59  359 42  HOH HOH A . 
F 4 HOH 60  360 97  HOH HOH A . 
F 4 HOH 61  361 7   HOH HOH A . 
F 4 HOH 62  362 94  HOH HOH A . 
F 4 HOH 63  363 39  HOH HOH A . 
F 4 HOH 64  364 50  HOH HOH A . 
F 4 HOH 65  365 83  HOH HOH A . 
F 4 HOH 66  366 32  HOH HOH A . 
F 4 HOH 67  367 93  HOH HOH A . 
F 4 HOH 68  368 63  HOH HOH A . 
F 4 HOH 69  369 4   HOH HOH A . 
F 4 HOH 70  370 98  HOH HOH A . 
F 4 HOH 71  371 25  HOH HOH A . 
F 4 HOH 72  372 95  HOH HOH A . 
F 4 HOH 73  373 81  HOH HOH A . 
F 4 HOH 74  374 64  HOH HOH A . 
F 4 HOH 75  375 108 HOH HOH A . 
F 4 HOH 76  376 85  HOH HOH A . 
F 4 HOH 77  377 16  HOH HOH A . 
F 4 HOH 78  378 36  HOH HOH A . 
F 4 HOH 79  379 109 HOH HOH A . 
F 4 HOH 80  380 68  HOH HOH A . 
F 4 HOH 81  381 46  HOH HOH A . 
F 4 HOH 82  382 106 HOH HOH A . 
F 4 HOH 83  383 71  HOH HOH A . 
F 4 HOH 84  384 30  HOH HOH A . 
F 4 HOH 85  385 40  HOH HOH A . 
F 4 HOH 86  386 62  HOH HOH A . 
F 4 HOH 87  387 66  HOH HOH A . 
F 4 HOH 88  388 91  HOH HOH A . 
F 4 HOH 89  389 90  HOH HOH A . 
F 4 HOH 90  390 86  HOH HOH A . 
F 4 HOH 91  391 102 HOH HOH A . 
F 4 HOH 92  392 104 HOH HOH A . 
F 4 HOH 93  393 75  HOH HOH A . 
F 4 HOH 94  394 37  HOH HOH A . 
F 4 HOH 95  395 8   HOH HOH A . 
F 4 HOH 96  396 76  HOH HOH A . 
F 4 HOH 97  397 77  HOH HOH A . 
F 4 HOH 98  398 107 HOH HOH A . 
F 4 HOH 99  399 67  HOH HOH A . 
F 4 HOH 100 400 61  HOH HOH A . 
F 4 HOH 101 401 92  HOH HOH A . 
F 4 HOH 102 402 56  HOH HOH A . 
F 4 HOH 103 403 57  HOH HOH A . 
F 4 HOH 104 404 111 HOH HOH A . 
F 4 HOH 105 405 80  HOH HOH A . 
F 4 HOH 106 406 20  HOH HOH A . 
F 4 HOH 107 407 101 HOH HOH A . 
F 4 HOH 108 408 99  HOH HOH A . 
F 4 HOH 109 409 22  HOH HOH A . 
F 4 HOH 110 410 84  HOH HOH A . 
# 
_pdbx_struct_assembly.id                   1 
_pdbx_struct_assembly.details              author_defined_assembly 
_pdbx_struct_assembly.method_details       ? 
_pdbx_struct_assembly.oligomeric_details   dimeric 
_pdbx_struct_assembly.oligomeric_count     2 
# 
loop_
_pdbx_struct_assembly_gen.assembly_id 
_pdbx_struct_assembly_gen.oper_expression 
_pdbx_struct_assembly_gen.asym_id_list 
1 1 A,B,C,D,E,F 
1 2 A,B,C,D,E,F 
# 
loop_
_pdbx_struct_oper_list.id 
_pdbx_struct_oper_list.type 
_pdbx_struct_oper_list.name 
_pdbx_struct_oper_list.symmetry_operation 
_pdbx_struct_oper_list.matrix[1][1] 
_pdbx_struct_oper_list.matrix[1][2] 
_pdbx_struct_oper_list.matrix[1][3] 
_pdbx_struct_oper_list.vector[1] 
_pdbx_struct_oper_list.matrix[2][1] 
_pdbx_struct_oper_list.matrix[2][2] 
_pdbx_struct_oper_list.matrix[2][3] 
_pdbx_struct_oper_list.vector[2] 
_pdbx_struct_oper_list.matrix[3][1] 
_pdbx_struct_oper_list.matrix[3][2] 
_pdbx_struct_oper_list.matrix[3][3] 
_pdbx_struct_oper_list.vector[3] 
1 'identity operation'         1_555 x,y,z     1.0000000000 0.0000000000  0.0000000000  0.0000000000  0.0000000000  1.0000000000  0.0000000000 0.0000000000 0.0000000000  0.0000000000 1.0000000000  0.0000000000  
2 'crystal symmetry operation' 2_565 -x,-y+1,z 0.0052060169 -0.9611965710 -0.2758152450 10.3639008886 -0.9611965710 -0.0808860746 0.2637396347 5.5752041743 -0.2758152450 0.2637396347 -0.9243199423 18.3419462480 
# 
loop_
_pdbx_struct_special_symmetry.id 
_pdbx_struct_special_symmetry.PDB_model_num 
_pdbx_struct_special_symmetry.auth_asym_id 
_pdbx_struct_special_symmetry.auth_comp_id 
_pdbx_struct_special_symmetry.auth_seq_id 
_pdbx_struct_special_symmetry.PDB_ins_code 
_pdbx_struct_special_symmetry.label_asym_id 
_pdbx_struct_special_symmetry.label_comp_id 
_pdbx_struct_special_symmetry.label_seq_id 
1 1 A HOH 395 ? F HOH . 
2 1 A HOH 409 ? F HOH . 
# 
loop_
_pdbx_audit_revision_history.ordinal 
_pdbx_audit_revision_history.data_content_type 
_pdbx_audit_revision_history.major_revision 
_pdbx_audit_revision_history.minor_revision 
_pdbx_audit_revision_history.revision_date 
1 'Structure model' 1 0 2021-12-01 
2 'Structure model' 1 1 2022-11-23 
3 'Structure model' 1 2 2023-10-25 
# 
_pdbx_audit_revision_details.ordinal             1 
_pdbx_audit_revision_details.revision_ordinal    1 
_pdbx_audit_revision_details.data_content_type   'Structure model' 
_pdbx_audit_revision_details.provider            repository 
_pdbx_audit_revision_details.type                'Initial release' 
_pdbx_audit_revision_details.description         ? 
_pdbx_audit_revision_details.details             ? 
# 
loop_
_pdbx_audit_revision_group.ordinal 
_pdbx_audit_revision_group.revision_ordinal 
_pdbx_audit_revision_group.data_content_type 
_pdbx_audit_revision_group.group 
1 2 'Structure model' 'Database references'    
2 3 'Structure model' 'Data collection'        
3 3 'Structure model' 'Refinement description' 
# 
loop_
_pdbx_audit_revision_category.ordinal 
_pdbx_audit_revision_category.revision_ordinal 
_pdbx_audit_revision_category.data_content_type 
_pdbx_audit_revision_category.category 
1 2 'Structure model' citation                      
2 2 'Structure model' citation_author               
3 3 'Structure model' chem_comp_atom                
4 3 'Structure model' chem_comp_bond                
5 3 'Structure model' pdbx_initial_refinement_model 
# 
loop_
_pdbx_audit_revision_item.ordinal 
_pdbx_audit_revision_item.revision_ordinal 
_pdbx_audit_revision_item.data_content_type 
_pdbx_audit_revision_item.item 
1  2 'Structure model' '_citation.country'                 
2  2 'Structure model' '_citation.journal_abbrev'          
3  2 'Structure model' '_citation.journal_id_CSD'          
4  2 'Structure model' '_citation.journal_id_ISSN'         
5  2 'Structure model' '_citation.journal_volume'          
6  2 'Structure model' '_citation.page_first'              
7  2 'Structure model' '_citation.page_last'               
8  2 'Structure model' '_citation.pdbx_database_id_DOI'    
9  2 'Structure model' '_citation.pdbx_database_id_PubMed' 
10 2 'Structure model' '_citation.title'                   
11 2 'Structure model' '_citation.year'                    
# 
loop_
_space_group_symop.id 
_space_group_symop.operation_xyz 
1  x,y,z           
2  x,-y,-z         
3  -x,y,-z         
4  -x,-y,z         
5  x,y+1/2,z+1/2   
6  x,-y+1/2,-z+1/2 
7  -x,y+1/2,-z+1/2 
8  -x,-y+1/2,z+1/2 
9  x+1/2,y,z+1/2   
10 x+1/2,-y,-z+1/2 
11 -x+1/2,y,-z+1/2 
12 -x+1/2,-y,z+1/2 
13 x+1/2,y+1/2,z   
14 x+1/2,-y+1/2,-z 
15 -x+1/2,y+1/2,-z 
16 -x+1/2,-y+1/2,z 
# 
loop_
_software.citation_id 
_software.classification 
_software.compiler_name 
_software.compiler_version 
_software.contact_author 
_software.contact_author_email 
_software.date 
_software.description 
_software.dependencies 
_software.hardware 
_software.language 
_software.location 
_software.mods 
_software.name 
_software.os 
_software.os_version 
_software.type 
_software.version 
_software.pdbx_ordinal 
? refinement       ? ? ? ? ? ? ? ? ? ? ? PHENIX  ? ? ? 1.17.1_3660 1 
? 'data reduction' ? ? ? ? ? ? ? ? ? ? ? XDS     ? ? ? .           2 
? 'data scaling'   ? ? ? ? ? ? ? ? ? ? ? Aimless ? ? ? .           3 
? phasing          ? ? ? ? ? ? ? ? ? ? ? PHENIX  ? ? ? .           4 
# 
_pdbx_entry_details.entry_id                 7KKC 
_pdbx_entry_details.has_ligand_of_interest   N 
_pdbx_entry_details.compound_details         ? 
_pdbx_entry_details.source_details           ? 
_pdbx_entry_details.nonpolymer_details       ? 
_pdbx_entry_details.sequence_details         ? 
# 
loop_
_pdbx_validate_close_contact.id 
_pdbx_validate_close_contact.PDB_model_num 
_pdbx_validate_close_contact.auth_atom_id_1 
_pdbx_validate_close_contact.auth_asym_id_1 
_pdbx_validate_close_contact.auth_comp_id_1 
_pdbx_validate_close_contact.auth_seq_id_1 
_pdbx_validate_close_contact.PDB_ins_code_1 
_pdbx_validate_close_contact.label_alt_id_1 
_pdbx_validate_close_contact.auth_atom_id_2 
_pdbx_validate_close_contact.auth_asym_id_2 
_pdbx_validate_close_contact.auth_comp_id_2 
_pdbx_validate_close_contact.auth_seq_id_2 
_pdbx_validate_close_contact.PDB_ins_code_2 
_pdbx_validate_close_contact.label_alt_id_2 
_pdbx_validate_close_contact.dist 
1 1 O   A HOH 407 ? ? O A HOH 408 ? ? 2.09 
2 1 OE1 A GLN 37  ? A O A HOH 301 ? ? 2.13 
3 1 NH1 A ARG 75  ? A O A HOH 302 ? ? 2.18 
# 
loop_
_pdbx_validate_symm_contact.id 
_pdbx_validate_symm_contact.PDB_model_num 
_pdbx_validate_symm_contact.auth_atom_id_1 
_pdbx_validate_symm_contact.auth_asym_id_1 
_pdbx_validate_symm_contact.auth_comp_id_1 
_pdbx_validate_symm_contact.auth_seq_id_1 
_pdbx_validate_symm_contact.PDB_ins_code_1 
_pdbx_validate_symm_contact.label_alt_id_1 
_pdbx_validate_symm_contact.site_symmetry_1 
_pdbx_validate_symm_contact.auth_atom_id_2 
_pdbx_validate_symm_contact.auth_asym_id_2 
_pdbx_validate_symm_contact.auth_comp_id_2 
_pdbx_validate_symm_contact.auth_seq_id_2 
_pdbx_validate_symm_contact.PDB_ins_code_2 
_pdbx_validate_symm_contact.label_alt_id_2 
_pdbx_validate_symm_contact.site_symmetry_2 
_pdbx_validate_symm_contact.dist 
1 1 O A HOH 323 ? ? 1_555 O A HOH 323 ? ? 14_555 1.85 
2 1 O A HOH 323 ? ? 1_555 O A HOH 404 ? ? 14_555 2.06 
# 
_pdbx_validate_torsion.id              1 
_pdbx_validate_torsion.PDB_model_num   1 
_pdbx_validate_torsion.auth_comp_id    VAL 
_pdbx_validate_torsion.auth_asym_id    A 
_pdbx_validate_torsion.auth_seq_id     67 
_pdbx_validate_torsion.PDB_ins_code    ? 
_pdbx_validate_torsion.label_alt_id    B 
_pdbx_validate_torsion.phi             36.45 
_pdbx_validate_torsion.psi             58.32 
# 
loop_
_pdbx_unobs_or_zero_occ_residues.id 
_pdbx_unobs_or_zero_occ_residues.PDB_model_num 
_pdbx_unobs_or_zero_occ_residues.polymer_flag 
_pdbx_unobs_or_zero_occ_residues.occupancy_flag 
_pdbx_unobs_or_zero_occ_residues.auth_asym_id 
_pdbx_unobs_or_zero_occ_residues.auth_comp_id 
_pdbx_unobs_or_zero_occ_residues.auth_seq_id 
_pdbx_unobs_or_zero_occ_residues.PDB_ins_code 
_pdbx_unobs_or_zero_occ_residues.label_asym_id 
_pdbx_unobs_or_zero_occ_residues.label_comp_id 
_pdbx_unobs_or_zero_occ_residues.label_seq_id 
1  1 Y 1 A MET -23 ? A MET 1   
2  1 Y 1 A HIS -22 ? A HIS 2   
3  1 Y 1 A HIS -21 ? A HIS 3   
4  1 Y 1 A HIS -20 ? A HIS 4   
5  1 Y 1 A HIS -19 ? A HIS 5   
6  1 Y 1 A HIS -18 ? A HIS 6   
7  1 Y 1 A HIS -17 ? A HIS 7   
8  1 Y 1 A SER -16 ? A SER 8   
9  1 Y 1 A SER -15 ? A SER 9   
10 1 Y 1 A GLY -14 ? A GLY 10  
11 1 Y 1 A VAL -13 ? A VAL 11  
12 1 Y 1 A ASP -12 ? A ASP 12  
13 1 Y 1 A LEU -11 ? A LEU 13  
14 1 Y 1 A GLY -10 ? A GLY 14  
15 1 Y 1 A THR -9  ? A THR 15  
16 1 Y 1 A GLU -8  ? A GLU 16  
17 1 Y 1 A ASN -7  ? A ASN 17  
18 1 Y 1 A LEU -6  ? A LEU 18  
19 1 Y 1 A TYR -5  ? A TYR 19  
20 1 Y 1 A PHE -4  ? A PHE 20  
21 1 Y 1 A GLN -3  ? A GLN 21  
22 1 Y 1 A SER -2  ? A SER 22  
23 1 Y 1 A ASN -1  ? A ASN 23  
24 1 Y 1 A ALA 0   ? A ALA 24  
25 1 Y 1 A MET 1   ? A MET 25  
26 1 Y 1 A ALA 2   ? A ALA 26  
27 1 Y 1 A GLU 3   ? A GLU 27  
28 1 Y 1 A GLN 4   ? A GLN 28  
29 1 Y 1 A PRO 5   ? A PRO 29  
30 1 Y 1 A PRO 6   ? A PRO 30  
31 1 Y 1 A GLU 7   ? A GLU 31  
32 1 Y 1 A THR 8   ? A THR 32  
33 1 Y 1 A HIS 9   ? A HIS 33  
34 1 Y 1 A GLU 92  ? A GLU 116 
35 1 Y 1 A SER 93  ? A SER 117 
36 1 Y 1 A ASP 94  ? A ASP 118 
37 1 Y 1 A ARG 95  ? A ARG 119 
38 1 Y 1 A ARG 96  ? A ARG 120 
39 1 Y 1 A VAL 150 ? A VAL 174 
40 1 Y 1 A PRO 151 ? A PRO 175 
41 1 Y 1 A VAL 152 ? A VAL 176 
42 1 Y 1 A GLU 153 ? A GLU 177 
43 1 Y 1 A GLU 154 ? A GLU 178 
44 1 Y 1 A PRO 155 ? A PRO 179 
45 1 Y 1 A GLU 156 ? A GLU 180 
46 1 Y 1 A GLU 157 ? A GLU 181 
47 1 Y 1 A ASP 158 ? A ASP 182 
# 
loop_
_chem_comp_atom.comp_id 
_chem_comp_atom.atom_id 
_chem_comp_atom.type_symbol 
_chem_comp_atom.pdbx_aromatic_flag 
_chem_comp_atom.pdbx_stereo_config 
_chem_comp_atom.pdbx_ordinal 
ALA N    N N N 1   
ALA CA   C N S 2   
ALA C    C N N 3   
ALA O    O N N 4   
ALA CB   C N N 5   
ALA OXT  O N N 6   
ALA H    H N N 7   
ALA H2   H N N 8   
ALA HA   H N N 9   
ALA HB1  H N N 10  
ALA HB2  H N N 11  
ALA HB3  H N N 12  
ALA HXT  H N N 13  
ARG N    N N N 14  
ARG CA   C N S 15  
ARG C    C N N 16  
ARG O    O N N 17  
ARG CB   C N N 18  
ARG CG   C N N 19  
ARG CD   C N N 20  
ARG NE   N N N 21  
ARG CZ   C N N 22  
ARG NH1  N N N 23  
ARG NH2  N N N 24  
ARG OXT  O N N 25  
ARG H    H N N 26  
ARG H2   H N N 27  
ARG HA   H N N 28  
ARG HB2  H N N 29  
ARG HB3  H N N 30  
ARG HG2  H N N 31  
ARG HG3  H N N 32  
ARG HD2  H N N 33  
ARG HD3  H N N 34  
ARG HE   H N N 35  
ARG HH11 H N N 36  
ARG HH12 H N N 37  
ARG HH21 H N N 38  
ARG HH22 H N N 39  
ARG HXT  H N N 40  
ASN N    N N N 41  
ASN CA   C N S 42  
ASN C    C N N 43  
ASN O    O N N 44  
ASN CB   C N N 45  
ASN CG   C N N 46  
ASN OD1  O N N 47  
ASN ND2  N N N 48  
ASN OXT  O N N 49  
ASN H    H N N 50  
ASN H2   H N N 51  
ASN HA   H N N 52  
ASN HB2  H N N 53  
ASN HB3  H N N 54  
ASN HD21 H N N 55  
ASN HD22 H N N 56  
ASN HXT  H N N 57  
ASP N    N N N 58  
ASP CA   C N S 59  
ASP C    C N N 60  
ASP O    O N N 61  
ASP CB   C N N 62  
ASP CG   C N N 63  
ASP OD1  O N N 64  
ASP OD2  O N N 65  
ASP OXT  O N N 66  
ASP H    H N N 67  
ASP H2   H N N 68  
ASP HA   H N N 69  
ASP HB2  H N N 70  
ASP HB3  H N N 71  
ASP HD2  H N N 72  
ASP HXT  H N N 73  
GLN N    N N N 74  
GLN CA   C N S 75  
GLN C    C N N 76  
GLN O    O N N 77  
GLN CB   C N N 78  
GLN CG   C N N 79  
GLN CD   C N N 80  
GLN OE1  O N N 81  
GLN NE2  N N N 82  
GLN OXT  O N N 83  
GLN H    H N N 84  
GLN H2   H N N 85  
GLN HA   H N N 86  
GLN HB2  H N N 87  
GLN HB3  H N N 88  
GLN HG2  H N N 89  
GLN HG3  H N N 90  
GLN HE21 H N N 91  
GLN HE22 H N N 92  
GLN HXT  H N N 93  
GLU N    N N N 94  
GLU CA   C N S 95  
GLU C    C N N 96  
GLU O    O N N 97  
GLU CB   C N N 98  
GLU CG   C N N 99  
GLU CD   C N N 100 
GLU OE1  O N N 101 
GLU OE2  O N N 102 
GLU OXT  O N N 103 
GLU H    H N N 104 
GLU H2   H N N 105 
GLU HA   H N N 106 
GLU HB2  H N N 107 
GLU HB3  H N N 108 
GLU HG2  H N N 109 
GLU HG3  H N N 110 
GLU HE2  H N N 111 
GLU HXT  H N N 112 
GLY N    N N N 113 
GLY CA   C N N 114 
GLY C    C N N 115 
GLY O    O N N 116 
GLY OXT  O N N 117 
GLY H    H N N 118 
GLY H2   H N N 119 
GLY HA2  H N N 120 
GLY HA3  H N N 121 
GLY HXT  H N N 122 
HID OAA  O N N 123 
HID OAB  O N N 124 
HID OAC  O N N 125 
HID CAD  C Y N 126 
HID CAE  C Y N 127 
HID CAF  C Y N 128 
HID CAG  C Y N 129 
HID CAH  C N N 130 
HID NAI  N Y N 131 
HID CAJ  C N N 132 
HID CAK  C Y N 133 
HID CAL  C Y N 134 
HID CAM  C Y N 135 
HID CAN  C Y N 136 
HID HOAB H N N 137 
HID HOAC H N N 138 
HID HAD  H N N 139 
HID HAE  H N N 140 
HID HAF  H N N 141 
HID HAG  H N N 142 
HID HAH  H N N 143 
HID HAHA H N N 144 
HID HNAI H N N 145 
HIS N    N N N 146 
HIS CA   C N S 147 
HIS C    C N N 148 
HIS O    O N N 149 
HIS CB   C N N 150 
HIS CG   C Y N 151 
HIS ND1  N Y N 152 
HIS CD2  C Y N 153 
HIS CE1  C Y N 154 
HIS NE2  N Y N 155 
HIS OXT  O N N 156 
HIS H    H N N 157 
HIS H2   H N N 158 
HIS HA   H N N 159 
HIS HB2  H N N 160 
HIS HB3  H N N 161 
HIS HD1  H N N 162 
HIS HD2  H N N 163 
HIS HE1  H N N 164 
HIS HE2  H N N 165 
HIS HXT  H N N 166 
HOH O    O N N 167 
HOH H1   H N N 168 
HOH H2   H N N 169 
ILE N    N N N 170 
ILE CA   C N S 171 
ILE C    C N N 172 
ILE O    O N N 173 
ILE CB   C N S 174 
ILE CG1  C N N 175 
ILE CG2  C N N 176 
ILE CD1  C N N 177 
ILE OXT  O N N 178 
ILE H    H N N 179 
ILE H2   H N N 180 
ILE HA   H N N 181 
ILE HB   H N N 182 
ILE HG12 H N N 183 
ILE HG13 H N N 184 
ILE HG21 H N N 185 
ILE HG22 H N N 186 
ILE HG23 H N N 187 
ILE HD11 H N N 188 
ILE HD12 H N N 189 
ILE HD13 H N N 190 
ILE HXT  H N N 191 
LEU N    N N N 192 
LEU CA   C N S 193 
LEU C    C N N 194 
LEU O    O N N 195 
LEU CB   C N N 196 
LEU CG   C N N 197 
LEU CD1  C N N 198 
LEU CD2  C N N 199 
LEU OXT  O N N 200 
LEU H    H N N 201 
LEU H2   H N N 202 
LEU HA   H N N 203 
LEU HB2  H N N 204 
LEU HB3  H N N 205 
LEU HG   H N N 206 
LEU HD11 H N N 207 
LEU HD12 H N N 208 
LEU HD13 H N N 209 
LEU HD21 H N N 210 
LEU HD22 H N N 211 
LEU HD23 H N N 212 
LEU HXT  H N N 213 
LYS N    N N N 214 
LYS CA   C N S 215 
LYS C    C N N 216 
LYS O    O N N 217 
LYS CB   C N N 218 
LYS CG   C N N 219 
LYS CD   C N N 220 
LYS CE   C N N 221 
LYS NZ   N N N 222 
LYS OXT  O N N 223 
LYS H    H N N 224 
LYS H2   H N N 225 
LYS HA   H N N 226 
LYS HB2  H N N 227 
LYS HB3  H N N 228 
LYS HG2  H N N 229 
LYS HG3  H N N 230 
LYS HD2  H N N 231 
LYS HD3  H N N 232 
LYS HE2  H N N 233 
LYS HE3  H N N 234 
LYS HZ1  H N N 235 
LYS HZ2  H N N 236 
LYS HZ3  H N N 237 
LYS HXT  H N N 238 
MET N    N N N 239 
MET CA   C N S 240 
MET C    C N N 241 
MET O    O N N 242 
MET CB   C N N 243 
MET CG   C N N 244 
MET SD   S N N 245 
MET CE   C N N 246 
MET OXT  O N N 247 
MET H    H N N 248 
MET H2   H N N 249 
MET HA   H N N 250 
MET HB2  H N N 251 
MET HB3  H N N 252 
MET HG2  H N N 253 
MET HG3  H N N 254 
MET HE1  H N N 255 
MET HE2  H N N 256 
MET HE3  H N N 257 
MET HXT  H N N 258 
PHE N    N N N 259 
PHE CA   C N S 260 
PHE C    C N N 261 
PHE O    O N N 262 
PHE CB   C N N 263 
PHE CG   C Y N 264 
PHE CD1  C Y N 265 
PHE CD2  C Y N 266 
PHE CE1  C Y N 267 
PHE CE2  C Y N 268 
PHE CZ   C Y N 269 
PHE OXT  O N N 270 
PHE H    H N N 271 
PHE H2   H N N 272 
PHE HA   H N N 273 
PHE HB2  H N N 274 
PHE HB3  H N N 275 
PHE HD1  H N N 276 
PHE HD2  H N N 277 
PHE HE1  H N N 278 
PHE HE2  H N N 279 
PHE HZ   H N N 280 
PHE HXT  H N N 281 
PRO N    N N N 282 
PRO CA   C N S 283 
PRO C    C N N 284 
PRO O    O N N 285 
PRO CB   C N N 286 
PRO CG   C N N 287 
PRO CD   C N N 288 
PRO OXT  O N N 289 
PRO H    H N N 290 
PRO HA   H N N 291 
PRO HB2  H N N 292 
PRO HB3  H N N 293 
PRO HG2  H N N 294 
PRO HG3  H N N 295 
PRO HD2  H N N 296 
PRO HD3  H N N 297 
PRO HXT  H N N 298 
SER N    N N N 299 
SER CA   C N S 300 
SER C    C N N 301 
SER O    O N N 302 
SER CB   C N N 303 
SER OG   O N N 304 
SER OXT  O N N 305 
SER H    H N N 306 
SER H2   H N N 307 
SER HA   H N N 308 
SER HB2  H N N 309 
SER HB3  H N N 310 
SER HG   H N N 311 
SER HXT  H N N 312 
SO4 S    S N N 313 
SO4 O1   O N N 314 
SO4 O2   O N N 315 
SO4 O3   O N N 316 
SO4 O4   O N N 317 
THR N    N N N 318 
THR CA   C N S 319 
THR C    C N N 320 
THR O    O N N 321 
THR CB   C N R 322 
THR OG1  O N N 323 
THR CG2  C N N 324 
THR OXT  O N N 325 
THR H    H N N 326 
THR H2   H N N 327 
THR HA   H N N 328 
THR HB   H N N 329 
THR HG1  H N N 330 
THR HG21 H N N 331 
THR HG22 H N N 332 
THR HG23 H N N 333 
THR HXT  H N N 334 
TRP N    N N N 335 
TRP CA   C N S 336 
TRP C    C N N 337 
TRP O    O N N 338 
TRP CB   C N N 339 
TRP CG   C Y N 340 
TRP CD1  C Y N 341 
TRP CD2  C Y N 342 
TRP NE1  N Y N 343 
TRP CE2  C Y N 344 
TRP CE3  C Y N 345 
TRP CZ2  C Y N 346 
TRP CZ3  C Y N 347 
TRP CH2  C Y N 348 
TRP OXT  O N N 349 
TRP H    H N N 350 
TRP H2   H N N 351 
TRP HA   H N N 352 
TRP HB2  H N N 353 
TRP HB3  H N N 354 
TRP HD1  H N N 355 
TRP HE1  H N N 356 
TRP HE3  H N N 357 
TRP HZ2  H N N 358 
TRP HZ3  H N N 359 
TRP HH2  H N N 360 
TRP HXT  H N N 361 
TYR N    N N N 362 
TYR CA   C N S 363 
TYR C    C N N 364 
TYR O    O N N 365 
TYR CB   C N N 366 
TYR CG   C Y N 367 
TYR CD1  C Y N 368 
TYR CD2  C Y N 369 
TYR CE1  C Y N 370 
TYR CE2  C Y N 371 
TYR CZ   C Y N 372 
TYR OH   O N N 373 
TYR OXT  O N N 374 
TYR H    H N N 375 
TYR H2   H N N 376 
TYR HA   H N N 377 
TYR HB2  H N N 378 
TYR HB3  H N N 379 
TYR HD1  H N N 380 
TYR HD2  H N N 381 
TYR HE1  H N N 382 
TYR HE2  H N N 383 
TYR HH   H N N 384 
TYR HXT  H N N 385 
VAL N    N N N 386 
VAL CA   C N S 387 
VAL C    C N N 388 
VAL O    O N N 389 
VAL CB   C N N 390 
VAL CG1  C N N 391 
VAL CG2  C N N 392 
VAL OXT  O N N 393 
VAL H    H N N 394 
VAL H2   H N N 395 
VAL HA   H N N 396 
VAL HB   H N N 397 
VAL HG11 H N N 398 
VAL HG12 H N N 399 
VAL HG13 H N N 400 
VAL HG21 H N N 401 
VAL HG22 H N N 402 
VAL HG23 H N N 403 
VAL HXT  H N N 404 
# 
loop_
_chem_comp_bond.comp_id 
_chem_comp_bond.atom_id_1 
_chem_comp_bond.atom_id_2 
_chem_comp_bond.value_order 
_chem_comp_bond.pdbx_aromatic_flag 
_chem_comp_bond.pdbx_stereo_config 
_chem_comp_bond.pdbx_ordinal 
ALA N   CA   sing N N 1   
ALA N   H    sing N N 2   
ALA N   H2   sing N N 3   
ALA CA  C    sing N N 4   
ALA CA  CB   sing N N 5   
ALA CA  HA   sing N N 6   
ALA C   O    doub N N 7   
ALA C   OXT  sing N N 8   
ALA CB  HB1  sing N N 9   
ALA CB  HB2  sing N N 10  
ALA CB  HB3  sing N N 11  
ALA OXT HXT  sing N N 12  
ARG N   CA   sing N N 13  
ARG N   H    sing N N 14  
ARG N   H2   sing N N 15  
ARG CA  C    sing N N 16  
ARG CA  CB   sing N N 17  
ARG CA  HA   sing N N 18  
ARG C   O    doub N N 19  
ARG C   OXT  sing N N 20  
ARG CB  CG   sing N N 21  
ARG CB  HB2  sing N N 22  
ARG CB  HB3  sing N N 23  
ARG CG  CD   sing N N 24  
ARG CG  HG2  sing N N 25  
ARG CG  HG3  sing N N 26  
ARG CD  NE   sing N N 27  
ARG CD  HD2  sing N N 28  
ARG CD  HD3  sing N N 29  
ARG NE  CZ   sing N N 30  
ARG NE  HE   sing N N 31  
ARG CZ  NH1  sing N N 32  
ARG CZ  NH2  doub N N 33  
ARG NH1 HH11 sing N N 34  
ARG NH1 HH12 sing N N 35  
ARG NH2 HH21 sing N N 36  
ARG NH2 HH22 sing N N 37  
ARG OXT HXT  sing N N 38  
ASN N   CA   sing N N 39  
ASN N   H    sing N N 40  
ASN N   H2   sing N N 41  
ASN CA  C    sing N N 42  
ASN CA  CB   sing N N 43  
ASN CA  HA   sing N N 44  
ASN C   O    doub N N 45  
ASN C   OXT  sing N N 46  
ASN CB  CG   sing N N 47  
ASN CB  HB2  sing N N 48  
ASN CB  HB3  sing N N 49  
ASN CG  OD1  doub N N 50  
ASN CG  ND2  sing N N 51  
ASN ND2 HD21 sing N N 52  
ASN ND2 HD22 sing N N 53  
ASN OXT HXT  sing N N 54  
ASP N   CA   sing N N 55  
ASP N   H    sing N N 56  
ASP N   H2   sing N N 57  
ASP CA  C    sing N N 58  
ASP CA  CB   sing N N 59  
ASP CA  HA   sing N N 60  
ASP C   O    doub N N 61  
ASP C   OXT  sing N N 62  
ASP CB  CG   sing N N 63  
ASP CB  HB2  sing N N 64  
ASP CB  HB3  sing N N 65  
ASP CG  OD1  doub N N 66  
ASP CG  OD2  sing N N 67  
ASP OD2 HD2  sing N N 68  
ASP OXT HXT  sing N N 69  
GLN N   CA   sing N N 70  
GLN N   H    sing N N 71  
GLN N   H2   sing N N 72  
GLN CA  C    sing N N 73  
GLN CA  CB   sing N N 74  
GLN CA  HA   sing N N 75  
GLN C   O    doub N N 76  
GLN C   OXT  sing N N 77  
GLN CB  CG   sing N N 78  
GLN CB  HB2  sing N N 79  
GLN CB  HB3  sing N N 80  
GLN CG  CD   sing N N 81  
GLN CG  HG2  sing N N 82  
GLN CG  HG3  sing N N 83  
GLN CD  OE1  doub N N 84  
GLN CD  NE2  sing N N 85  
GLN NE2 HE21 sing N N 86  
GLN NE2 HE22 sing N N 87  
GLN OXT HXT  sing N N 88  
GLU N   CA   sing N N 89  
GLU N   H    sing N N 90  
GLU N   H2   sing N N 91  
GLU CA  C    sing N N 92  
GLU CA  CB   sing N N 93  
GLU CA  HA   sing N N 94  
GLU C   O    doub N N 95  
GLU C   OXT  sing N N 96  
GLU CB  CG   sing N N 97  
GLU CB  HB2  sing N N 98  
GLU CB  HB3  sing N N 99  
GLU CG  CD   sing N N 100 
GLU CG  HG2  sing N N 101 
GLU CG  HG3  sing N N 102 
GLU CD  OE1  doub N N 103 
GLU CD  OE2  sing N N 104 
GLU OE2 HE2  sing N N 105 
GLU OXT HXT  sing N N 106 
GLY N   CA   sing N N 107 
GLY N   H    sing N N 108 
GLY N   H2   sing N N 109 
GLY CA  C    sing N N 110 
GLY CA  HA2  sing N N 111 
GLY CA  HA3  sing N N 112 
GLY C   O    doub N N 113 
GLY C   OXT  sing N N 114 
GLY OXT HXT  sing N N 115 
HID OAA CAJ  doub N N 116 
HID OAB CAJ  sing N N 117 
HID OAC CAK  sing N N 118 
HID CAD CAE  doub Y N 119 
HID CAD CAK  sing Y N 120 
HID CAE CAM  sing Y N 121 
HID CAF NAI  sing Y N 122 
HID CAF CAL  doub Y N 123 
HID CAG CAK  doub Y N 124 
HID CAG CAN  sing Y N 125 
HID CAH CAJ  sing N N 126 
HID CAH CAL  sing N N 127 
HID NAI CAM  sing Y N 128 
HID CAL CAN  sing Y N 129 
HID CAM CAN  doub Y N 130 
HID OAB HOAB sing N N 131 
HID OAC HOAC sing N N 132 
HID CAD HAD  sing N N 133 
HID CAE HAE  sing N N 134 
HID CAF HAF  sing N N 135 
HID CAG HAG  sing N N 136 
HID CAH HAH  sing N N 137 
HID CAH HAHA sing N N 138 
HID NAI HNAI sing N N 139 
HIS N   CA   sing N N 140 
HIS N   H    sing N N 141 
HIS N   H2   sing N N 142 
HIS CA  C    sing N N 143 
HIS CA  CB   sing N N 144 
HIS CA  HA   sing N N 145 
HIS C   O    doub N N 146 
HIS C   OXT  sing N N 147 
HIS CB  CG   sing N N 148 
HIS CB  HB2  sing N N 149 
HIS CB  HB3  sing N N 150 
HIS CG  ND1  sing Y N 151 
HIS CG  CD2  doub Y N 152 
HIS ND1 CE1  doub Y N 153 
HIS ND1 HD1  sing N N 154 
HIS CD2 NE2  sing Y N 155 
HIS CD2 HD2  sing N N 156 
HIS CE1 NE2  sing Y N 157 
HIS CE1 HE1  sing N N 158 
HIS NE2 HE2  sing N N 159 
HIS OXT HXT  sing N N 160 
HOH O   H1   sing N N 161 
HOH O   H2   sing N N 162 
ILE N   CA   sing N N 163 
ILE N   H    sing N N 164 
ILE N   H2   sing N N 165 
ILE CA  C    sing N N 166 
ILE CA  CB   sing N N 167 
ILE CA  HA   sing N N 168 
ILE C   O    doub N N 169 
ILE C   OXT  sing N N 170 
ILE CB  CG1  sing N N 171 
ILE CB  CG2  sing N N 172 
ILE CB  HB   sing N N 173 
ILE CG1 CD1  sing N N 174 
ILE CG1 HG12 sing N N 175 
ILE CG1 HG13 sing N N 176 
ILE CG2 HG21 sing N N 177 
ILE CG2 HG22 sing N N 178 
ILE CG2 HG23 sing N N 179 
ILE CD1 HD11 sing N N 180 
ILE CD1 HD12 sing N N 181 
ILE CD1 HD13 sing N N 182 
ILE OXT HXT  sing N N 183 
LEU N   CA   sing N N 184 
LEU N   H    sing N N 185 
LEU N   H2   sing N N 186 
LEU CA  C    sing N N 187 
LEU CA  CB   sing N N 188 
LEU CA  HA   sing N N 189 
LEU C   O    doub N N 190 
LEU C   OXT  sing N N 191 
LEU CB  CG   sing N N 192 
LEU CB  HB2  sing N N 193 
LEU CB  HB3  sing N N 194 
LEU CG  CD1  sing N N 195 
LEU CG  CD2  sing N N 196 
LEU CG  HG   sing N N 197 
LEU CD1 HD11 sing N N 198 
LEU CD1 HD12 sing N N 199 
LEU CD1 HD13 sing N N 200 
LEU CD2 HD21 sing N N 201 
LEU CD2 HD22 sing N N 202 
LEU CD2 HD23 sing N N 203 
LEU OXT HXT  sing N N 204 
LYS N   CA   sing N N 205 
LYS N   H    sing N N 206 
LYS N   H2   sing N N 207 
LYS CA  C    sing N N 208 
LYS CA  CB   sing N N 209 
LYS CA  HA   sing N N 210 
LYS C   O    doub N N 211 
LYS C   OXT  sing N N 212 
LYS CB  CG   sing N N 213 
LYS CB  HB2  sing N N 214 
LYS CB  HB3  sing N N 215 
LYS CG  CD   sing N N 216 
LYS CG  HG2  sing N N 217 
LYS CG  HG3  sing N N 218 
LYS CD  CE   sing N N 219 
LYS CD  HD2  sing N N 220 
LYS CD  HD3  sing N N 221 
LYS CE  NZ   sing N N 222 
LYS CE  HE2  sing N N 223 
LYS CE  HE3  sing N N 224 
LYS NZ  HZ1  sing N N 225 
LYS NZ  HZ2  sing N N 226 
LYS NZ  HZ3  sing N N 227 
LYS OXT HXT  sing N N 228 
MET N   CA   sing N N 229 
MET N   H    sing N N 230 
MET N   H2   sing N N 231 
MET CA  C    sing N N 232 
MET CA  CB   sing N N 233 
MET CA  HA   sing N N 234 
MET C   O    doub N N 235 
MET C   OXT  sing N N 236 
MET CB  CG   sing N N 237 
MET CB  HB2  sing N N 238 
MET CB  HB3  sing N N 239 
MET CG  SD   sing N N 240 
MET CG  HG2  sing N N 241 
MET CG  HG3  sing N N 242 
MET SD  CE   sing N N 243 
MET CE  HE1  sing N N 244 
MET CE  HE2  sing N N 245 
MET CE  HE3  sing N N 246 
MET OXT HXT  sing N N 247 
PHE N   CA   sing N N 248 
PHE N   H    sing N N 249 
PHE N   H2   sing N N 250 
PHE CA  C    sing N N 251 
PHE CA  CB   sing N N 252 
PHE CA  HA   sing N N 253 
PHE C   O    doub N N 254 
PHE C   OXT  sing N N 255 
PHE CB  CG   sing N N 256 
PHE CB  HB2  sing N N 257 
PHE CB  HB3  sing N N 258 
PHE CG  CD1  doub Y N 259 
PHE CG  CD2  sing Y N 260 
PHE CD1 CE1  sing Y N 261 
PHE CD1 HD1  sing N N 262 
PHE CD2 CE2  doub Y N 263 
PHE CD2 HD2  sing N N 264 
PHE CE1 CZ   doub Y N 265 
PHE CE1 HE1  sing N N 266 
PHE CE2 CZ   sing Y N 267 
PHE CE2 HE2  sing N N 268 
PHE CZ  HZ   sing N N 269 
PHE OXT HXT  sing N N 270 
PRO N   CA   sing N N 271 
PRO N   CD   sing N N 272 
PRO N   H    sing N N 273 
PRO CA  C    sing N N 274 
PRO CA  CB   sing N N 275 
PRO CA  HA   sing N N 276 
PRO C   O    doub N N 277 
PRO C   OXT  sing N N 278 
PRO CB  CG   sing N N 279 
PRO CB  HB2  sing N N 280 
PRO CB  HB3  sing N N 281 
PRO CG  CD   sing N N 282 
PRO CG  HG2  sing N N 283 
PRO CG  HG3  sing N N 284 
PRO CD  HD2  sing N N 285 
PRO CD  HD3  sing N N 286 
PRO OXT HXT  sing N N 287 
SER N   CA   sing N N 288 
SER N   H    sing N N 289 
SER N   H2   sing N N 290 
SER CA  C    sing N N 291 
SER CA  CB   sing N N 292 
SER CA  HA   sing N N 293 
SER C   O    doub N N 294 
SER C   OXT  sing N N 295 
SER CB  OG   sing N N 296 
SER CB  HB2  sing N N 297 
SER CB  HB3  sing N N 298 
SER OG  HG   sing N N 299 
SER OXT HXT  sing N N 300 
SO4 S   O1   doub N N 301 
SO4 S   O2   doub N N 302 
SO4 S   O3   sing N N 303 
SO4 S   O4   sing N N 304 
THR N   CA   sing N N 305 
THR N   H    sing N N 306 
THR N   H2   sing N N 307 
THR CA  C    sing N N 308 
THR CA  CB   sing N N 309 
THR CA  HA   sing N N 310 
THR C   O    doub N N 311 
THR C   OXT  sing N N 312 
THR CB  OG1  sing N N 313 
THR CB  CG2  sing N N 314 
THR CB  HB   sing N N 315 
THR OG1 HG1  sing N N 316 
THR CG2 HG21 sing N N 317 
THR CG2 HG22 sing N N 318 
THR CG2 HG23 sing N N 319 
THR OXT HXT  sing N N 320 
TRP N   CA   sing N N 321 
TRP N   H    sing N N 322 
TRP N   H2   sing N N 323 
TRP CA  C    sing N N 324 
TRP CA  CB   sing N N 325 
TRP CA  HA   sing N N 326 
TRP C   O    doub N N 327 
TRP C   OXT  sing N N 328 
TRP CB  CG   sing N N 329 
TRP CB  HB2  sing N N 330 
TRP CB  HB3  sing N N 331 
TRP CG  CD1  doub Y N 332 
TRP CG  CD2  sing Y N 333 
TRP CD1 NE1  sing Y N 334 
TRP CD1 HD1  sing N N 335 
TRP CD2 CE2  doub Y N 336 
TRP CD2 CE3  sing Y N 337 
TRP NE1 CE2  sing Y N 338 
TRP NE1 HE1  sing N N 339 
TRP CE2 CZ2  sing Y N 340 
TRP CE3 CZ3  doub Y N 341 
TRP CE3 HE3  sing N N 342 
TRP CZ2 CH2  doub Y N 343 
TRP CZ2 HZ2  sing N N 344 
TRP CZ3 CH2  sing Y N 345 
TRP CZ3 HZ3  sing N N 346 
TRP CH2 HH2  sing N N 347 
TRP OXT HXT  sing N N 348 
TYR N   CA   sing N N 349 
TYR N   H    sing N N 350 
TYR N   H2   sing N N 351 
TYR CA  C    sing N N 352 
TYR CA  CB   sing N N 353 
TYR CA  HA   sing N N 354 
TYR C   O    doub N N 355 
TYR C   OXT  sing N N 356 
TYR CB  CG   sing N N 357 
TYR CB  HB2  sing N N 358 
TYR CB  HB3  sing N N 359 
TYR CG  CD1  doub Y N 360 
TYR CG  CD2  sing Y N 361 
TYR CD1 CE1  sing Y N 362 
TYR CD1 HD1  sing N N 363 
TYR CD2 CE2  doub Y N 364 
TYR CD2 HD2  sing N N 365 
TYR CE1 CZ   doub Y N 366 
TYR CE1 HE1  sing N N 367 
TYR CE2 CZ   sing Y N 368 
TYR CE2 HE2  sing N N 369 
TYR CZ  OH   sing N N 370 
TYR OH  HH   sing N N 371 
TYR OXT HXT  sing N N 372 
VAL N   CA   sing N N 373 
VAL N   H    sing N N 374 
VAL N   H2   sing N N 375 
VAL CA  C    sing N N 376 
VAL CA  CB   sing N N 377 
VAL CA  HA   sing N N 378 
VAL C   O    doub N N 379 
VAL C   OXT  sing N N 380 
VAL CB  CG1  sing N N 381 
VAL CB  CG2  sing N N 382 
VAL CB  HB   sing N N 383 
VAL CG1 HG11 sing N N 384 
VAL CG1 HG12 sing N N 385 
VAL CG1 HG13 sing N N 386 
VAL CG2 HG21 sing N N 387 
VAL CG2 HG22 sing N N 388 
VAL CG2 HG23 sing N N 389 
VAL OXT HXT  sing N N 390 
# 
_pdbx_audit_support.funding_organization   'National Science Foundation (NSF, United States)' 
_pdbx_audit_support.country                'United States' 
_pdbx_audit_support.grant_number           IOS-1917270 
_pdbx_audit_support.ordinal                1 
# 
loop_
_pdbx_entity_nonpoly.entity_id 
_pdbx_entity_nonpoly.name 
_pdbx_entity_nonpoly.comp_id 
2 '(5-hydroxy-1H-indol-3-yl)acetic acid' HID 
3 'SULFATE ION'                          SO4 
4 water                                  HOH 
# 
_pdbx_initial_refinement_model.id               1 
_pdbx_initial_refinement_model.entity_id_list   ? 
_pdbx_initial_refinement_model.type             'experimental model' 
_pdbx_initial_refinement_model.source_name      PDB 
_pdbx_initial_refinement_model.accession_code   7KFO 
_pdbx_initial_refinement_model.details          ? 
# 
_pdbx_struct_assembly_auth_evidence.id                     1 
_pdbx_struct_assembly_auth_evidence.assembly_id            1 
_pdbx_struct_assembly_auth_evidence.experimental_support   'gel filtration' 
_pdbx_struct_assembly_auth_evidence.details                ? 
# 
_space_group.name_H-M_alt     'F 2 2 2' 
_space_group.name_Hall        'F 2 2' 
_space_group.IT_number        22 
_space_group.crystal_system   orthorhombic 
_space_group.id               1 
# 
